data_3HUS
#
_entry.id   3HUS
#
_cell.length_a   95.009
_cell.length_b   95.009
_cell.length_c   448.382
_cell.angle_alpha   90.00
_cell.angle_beta   90.00
_cell.angle_gamma   90.00
#
_symmetry.space_group_name_H-M   'P 43 21 2'
#
loop_
_entity.id
_entity.type
_entity.pdbx_description
1 polymer 'Fibrinogen alpha chain'
2 polymer 'Fibrinogen beta chain'
3 polymer 'Fibrinogen gamma chain'
4 polymer 'Peptide Ligand Gly-Pro-Arg-Pro-amide'
5 branched 2-acetamido-2-deoxy-beta-D-glucopyranose-(1-4)-[alpha-L-fucopyranose-(1-6)]2-acetamido-2-deoxy-beta-D-glucopyranose
6 non-polymer 'CALCIUM ION'
7 water water
#
loop_
_entity_poly.entity_id
_entity_poly.type
_entity_poly.pdbx_seq_one_letter_code
_entity_poly.pdbx_strand_id
1 'polypeptide(L)' VIEKVQHIQLLQKNVRAQLVDMKRLEVDIDIKIRSCRGSCSRALAREVDLKDYEDQQKQLEQVIAK A,D
2 'polypeptide(L)'
;HQLYIDETVNSNIPTNLRVLRSILENLRSKIQKLESDVSAQMEYCRTPCTVSCNIPVVSGKECEEIIRKGGETSEMYLIQ
PDSSVKPYRVYCDMNTENGGWTVIQNRQDGSVDFGRKWDPYKQGFGNVATNTDGKNYCGLPGEYWLGNDKISQLTRMGPT
ELLIEMEDWKGDKVKAHYGGFTVQNEANKYQISVNKYRGTAGNALMDGASQLMGENRTMTIHNGMFFSTYDRDNDGWLTS
DPRKQCSKEDGGGWWYNRCHAANPNGRYYWGGQYTWDMAKHGTDDGVVWMNWKGSWYSMRKMSMKIRPFFPQQ
;
B,E
3 'polypeptide(L)'
;YEASILTHDSSIRYLQEIYNSNNQKIVNLKEKVAQLEAQCQEPCKDTVQIHDITGKDCQDIANKGAKQSGLYFIKPLKAN
QQFLVYCEIDGSGNGWTVFQKRLDGSVDFKKNWIQYKEGFGHLSPTGTTEFWLGNEKIHLISTQSAIPYALRVELEDWNG
RTSTADYAMFKVGPEADKYRLTYAYFAGGDAGDAFDGFDFGDDPSDKFFTSHKGMQFSTWDNDNDKFEGNCAEQDGSGWW
MNKCHAGHLNGVYYQGGTYSKASTPNGYDNGIIWATWKTRWYSMKKTTMKIIPFNRLTIGEGQQHHLGGAK
;
C,F
4 'polypeptide(L)' GPRP G,H,I,J
#
loop_
_chem_comp.id
_chem_comp.type
_chem_comp.name
_chem_comp.formula
CA non-polymer 'CALCIUM ION' 'Ca 2'
FUC L-saccharide, alpha linking alpha-L-fucopyranose 'C6 H12 O5'
NAG D-saccharide, beta linking 2-acetamido-2-deoxy-beta-D-glucopyranose 'C8 H15 N O6'
#
# COMPACT_ATOMS: atom_id res chain seq x y z
N VAL A 5 11.02 32.74 45.07
CA VAL A 5 11.75 32.53 43.80
C VAL A 5 11.65 33.76 42.90
N GLN A 6 12.31 33.70 41.74
CA GLN A 6 12.48 34.86 40.85
C GLN A 6 13.13 36.02 41.62
N HIS A 7 12.64 37.24 41.38
CA HIS A 7 13.10 38.45 42.07
C HIS A 7 14.62 38.69 41.99
N ILE A 8 15.23 38.17 40.93
CA ILE A 8 16.66 38.36 40.67
C ILE A 8 16.85 39.28 39.46
N GLN A 9 15.94 39.17 38.49
CA GLN A 9 15.95 40.00 37.29
C GLN A 9 15.76 41.48 37.60
N LEU A 10 15.10 41.76 38.72
CA LEU A 10 14.92 43.13 39.21
C LEU A 10 16.20 43.64 39.87
N LEU A 11 16.94 42.73 40.49
CA LEU A 11 18.19 43.06 41.19
C LEU A 11 19.35 43.38 40.24
N GLN A 12 19.43 42.65 39.13
CA GLN A 12 20.43 42.93 38.10
C GLN A 12 20.09 44.21 37.34
N LYS A 13 18.81 44.59 37.39
CA LYS A 13 18.35 45.88 36.89
C LYS A 13 18.65 46.97 37.93
N ASN A 14 18.60 46.58 39.20
CA ASN A 14 18.87 47.49 40.32
C ASN A 14 20.34 47.90 40.45
N VAL A 15 21.24 46.93 40.32
CA VAL A 15 22.68 47.20 40.39
C VAL A 15 23.20 47.92 39.14
N ARG A 16 22.47 47.77 38.04
CA ARG A 16 22.75 48.48 36.79
C ARG A 16 22.43 49.97 36.98
N ALA A 17 21.39 50.26 37.76
CA ALA A 17 20.99 51.63 38.08
C ALA A 17 21.95 52.28 39.08
N GLN A 18 22.57 51.47 39.93
CA GLN A 18 23.52 51.96 40.92
C GLN A 18 24.93 52.21 40.37
N LEU A 19 25.40 51.31 39.50
CA LEU A 19 26.72 51.45 38.90
C LEU A 19 26.83 52.64 37.96
N VAL A 20 25.73 52.98 37.29
CA VAL A 20 25.67 54.16 36.44
C VAL A 20 25.49 55.44 37.28
N ASP A 21 24.98 55.28 38.50
CA ASP A 21 24.77 56.39 39.42
C ASP A 21 26.03 56.69 40.24
N MET A 22 26.71 55.62 40.67
CA MET A 22 27.92 55.75 41.50
C MET A 22 29.12 56.24 40.71
N LYS A 23 29.24 55.82 39.45
CA LYS A 23 30.29 56.30 38.55
C LYS A 23 30.09 57.78 38.24
N ARG A 24 28.81 58.16 38.11
CA ARG A 24 28.42 59.55 37.90
C ARG A 24 28.67 60.38 39.17
N LEU A 25 28.47 59.75 40.33
CA LEU A 25 28.70 60.39 41.62
C LEU A 25 30.19 60.53 41.94
N GLU A 26 30.99 59.56 41.50
CA GLU A 26 32.43 59.57 41.69
C GLU A 26 33.08 60.78 41.02
N VAL A 27 32.65 61.07 39.80
CA VAL A 27 33.16 62.22 39.04
C VAL A 27 32.59 63.53 39.60
N ASP A 28 31.32 63.51 39.97
CA ASP A 28 30.64 64.68 40.55
C ASP A 28 31.31 65.16 41.84
N ILE A 29 31.65 64.21 42.71
CA ILE A 29 32.35 64.51 43.96
C ILE A 29 33.78 64.98 43.70
N ASP A 30 34.42 64.38 42.69
CA ASP A 30 35.77 64.76 42.27
C ASP A 30 35.82 66.21 41.75
N ILE A 31 34.78 66.61 41.02
CA ILE A 31 34.67 67.97 40.47
C ILE A 31 34.26 68.98 41.55
N LYS A 32 33.53 68.52 42.57
CA LYS A 32 33.04 69.40 43.64
C LYS A 32 34.00 69.55 44.82
N ILE A 33 35.00 68.69 44.87
CA ILE A 33 36.09 68.89 45.81
C ILE A 33 37.13 69.87 45.31
N ARG A 34 37.65 69.65 44.11
CA ARG A 34 38.59 70.56 43.52
C ARG A 34 37.90 71.87 43.11
N SER A 35 37.51 72.66 44.09
CA SER A 35 36.68 73.80 43.81
C SER A 35 36.60 74.56 45.08
N CYS A 36 37.12 73.89 46.08
CA CYS A 36 37.39 74.31 47.45
C CYS A 36 38.89 74.60 47.61
N ARG A 37 39.65 74.38 46.55
CA ARG A 37 41.08 74.69 46.53
C ARG A 37 41.29 76.20 46.46
N GLY A 38 40.38 76.89 45.77
CA GLY A 38 40.36 78.35 45.72
C GLY A 38 39.27 78.92 46.59
N SER A 39 38.98 78.24 47.70
CA SER A 39 37.93 78.65 48.64
C SER A 39 38.31 78.32 50.07
N CYS A 40 38.89 77.14 50.28
CA CYS A 40 39.21 76.63 51.61
C CYS A 40 40.72 76.44 51.79
N SER A 41 41.14 76.13 53.01
CA SER A 41 42.56 76.01 53.37
C SER A 41 43.35 75.09 52.44
N ARG A 42 42.84 73.87 52.22
CA ARG A 42 43.46 72.91 51.32
C ARG A 42 42.44 71.98 50.67
N ALA A 43 42.81 71.44 49.52
CA ALA A 43 41.97 70.46 48.82
C ALA A 43 42.43 69.04 49.12
N LEU A 44 41.46 68.14 49.27
CA LEU A 44 41.73 66.73 49.56
C LEU A 44 42.35 66.06 48.33
N ALA A 45 43.61 65.65 48.47
CA ALA A 45 44.34 64.99 47.38
C ALA A 45 43.80 63.59 47.14
N ARG A 46 43.37 63.34 45.90
CA ARG A 46 42.74 62.07 45.54
C ARG A 46 42.95 61.70 44.08
N GLU A 47 42.85 60.40 43.78
CA GLU A 47 43.01 59.90 42.43
C GLU A 47 41.72 59.20 41.96
N VAL A 48 41.33 59.48 40.72
CA VAL A 48 40.07 58.95 40.16
C VAL A 48 40.25 57.52 39.67
N ASP A 49 39.30 56.65 40.05
CA ASP A 49 39.29 55.26 39.60
C ASP A 49 38.07 55.01 38.72
N LEU A 50 38.27 55.13 37.40
CA LEU A 50 37.22 54.92 36.42
C LEU A 50 37.27 53.51 35.83
N LYS A 51 38.45 52.89 35.90
CA LYS A 51 38.68 51.55 35.37
C LYS A 51 37.90 50.47 36.14
N ASP A 52 37.82 50.64 37.46
CA ASP A 52 37.13 49.68 38.33
C ASP A 52 35.61 49.70 38.10
N TYR A 53 35.06 50.88 37.85
CA TYR A 53 33.64 51.02 37.52
C TYR A 53 33.31 50.41 36.16
N GLU A 54 34.20 50.63 35.19
CA GLU A 54 34.02 50.15 33.83
C GLU A 54 34.17 48.63 33.71
N ASP A 55 35.12 48.06 34.46
CA ASP A 55 35.38 46.62 34.44
C ASP A 55 34.27 45.83 35.15
N GLN A 56 33.67 46.44 36.17
CA GLN A 56 32.54 45.83 36.89
C GLN A 56 31.26 45.90 36.07
N GLN A 57 31.14 46.92 35.23
CA GLN A 57 30.00 47.06 34.31
C GLN A 57 30.10 46.06 33.15
N LYS A 58 31.32 45.82 32.68
CA LYS A 58 31.58 44.81 31.65
C LYS A 58 31.40 43.40 32.21
N GLN A 59 31.56 43.25 33.52
CA GLN A 59 31.39 41.99 34.22
C GLN A 59 29.93 41.57 34.27
N LEU A 60 29.03 42.56 34.30
CA LEU A 60 27.58 42.30 34.30
C LEU A 60 27.02 42.10 32.89
N GLU A 61 27.82 42.42 31.88
CA GLU A 61 27.43 42.20 30.47
C GLU A 61 27.45 40.72 30.11
N GLN A 62 28.29 39.96 30.81
CA GLN A 62 28.34 38.50 30.68
C GLN A 62 27.18 37.85 31.43
N VAL A 63 26.68 38.55 32.45
CA VAL A 63 25.56 38.09 33.27
C VAL A 63 24.23 38.18 32.50
N ILE A 64 24.01 39.32 31.85
CA ILE A 64 22.77 39.55 31.09
C ILE A 64 22.69 38.74 29.79
N ALA A 65 23.84 38.44 29.20
CA ALA A 65 23.93 37.70 27.96
C ALA A 65 24.33 36.24 28.21
N THR B 8 14.24 20.41 38.04
CA THR B 8 15.46 20.50 37.19
C THR B 8 16.69 19.95 37.90
N VAL B 9 17.52 19.21 37.17
CA VAL B 9 18.69 18.54 37.72
C VAL B 9 19.82 19.52 38.03
N ASN B 10 20.32 20.19 36.99
CA ASN B 10 21.41 21.16 37.16
C ASN B 10 20.92 22.62 37.11
N SER B 11 20.25 23.03 38.18
CA SER B 11 19.88 24.44 38.37
C SER B 11 21.11 25.16 38.91
N ASN B 12 22.03 25.46 37.99
CA ASN B 12 23.39 25.84 38.34
C ASN B 12 23.55 27.18 39.06
N ILE B 13 23.57 28.26 38.28
CA ILE B 13 24.22 29.52 38.69
C ILE B 13 23.58 30.36 39.81
N PRO B 14 24.24 30.40 40.99
CA PRO B 14 24.14 31.51 41.90
C PRO B 14 25.43 32.32 41.81
N THR B 15 26.19 32.07 40.74
CA THR B 15 27.43 32.78 40.46
C THR B 15 27.11 34.22 40.08
N ASN B 16 26.00 34.38 39.37
CA ASN B 16 25.45 35.70 39.06
C ASN B 16 25.02 36.44 40.32
N LEU B 17 24.69 35.68 41.36
CA LEU B 17 24.33 36.23 42.67
C LEU B 17 25.58 36.48 43.53
N ARG B 18 26.60 35.63 43.36
CA ARG B 18 27.89 35.81 44.03
C ARG B 18 28.65 37.00 43.45
N VAL B 19 28.57 37.16 42.13
CA VAL B 19 29.13 38.31 41.43
C VAL B 19 28.29 39.56 41.76
N LEU B 20 26.98 39.37 41.90
CA LEU B 20 26.06 40.43 42.31
C LEU B 20 26.40 40.96 43.69
N ARG B 21 26.74 40.06 44.61
CA ARG B 21 27.10 40.42 45.98
C ARG B 21 28.50 41.05 46.05
N SER B 22 29.41 40.58 45.20
CA SER B 22 30.78 41.08 45.16
C SER B 22 30.84 42.53 44.70
N ILE B 23 30.03 42.88 43.70
CA ILE B 23 29.93 44.25 43.19
C ILE B 23 29.15 45.14 44.16
N LEU B 24 28.10 44.58 44.77
CA LEU B 24 27.27 45.30 45.72
C LEU B 24 28.04 45.69 47.00
N GLU B 25 28.92 44.79 47.43
CA GLU B 25 29.79 45.06 48.58
C GLU B 25 30.96 45.96 48.21
N ASN B 26 31.34 45.93 46.92
CA ASN B 26 32.39 46.81 46.40
C ASN B 26 31.92 48.25 46.35
N LEU B 27 30.64 48.45 46.04
CA LEU B 27 30.03 49.78 46.02
C LEU B 27 29.94 50.39 47.41
N ARG B 28 29.64 49.56 48.41
CA ARG B 28 29.52 49.99 49.80
C ARG B 28 30.84 50.54 50.33
N SER B 29 31.95 49.90 49.94
CA SER B 29 33.29 50.35 50.30
C SER B 29 33.63 51.69 49.62
N LYS B 30 33.08 51.89 48.42
CA LYS B 30 33.27 53.13 47.67
C LYS B 30 32.38 54.25 48.21
N ILE B 31 31.19 53.89 48.69
CA ILE B 31 30.30 54.85 49.35
C ILE B 31 30.95 55.35 50.65
N GLN B 32 31.56 54.43 51.38
CA GLN B 32 32.32 54.75 52.60
C GLN B 32 33.56 55.58 52.27
N LYS B 33 34.19 55.27 51.13
CA LYS B 33 35.36 56.02 50.64
C LYS B 33 35.00 57.47 50.33
N LEU B 34 33.88 57.66 49.62
CA LEU B 34 33.41 58.99 49.25
C LEU B 34 32.86 59.76 50.45
N GLU B 35 32.32 59.03 51.43
CA GLU B 35 31.85 59.62 52.68
C GLU B 35 33.00 60.23 53.47
N SER B 36 34.12 59.53 53.49
CA SER B 36 35.33 59.99 54.19
C SER B 36 36.00 61.17 53.48
N ASP B 37 35.90 61.19 52.15
CA ASP B 37 36.49 62.27 51.34
C ASP B 37 35.72 63.58 51.47
N VAL B 38 34.39 63.49 51.52
CA VAL B 38 33.53 64.67 51.67
C VAL B 38 33.61 65.22 53.10
N SER B 39 33.62 64.32 54.08
CA SER B 39 33.70 64.70 55.50
C SER B 39 35.04 65.36 55.85
N ALA B 40 36.09 65.00 55.12
CA ALA B 40 37.41 65.59 55.30
C ALA B 40 37.42 67.05 54.82
N GLN B 41 36.85 67.29 53.65
CA GLN B 41 36.78 68.64 53.06
C GLN B 41 35.85 69.58 53.84
N MET B 42 34.88 69.01 54.56
CA MET B 42 34.00 69.77 55.43
C MET B 42 34.77 70.40 56.60
N GLU B 43 35.89 69.77 56.96
CA GLU B 43 36.75 70.25 58.03
C GLU B 43 37.82 71.23 57.53
N TYR B 44 38.26 71.02 56.29
CA TYR B 44 39.23 71.92 55.66
C TYR B 44 38.61 73.25 55.26
N CYS B 45 37.28 73.27 55.17
CA CYS B 45 36.53 74.46 54.76
C CYS B 45 36.03 75.30 55.93
N ARG B 46 36.49 74.99 57.13
CA ARG B 46 36.25 75.83 58.30
C ARG B 46 37.12 77.09 58.19
N THR B 47 38.33 76.92 57.69
CA THR B 47 39.26 78.02 57.45
C THR B 47 39.53 78.17 55.95
N PRO B 48 39.45 79.42 55.44
CA PRO B 48 39.62 79.66 54.00
C PRO B 48 41.08 79.88 53.58
N CYS B 49 41.32 79.79 52.27
CA CYS B 49 42.63 80.09 51.69
C CYS B 49 42.92 81.59 51.77
N THR B 50 44.20 81.93 51.92
CA THR B 50 44.61 83.32 52.05
C THR B 50 45.66 83.73 51.02
N VAL B 51 45.49 84.93 50.48
CA VAL B 51 46.45 85.52 49.54
C VAL B 51 46.87 86.92 49.99
N SER B 52 48.08 87.32 49.61
CA SER B 52 48.59 88.66 49.94
C SER B 52 49.09 89.36 48.67
N CYS B 53 48.13 89.79 47.85
CA CYS B 53 48.44 90.44 46.58
C CYS B 53 48.62 91.95 46.75
N ASN B 54 49.88 92.37 46.88
CA ASN B 54 50.21 93.79 47.00
C ASN B 54 50.07 94.50 45.66
N ILE B 55 49.28 95.57 45.65
CA ILE B 55 48.91 96.29 44.43
C ILE B 55 50.10 97.08 43.86
N PRO B 56 50.43 96.85 42.57
CA PRO B 56 51.46 97.62 41.87
C PRO B 56 51.10 99.10 41.76
N VAL B 57 52.12 99.96 41.75
CA VAL B 57 51.93 101.40 41.72
C VAL B 57 51.30 101.87 40.40
N VAL B 58 51.77 101.30 39.29
CA VAL B 58 51.29 101.67 37.96
C VAL B 58 49.84 101.22 37.72
N SER B 59 49.01 102.18 37.33
CA SER B 59 47.60 101.94 37.03
C SER B 59 47.24 102.50 35.66
N GLY B 60 46.04 102.16 35.21
CA GLY B 60 45.52 102.62 33.95
C GLY B 60 44.11 102.16 33.74
N LYS B 61 43.56 102.41 32.56
CA LYS B 61 42.20 102.01 32.26
C LYS B 61 42.03 100.56 31.92
N GLU B 62 43.07 99.89 31.48
CA GLU B 62 42.97 98.48 31.22
C GLU B 62 44.33 97.85 31.13
N CYS B 63 44.41 96.53 30.97
CA CYS B 63 45.78 96.00 31.01
C CYS B 63 46.67 96.55 29.88
N GLU B 64 46.06 97.28 28.95
CA GLU B 64 46.78 97.85 27.81
C GLU B 64 47.47 99.19 28.15
N GLU B 65 46.78 100.06 28.88
CA GLU B 65 47.32 101.36 29.27
C GLU B 65 48.51 101.22 30.23
N ILE B 66 48.54 100.11 30.95
CA ILE B 66 49.61 99.82 31.92
C ILE B 66 50.93 99.50 31.22
N ILE B 67 50.87 98.67 30.17
CA ILE B 67 52.08 98.29 29.42
C ILE B 67 52.68 99.47 28.64
N ARG B 68 51.85 100.44 28.29
CA ARG B 68 52.30 101.67 27.66
C ARG B 68 52.87 102.64 28.69
N LYS B 69 52.48 102.47 29.95
CA LYS B 69 52.99 103.28 31.05
C LYS B 69 54.25 102.66 31.67
N GLY B 70 54.48 101.38 31.42
CA GLY B 70 55.70 100.70 31.86
C GLY B 70 55.53 99.39 32.59
N GLY B 71 54.29 98.94 32.74
CA GLY B 71 53.99 97.66 33.38
C GLY B 71 54.20 96.50 32.43
N GLU B 72 55.36 95.87 32.51
CA GLU B 72 55.75 94.82 31.56
C GLU B 72 55.92 93.43 32.19
N THR B 73 55.33 93.24 33.36
CA THR B 73 55.36 91.95 34.04
C THR B 73 53.94 91.38 34.20
N SER B 74 53.77 90.10 33.92
CA SER B 74 52.47 89.44 34.00
C SER B 74 52.07 89.15 35.43
N GLU B 75 51.19 90.01 35.97
CA GLU B 75 50.69 89.88 37.34
C GLU B 75 49.34 90.60 37.52
N MET B 76 48.85 90.67 38.75
CA MET B 76 47.62 91.38 39.07
C MET B 76 47.85 92.89 39.05
N TYR B 77 46.92 93.62 38.44
CA TYR B 77 46.95 95.08 38.41
C TYR B 77 45.60 95.68 38.75
N LEU B 78 45.61 96.86 39.37
CA LEU B 78 44.40 97.59 39.71
C LEU B 78 44.07 98.58 38.61
N ILE B 79 42.89 98.42 38.00
CA ILE B 79 42.47 99.26 36.88
C ILE B 79 41.22 100.08 37.22
N GLN B 80 41.13 101.27 36.62
CA GLN B 80 39.95 102.11 36.73
C GLN B 80 39.54 102.62 35.34
N PRO B 81 38.72 101.83 34.62
CA PRO B 81 38.23 102.18 33.27
C PRO B 81 37.62 103.58 33.18
N ASP B 82 36.79 103.93 34.15
CA ASP B 82 36.14 105.24 34.19
C ASP B 82 36.08 105.76 35.63
N SER B 83 36.07 107.09 35.76
CA SER B 83 36.03 107.75 37.08
C SER B 83 34.75 107.47 37.86
N SER B 84 33.68 107.12 37.13
CA SER B 84 32.39 106.81 37.74
C SER B 84 32.36 105.42 38.38
N VAL B 85 33.12 104.48 37.81
CA VAL B 85 33.12 103.10 38.29
C VAL B 85 34.28 102.84 39.26
N LYS B 86 33.99 102.08 40.31
CA LYS B 86 34.96 101.71 41.34
C LYS B 86 36.12 100.88 40.77
N PRO B 87 37.37 101.21 41.15
CA PRO B 87 38.55 100.45 40.73
C PRO B 87 38.51 99.00 41.22
N TYR B 88 38.93 98.08 40.35
CA TYR B 88 38.92 96.65 40.69
C TYR B 88 40.18 95.92 40.21
N ARG B 89 40.41 94.73 40.77
CA ARG B 89 41.59 93.93 40.46
C ARG B 89 41.38 93.03 39.24
N VAL B 90 42.40 92.97 38.39
CA VAL B 90 42.37 92.13 37.19
C VAL B 90 43.78 91.63 36.84
N TYR B 91 43.86 90.40 36.34
CA TYR B 91 45.13 89.84 35.89
C TYR B 91 45.46 90.35 34.49
N CYS B 92 46.74 90.63 34.26
CA CYS B 92 47.20 91.18 32.98
C CYS B 92 48.28 90.33 32.35
N ASP B 93 48.10 90.02 31.08
CA ASP B 93 49.09 89.28 30.29
C ASP B 93 49.95 90.27 29.52
N MET B 94 51.21 90.41 29.96
CA MET B 94 52.14 91.37 29.37
C MET B 94 53.17 90.70 28.46
N ASN B 95 53.11 89.37 28.37
CA ASN B 95 54.08 88.60 27.60
C ASN B 95 53.56 88.08 26.27
N THR B 96 52.30 87.62 26.25
CA THR B 96 51.71 87.02 25.07
C THR B 96 51.32 88.07 24.02
N GLU B 97 51.86 87.92 22.82
CA GLU B 97 51.56 88.77 21.67
C GLU B 97 51.57 90.28 21.99
N ASN B 98 52.78 90.81 22.17
CA ASN B 98 53.00 92.24 22.50
C ASN B 98 52.48 92.67 23.87
N GLY B 99 51.62 91.87 24.48
CA GLY B 99 51.08 92.14 25.80
C GLY B 99 49.91 93.11 25.81
N GLY B 100 49.47 93.49 27.00
CA GLY B 100 48.36 94.42 27.17
C GLY B 100 47.00 93.74 27.18
N TRP B 101 46.98 92.45 27.50
CA TRP B 101 45.75 91.66 27.50
C TRP B 101 45.06 91.66 28.86
N THR B 102 43.78 92.06 28.86
CA THR B 102 42.96 92.07 30.06
C THR B 102 42.22 90.74 30.20
N VAL B 103 42.68 89.91 31.14
CA VAL B 103 42.12 88.58 31.36
C VAL B 103 40.73 88.69 31.98
N ILE B 104 39.73 88.15 31.27
CA ILE B 104 38.35 88.18 31.72
C ILE B 104 37.87 86.80 32.20
N GLN B 105 38.60 85.76 31.78
CA GLN B 105 38.30 84.39 32.13
C GLN B 105 39.59 83.58 32.16
N ASN B 106 39.72 82.68 33.13
CA ASN B 106 40.88 81.82 33.25
C ASN B 106 40.55 80.43 33.80
N ARG B 107 41.01 79.41 33.08
CA ARG B 107 40.91 78.02 33.51
C ARG B 107 42.28 77.36 33.39
N GLN B 108 42.69 76.65 34.44
CA GLN B 108 43.99 75.97 34.47
C GLN B 108 43.94 74.72 35.34
N ASP B 109 43.31 74.86 36.50
CA ASP B 109 43.07 73.75 37.42
C ASP B 109 41.55 73.58 37.59
N GLY B 110 41.12 73.20 38.79
CA GLY B 110 39.70 73.08 39.08
C GLY B 110 39.32 73.79 40.36
N SER B 111 40.07 74.82 40.72
CA SER B 111 39.94 75.48 42.03
C SER B 111 38.70 76.38 42.22
N VAL B 112 37.96 76.61 41.14
CA VAL B 112 36.76 77.47 41.20
C VAL B 112 35.57 76.84 40.47
N ASP B 113 34.41 76.82 41.15
CA ASP B 113 33.16 76.35 40.56
C ASP B 113 32.62 77.37 39.57
N PHE B 114 32.20 76.89 38.39
CA PHE B 114 31.68 77.77 37.35
C PHE B 114 30.20 77.54 37.03
N GLY B 115 29.50 76.87 37.96
CA GLY B 115 28.07 76.65 37.84
C GLY B 115 27.31 77.46 38.86
N ARG B 116 27.33 78.78 38.70
CA ARG B 116 26.72 79.70 39.66
C ARG B 116 25.54 80.47 39.07
N LYS B 117 24.85 81.23 39.93
CA LYS B 117 23.63 81.96 39.57
C LYS B 117 23.88 83.16 38.65
N TRP B 118 22.83 83.94 38.42
CA TRP B 118 22.89 85.15 37.59
C TRP B 118 23.69 86.27 38.26
N ASP B 119 23.56 86.36 39.59
CA ASP B 119 24.24 87.40 40.37
C ASP B 119 25.77 87.26 40.42
N PRO B 120 26.29 86.03 40.72
CA PRO B 120 27.75 85.84 40.71
C PRO B 120 28.41 86.13 39.36
N TYR B 121 27.72 85.80 38.27
CA TYR B 121 28.20 86.12 36.93
C TYR B 121 28.11 87.60 36.59
N LYS B 122 27.15 88.29 37.22
CA LYS B 122 26.98 89.73 37.06
C LYS B 122 28.08 90.50 37.78
N GLN B 123 28.35 90.12 39.03
CA GLN B 123 29.35 90.80 39.85
C GLN B 123 30.76 90.35 39.54
N GLY B 124 30.98 89.02 39.55
CA GLY B 124 32.29 88.43 39.32
C GLY B 124 32.69 87.51 40.45
N PHE B 125 33.13 86.30 40.10
CA PHE B 125 33.53 85.30 41.08
C PHE B 125 34.93 84.74 40.82
N GLY B 126 35.46 83.99 41.79
CA GLY B 126 36.75 83.33 41.64
C GLY B 126 37.93 84.15 42.15
N ASN B 127 39.14 83.62 41.90
CA ASN B 127 40.38 84.28 42.32
C ASN B 127 41.08 84.95 41.14
N VAL B 128 41.35 86.23 41.29
CA VAL B 128 42.02 87.02 40.25
C VAL B 128 43.47 86.55 40.04
N ALA B 129 44.23 86.52 41.13
CA ALA B 129 45.64 86.09 41.08
C ALA B 129 46.10 85.47 42.40
N THR B 130 47.01 84.50 42.31
CA THR B 130 47.58 83.83 43.47
C THR B 130 49.06 84.17 43.63
N ASN B 131 49.56 84.07 44.86
CA ASN B 131 50.95 84.42 45.19
C ASN B 131 51.99 83.50 44.58
N THR B 132 53.03 84.11 44.02
CA THR B 132 54.26 83.38 43.66
C THR B 132 55.09 83.22 44.92
N ASP B 133 55.61 82.01 45.14
CA ASP B 133 56.31 81.67 46.37
C ASP B 133 57.59 82.46 46.57
N GLY B 134 57.75 83.06 47.75
CA GLY B 134 58.90 83.89 48.08
C GLY B 134 58.79 85.31 47.56
N LYS B 135 57.60 85.67 47.06
CA LYS B 135 57.35 87.00 46.51
C LYS B 135 56.17 87.68 47.21
N ASN B 136 56.24 89.00 47.31
CA ASN B 136 55.18 89.80 47.94
C ASN B 136 54.00 90.10 47.01
N TYR B 137 54.19 89.87 45.71
CA TYR B 137 53.15 90.13 44.73
C TYR B 137 52.59 88.84 44.12
N CYS B 138 51.34 88.92 43.64
CA CYS B 138 50.68 87.79 43.00
C CYS B 138 50.93 87.78 41.49
N GLY B 139 51.89 86.97 41.08
CA GLY B 139 52.31 86.88 39.68
C GLY B 139 51.59 85.81 38.87
N LEU B 140 51.12 84.78 39.56
CA LEU B 140 50.38 83.69 38.91
C LEU B 140 48.87 83.97 38.91
N PRO B 141 48.20 83.70 37.77
CA PRO B 141 46.76 83.92 37.70
C PRO B 141 45.98 82.79 38.36
N GLY B 142 44.73 83.08 38.72
CA GLY B 142 43.81 82.07 39.27
C GLY B 142 42.58 81.94 38.40
N GLU B 143 41.73 80.98 38.73
CA GLU B 143 40.47 80.79 38.01
C GLU B 143 39.43 81.80 38.45
N TYR B 144 38.92 82.59 37.51
CA TYR B 144 37.92 83.62 37.81
C TYR B 144 37.16 84.11 36.57
N TRP B 145 35.92 84.51 36.80
CA TRP B 145 35.14 85.25 35.81
C TRP B 145 35.06 86.69 36.30
N LEU B 146 35.50 87.63 35.44
CA LEU B 146 35.61 89.04 35.82
C LEU B 146 34.26 89.65 36.21
N GLY B 147 33.21 89.25 35.50
CA GLY B 147 31.86 89.77 35.76
C GLY B 147 31.27 90.39 34.52
N ASN B 148 30.04 89.98 34.20
CA ASN B 148 29.33 90.46 33.00
C ASN B 148 29.17 91.97 32.94
N ASP B 149 29.08 92.62 34.10
CA ASP B 149 29.01 94.07 34.20
C ASP B 149 30.33 94.76 33.91
N LYS B 150 31.43 94.05 34.17
CA LYS B 150 32.77 94.62 34.03
C LYS B 150 33.36 94.50 32.62
N ILE B 151 32.89 93.47 31.96
CA ILE B 151 33.27 93.07 30.63
C ILE B 151 32.61 93.89 29.58
N SER B 152 31.33 94.18 29.76
CA SER B 152 30.63 95.01 28.81
C SER B 152 31.37 96.29 28.70
N GLN B 153 31.27 97.08 29.73
CA GLN B 153 32.02 98.28 29.71
C GLN B 153 33.34 98.06 29.03
N LEU B 154 34.03 96.99 29.32
CA LEU B 154 35.40 96.86 28.83
C LEU B 154 35.45 96.59 27.32
N THR B 155 34.26 96.53 26.71
CA THR B 155 34.13 96.29 25.28
C THR B 155 33.42 97.45 24.57
N ARG B 156 32.72 98.27 25.34
CA ARG B 156 31.98 99.42 24.79
C ARG B 156 32.74 100.75 24.94
N MET B 157 33.93 100.69 25.54
CA MET B 157 34.81 101.85 25.65
C MET B 157 35.49 102.18 24.32
N GLY B 158 35.50 101.21 23.42
CA GLY B 158 36.09 101.36 22.09
C GLY B 158 36.18 100.04 21.36
N PRO B 159 36.90 100.00 20.22
CA PRO B 159 37.11 98.75 19.50
C PRO B 159 37.96 97.77 20.31
N THR B 160 37.40 96.60 20.61
CA THR B 160 38.06 95.62 21.47
C THR B 160 38.16 94.25 20.79
N GLU B 161 39.35 93.66 20.85
CA GLU B 161 39.59 92.33 20.28
C GLU B 161 39.62 91.25 21.36
N LEU B 162 39.21 90.04 20.98
CA LEU B 162 39.15 88.91 21.92
C LEU B 162 40.14 87.82 21.52
N LEU B 163 40.87 87.32 22.52
CA LEU B 163 41.81 86.22 22.33
C LEU B 163 41.47 85.06 23.27
N ILE B 164 41.10 83.92 22.67
CA ILE B 164 40.78 82.71 23.42
C ILE B 164 41.88 81.67 23.23
N GLU B 165 42.63 81.42 24.30
CA GLU B 165 43.73 80.45 24.27
C GLU B 165 43.40 79.21 25.08
N MET B 166 43.75 78.04 24.54
CA MET B 166 43.46 76.77 25.19
C MET B 166 44.59 75.74 25.01
N GLU B 167 44.67 74.82 25.97
CA GLU B 167 45.68 73.77 25.95
C GLU B 167 45.10 72.44 26.40
N ASP B 168 45.46 71.36 25.70
CA ASP B 168 45.01 70.02 26.04
C ASP B 168 45.85 69.41 27.16
N TRP B 169 45.68 68.11 27.39
CA TRP B 169 46.37 67.41 28.49
C TRP B 169 47.67 66.73 28.07
N LYS B 170 48.28 67.21 26.99
CA LYS B 170 49.58 66.70 26.54
C LYS B 170 50.54 67.78 26.01
N GLY B 171 50.08 69.03 25.97
CA GLY B 171 50.96 70.17 25.67
C GLY B 171 50.64 71.01 24.44
N ASP B 172 49.73 70.53 23.61
CA ASP B 172 49.36 71.22 22.36
C ASP B 172 48.58 72.51 22.62
N LYS B 173 48.98 73.59 21.91
CA LYS B 173 48.37 74.90 22.09
C LYS B 173 47.71 75.41 20.80
N VAL B 174 46.50 75.92 20.94
CA VAL B 174 45.77 76.55 19.82
C VAL B 174 45.08 77.84 20.27
N LYS B 175 44.83 78.73 19.32
CA LYS B 175 44.25 80.04 19.62
C LYS B 175 42.97 80.34 18.83
N ALA B 176 42.10 81.15 19.43
CA ALA B 176 40.89 81.64 18.77
C ALA B 176 40.81 83.16 18.94
N HIS B 177 41.12 83.88 17.86
CA HIS B 177 41.23 85.34 17.90
C HIS B 177 40.13 86.01 17.10
N TYR B 178 39.50 87.03 17.70
CA TYR B 178 38.44 87.78 17.05
C TYR B 178 38.75 89.28 17.07
N GLY B 179 38.65 89.91 15.90
CA GLY B 179 38.97 91.33 15.74
C GLY B 179 38.02 92.25 16.48
N GLY B 180 36.72 91.97 16.35
CA GLY B 180 35.68 92.73 17.05
C GLY B 180 34.97 91.91 18.09
N PHE B 181 34.83 92.48 19.29
CA PHE B 181 34.19 91.78 20.41
C PHE B 181 33.46 92.77 21.32
N THR B 182 32.13 92.69 21.33
CA THR B 182 31.28 93.56 22.14
C THR B 182 30.18 92.81 22.85
N VAL B 183 30.03 93.06 24.15
CA VAL B 183 28.97 92.50 24.97
C VAL B 183 28.11 93.62 25.53
N GLN B 184 26.80 93.54 25.33
CA GLN B 184 25.88 94.57 25.80
C GLN B 184 25.64 94.50 27.31
N ASN B 185 24.91 95.47 27.85
CA ASN B 185 24.63 95.54 29.29
C ASN B 185 23.55 94.55 29.77
N GLU B 186 23.17 94.66 31.04
CA GLU B 186 22.18 93.78 31.66
C GLU B 186 20.78 93.95 31.06
N ALA B 187 20.47 95.16 30.61
CA ALA B 187 19.19 95.46 29.98
C ALA B 187 18.97 94.69 28.69
N ASN B 188 20.07 94.35 28.01
CA ASN B 188 20.02 93.55 26.79
C ASN B 188 20.48 92.10 27.02
N LYS B 189 20.44 91.66 28.28
CA LYS B 189 20.79 90.30 28.69
C LYS B 189 22.22 89.88 28.30
N TYR B 190 23.13 90.86 28.30
CA TYR B 190 24.54 90.67 27.91
C TYR B 190 24.68 89.93 26.58
N GLN B 191 24.21 90.57 25.51
CA GLN B 191 24.27 89.97 24.17
C GLN B 191 25.66 90.11 23.56
N ILE B 192 26.19 88.99 23.09
CA ILE B 192 27.55 88.93 22.54
C ILE B 192 27.57 89.22 21.03
N SER B 193 28.65 89.86 20.57
CA SER B 193 28.87 90.13 19.16
C SER B 193 30.34 89.91 18.81
N VAL B 194 30.59 88.95 17.91
CA VAL B 194 31.96 88.64 17.48
C VAL B 194 32.11 88.68 15.95
N ASN B 195 33.25 89.18 15.49
CA ASN B 195 33.59 89.24 14.07
C ASN B 195 35.11 89.25 13.82
N LYS B 196 35.49 89.03 12.56
CA LYS B 196 36.90 88.97 12.13
C LYS B 196 37.67 87.85 12.83
N TYR B 197 37.38 86.61 12.43
CA TYR B 197 38.01 85.43 13.04
C TYR B 197 39.41 85.16 12.47
N ARG B 198 40.30 84.69 13.34
CA ARG B 198 41.66 84.30 12.98
C ARG B 198 42.20 83.34 14.05
N GLY B 199 42.78 82.22 13.62
CA GLY B 199 43.36 81.27 14.56
C GLY B 199 43.48 79.84 14.06
N THR B 200 43.69 78.91 15.01
CA THR B 200 43.90 77.49 14.70
C THR B 200 42.92 76.57 15.43
N ALA B 201 42.32 77.08 16.51
CA ALA B 201 41.40 76.30 17.34
C ALA B 201 40.09 75.95 16.64
N GLY B 202 39.63 76.84 15.76
CA GLY B 202 38.39 76.64 15.02
C GLY B 202 37.33 77.65 15.43
N ASN B 203 36.56 78.11 14.44
CA ASN B 203 35.51 79.11 14.67
C ASN B 203 34.26 78.49 15.27
N ALA B 204 34.16 78.52 16.59
CA ALA B 204 33.03 77.93 17.31
C ALA B 204 31.94 78.96 17.63
N LEU B 205 32.34 80.22 17.75
CA LEU B 205 31.41 81.30 18.11
C LEU B 205 30.58 81.79 16.93
N MET B 206 31.21 81.97 15.77
CA MET B 206 30.53 82.49 14.58
C MET B 206 29.95 81.38 13.70
N ASP B 207 30.73 80.33 13.45
CA ASP B 207 30.33 79.26 12.54
C ASP B 207 29.64 78.11 13.25
N GLY B 208 30.16 77.75 14.43
CA GLY B 208 29.64 76.61 15.19
C GLY B 208 30.58 75.42 15.14
N ALA B 209 30.04 74.23 15.38
CA ALA B 209 30.83 73.00 15.35
C ALA B 209 31.07 72.54 13.92
N SER B 210 32.28 72.04 13.67
CA SER B 210 32.70 71.62 12.33
C SER B 210 32.10 70.28 11.89
N GLN B 211 31.87 69.40 12.86
CA GLN B 211 31.35 68.04 12.58
C GLN B 211 29.82 67.98 12.48
N LEU B 212 29.18 69.13 12.32
CA LEU B 212 27.73 69.21 12.19
C LEU B 212 27.31 69.83 10.86
N MET B 213 26.21 69.33 10.31
CA MET B 213 25.71 69.79 9.01
C MET B 213 24.30 70.36 9.11
N GLY B 214 24.04 71.41 8.33
CA GLY B 214 22.71 72.02 8.24
C GLY B 214 22.29 72.82 9.46
N GLU B 215 21.15 72.44 10.03
CA GLU B 215 20.56 73.14 11.17
C GLU B 215 21.33 72.90 12.47
N ASN B 216 21.92 71.70 12.59
CA ASN B 216 22.67 71.32 13.79
C ASN B 216 23.89 72.21 14.05
N ARG B 217 24.55 72.64 12.97
CA ARG B 217 25.66 73.59 13.07
C ARG B 217 25.15 75.00 13.36
N THR B 218 24.00 75.34 12.79
CA THR B 218 23.39 76.67 12.94
C THR B 218 22.94 76.93 14.39
N MET B 219 22.45 75.89 15.05
CA MET B 219 21.96 76.00 16.43
C MET B 219 23.08 75.96 17.48
N THR B 220 24.32 75.85 17.03
CA THR B 220 25.49 75.87 17.92
C THR B 220 26.27 77.19 17.83
N ILE B 221 25.77 78.10 16.98
CA ILE B 221 26.38 79.42 16.81
C ILE B 221 26.16 80.29 18.05
N HIS B 222 27.25 80.88 18.54
CA HIS B 222 27.20 81.73 19.74
C HIS B 222 26.99 83.21 19.42
N ASN B 223 27.37 83.62 18.22
CA ASN B 223 27.29 85.02 17.79
C ASN B 223 25.84 85.53 17.74
N GLY B 224 25.54 86.50 18.60
CA GLY B 224 24.21 87.11 18.68
C GLY B 224 23.29 86.44 19.69
N MET B 225 23.88 85.73 20.65
CA MET B 225 23.10 85.03 21.67
C MET B 225 23.21 85.71 23.03
N PHE B 226 22.18 85.54 23.86
CA PHE B 226 22.11 86.15 25.18
C PHE B 226 22.77 85.26 26.24
N PHE B 227 23.17 85.88 27.34
CA PHE B 227 23.81 85.17 28.46
C PHE B 227 22.78 84.42 29.29
N SER B 228 23.13 83.19 29.69
CA SER B 228 22.19 82.32 30.40
C SER B 228 22.84 81.57 31.57
N THR B 229 22.27 81.75 32.75
CA THR B 229 22.67 81.00 33.96
C THR B 229 21.57 80.01 34.33
N TYR B 230 21.85 79.11 35.28
CA TYR B 230 20.90 78.03 35.62
C TYR B 230 19.65 78.51 36.38
N ASP B 231 19.59 79.79 36.68
CA ASP B 231 18.39 80.39 37.28
C ASP B 231 17.72 81.40 36.33
N ARG B 232 18.35 81.64 35.19
CA ARG B 232 17.83 82.59 34.20
C ARG B 232 17.94 82.03 32.78
N ASP B 233 16.79 81.61 32.24
CA ASP B 233 16.71 81.00 30.91
C ASP B 233 16.62 82.08 29.82
N ASN B 234 17.68 82.18 29.02
CA ASN B 234 17.74 83.16 27.92
C ASN B 234 18.29 82.57 26.61
N ASP B 235 18.48 81.24 26.59
CA ASP B 235 19.01 80.55 25.41
C ASP B 235 18.00 80.48 24.26
N GLY B 236 18.48 80.12 23.08
CA GLY B 236 17.63 79.98 21.90
C GLY B 236 16.96 78.62 21.80
N TRP B 237 16.73 78.00 22.95
CA TRP B 237 16.11 76.68 23.02
C TRP B 237 14.68 76.77 23.55
N LEU B 238 13.72 76.74 22.64
CA LEU B 238 12.30 76.86 22.97
C LEU B 238 11.75 75.54 23.48
N THR B 239 11.31 75.53 24.74
CA THR B 239 10.78 74.32 25.39
C THR B 239 9.80 74.67 26.51
N SER B 240 9.10 73.65 27.01
CA SER B 240 8.17 73.81 28.12
C SER B 240 8.69 73.18 29.42
N ASP B 241 9.52 72.15 29.27
CA ASP B 241 10.11 71.43 30.40
C ASP B 241 11.17 72.29 31.09
N PRO B 242 11.06 72.47 32.42
CA PRO B 242 11.99 73.30 33.19
C PRO B 242 13.42 72.75 33.24
N ARG B 243 13.56 71.44 33.14
CA ARG B 243 14.88 70.79 33.19
C ARG B 243 15.64 70.94 31.87
N LYS B 244 14.90 71.05 30.77
CA LYS B 244 15.51 71.13 29.44
C LYS B 244 16.04 72.53 29.13
N GLN B 245 17.10 72.91 29.86
CA GLN B 245 17.78 74.18 29.65
C GLN B 245 19.25 73.95 29.30
N CYS B 246 19.89 74.95 28.69
CA CYS B 246 21.28 74.82 28.26
C CYS B 246 22.28 75.10 29.39
N SER B 247 21.94 76.02 30.28
CA SER B 247 22.76 76.35 31.44
C SER B 247 22.80 75.18 32.43
N LYS B 248 21.63 74.60 32.68
CA LYS B 248 21.54 73.32 33.39
C LYS B 248 22.04 72.23 32.44
N GLU B 249 22.39 71.07 33.00
CA GLU B 249 22.97 69.94 32.25
C GLU B 249 24.32 70.23 31.56
N ASP B 250 24.69 71.52 31.51
CA ASP B 250 26.01 71.93 31.04
C ASP B 250 26.77 72.64 32.17
N GLY B 251 27.84 73.36 31.80
CA GLY B 251 28.72 74.01 32.77
C GLY B 251 28.05 75.00 33.71
N GLY B 252 27.73 76.18 33.20
CA GLY B 252 27.09 77.22 33.99
C GLY B 252 26.58 78.38 33.16
N GLY B 253 27.21 79.54 33.33
CA GLY B 253 26.81 80.75 32.63
C GLY B 253 27.60 81.00 31.36
N TRP B 254 26.91 80.93 30.22
CA TRP B 254 27.52 81.17 28.91
C TRP B 254 26.47 81.62 27.89
N TRP B 255 26.92 82.25 26.81
CA TRP B 255 26.05 82.64 25.71
C TRP B 255 25.58 81.41 24.93
N TYR B 256 24.54 80.75 25.46
CA TYR B 256 24.05 79.49 24.89
C TYR B 256 23.03 79.67 23.78
N ASN B 257 22.97 78.67 22.90
CA ASN B 257 21.96 78.60 21.84
C ASN B 257 21.17 77.30 21.94
N ARG B 258 21.61 76.27 21.19
CA ARG B 258 21.00 74.93 21.27
C ARG B 258 22.03 73.80 21.12
N CYS B 259 22.99 73.69 22.04
CA CYS B 259 23.18 74.61 23.16
C CYS B 259 24.51 75.35 23.03
N HIS B 260 25.56 74.63 22.64
CA HIS B 260 26.89 75.21 22.47
C HIS B 260 27.74 74.49 21.44
N ALA B 261 28.72 75.22 20.89
CA ALA B 261 29.83 74.63 20.15
C ALA B 261 31.09 74.80 20.99
N ALA B 262 31.03 75.74 21.92
CA ALA B 262 32.10 76.05 22.85
C ALA B 262 31.56 76.32 24.25
N ASN B 263 32.17 75.69 25.24
CA ASN B 263 31.76 75.87 26.64
C ASN B 263 32.97 76.05 27.58
N PRO B 264 33.54 77.26 27.60
CA PRO B 264 34.71 77.54 28.45
C PRO B 264 34.37 77.65 29.94
N ASN B 265 33.11 77.96 30.25
CA ASN B 265 32.64 78.02 31.63
C ASN B 265 32.05 76.70 32.11
N GLY B 266 32.59 75.60 31.61
CA GLY B 266 32.09 74.26 31.93
C GLY B 266 32.73 73.61 33.13
N ARG B 267 32.24 72.40 33.45
CA ARG B 267 32.77 71.58 34.53
C ARG B 267 34.18 71.11 34.20
N TYR B 268 35.08 71.15 35.18
CA TYR B 268 36.46 70.76 34.94
C TYR B 268 36.69 69.26 35.15
N TYR B 269 36.81 68.54 34.04
CA TYR B 269 37.09 67.10 34.07
C TYR B 269 38.58 66.84 34.00
N TRP B 270 39.07 65.99 34.91
CA TRP B 270 40.50 65.68 34.99
C TRP B 270 40.91 64.60 34.00
N GLY B 271 42.04 64.81 33.33
CA GLY B 271 42.55 63.86 32.35
C GLY B 271 42.24 64.24 30.91
N GLY B 272 41.03 64.76 30.70
CA GLY B 272 40.59 65.17 29.37
C GLY B 272 39.39 64.40 28.87
N GLN B 273 39.57 63.09 28.70
CA GLN B 273 38.52 62.21 28.22
C GLN B 273 37.41 61.98 29.25
N TYR B 274 36.18 62.31 28.85
CA TYR B 274 34.99 62.07 29.66
C TYR B 274 33.85 61.61 28.75
N THR B 275 32.91 60.86 29.31
CA THR B 275 31.78 60.31 28.55
C THR B 275 30.43 60.78 29.09
N TRP B 276 29.36 60.32 28.44
CA TRP B 276 27.99 60.73 28.79
C TRP B 276 27.56 60.23 30.18
N ASP B 277 28.01 59.04 30.55
CA ASP B 277 27.67 58.45 31.85
C ASP B 277 28.44 59.09 33.01
N MET B 278 29.54 59.76 32.68
CA MET B 278 30.33 60.51 33.66
C MET B 278 29.70 61.87 33.94
N ALA B 279 29.03 62.42 32.93
CA ALA B 279 28.34 63.71 33.04
C ALA B 279 27.10 63.59 33.93
N LYS B 280 26.80 64.68 34.64
CA LYS B 280 25.70 64.71 35.61
C LYS B 280 24.32 64.47 34.99
N HIS B 281 24.12 64.99 33.78
CA HIS B 281 22.82 64.89 33.11
C HIS B 281 22.87 64.16 31.77
N GLY B 282 24.07 63.76 31.36
CA GLY B 282 24.25 62.97 30.14
C GLY B 282 24.78 63.76 28.94
N THR B 283 24.64 65.07 28.99
CA THR B 283 25.08 65.94 27.89
C THR B 283 26.55 66.35 28.05
N ASP B 284 27.15 66.81 26.95
CA ASP B 284 28.57 67.16 26.92
C ASP B 284 28.88 68.49 27.61
N ASP B 285 28.86 68.47 28.95
CA ASP B 285 29.28 69.61 29.75
C ASP B 285 30.81 69.63 29.88
N GLY B 286 31.34 70.71 30.45
CA GLY B 286 32.78 70.80 30.65
C GLY B 286 33.46 71.80 29.74
N VAL B 287 34.78 71.93 29.88
CA VAL B 287 35.58 72.84 29.08
C VAL B 287 35.70 72.29 27.65
N VAL B 288 34.74 72.67 26.80
CA VAL B 288 34.61 72.08 25.47
C VAL B 288 34.86 73.10 24.36
N TRP B 289 35.65 72.70 23.37
CA TRP B 289 35.79 73.44 22.12
C TRP B 289 35.77 72.41 20.98
N MET B 290 34.58 72.23 20.40
CA MET B 290 34.30 71.14 19.45
C MET B 290 35.13 71.20 18.17
N ASN B 291 35.50 72.40 17.75
CA ASN B 291 36.23 72.61 16.51
C ASN B 291 37.69 72.14 16.55
N TRP B 292 38.12 71.67 17.71
CA TRP B 292 39.50 71.19 17.88
C TRP B 292 39.59 69.75 18.38
N LYS B 293 38.84 69.43 19.43
CA LYS B 293 38.90 68.10 20.05
C LYS B 293 37.57 67.35 20.01
N GLY B 294 36.48 68.08 19.86
CA GLY B 294 35.14 67.49 19.83
C GLY B 294 34.33 67.83 21.07
N SER B 295 33.24 67.10 21.26
CA SER B 295 32.32 67.33 22.37
C SER B 295 32.80 66.67 23.67
N TRP B 296 33.43 65.50 23.54
CA TRP B 296 33.79 64.69 24.70
C TRP B 296 35.28 64.76 25.07
N TYR B 297 35.78 65.98 25.20
CA TYR B 297 37.13 66.23 25.69
C TYR B 297 37.19 67.55 26.44
N SER B 298 37.65 67.50 27.69
CA SER B 298 37.79 68.69 28.53
C SER B 298 39.23 69.22 28.49
N MET B 299 39.36 70.53 28.31
CA MET B 299 40.67 71.18 28.18
C MET B 299 41.30 71.44 29.55
N ARG B 300 42.61 71.28 29.62
CA ARG B 300 43.37 71.56 30.84
C ARG B 300 43.45 73.07 31.09
N LYS B 301 43.77 73.83 30.05
CA LYS B 301 43.83 75.29 30.14
C LYS B 301 42.85 75.95 29.17
N MET B 302 42.24 77.04 29.63
CA MET B 302 41.30 77.83 28.82
C MET B 302 41.23 79.26 29.34
N SER B 303 41.64 80.21 28.52
CA SER B 303 41.68 81.62 28.93
C SER B 303 41.05 82.56 27.89
N MET B 304 40.39 83.60 28.38
CA MET B 304 39.84 84.65 27.54
C MET B 304 40.41 86.00 27.95
N LYS B 305 40.94 86.74 26.97
CA LYS B 305 41.58 88.03 27.23
C LYS B 305 41.23 89.08 26.17
N ILE B 306 41.11 90.34 26.60
CA ILE B 306 40.70 91.43 25.73
C ILE B 306 41.72 92.58 25.66
N ARG B 307 41.69 93.31 24.54
CA ARG B 307 42.63 94.41 24.30
C ARG B 307 42.05 95.39 23.26
N PRO B 308 42.29 96.71 23.45
CA PRO B 308 41.93 97.71 22.44
C PRO B 308 42.55 97.44 21.08
N PHE B 309 41.79 97.72 20.02
CA PHE B 309 42.21 97.46 18.64
C PHE B 309 42.67 98.74 17.93
N PHE B 310 42.89 99.79 18.72
CA PHE B 310 43.26 101.14 18.24
C PHE B 310 42.52 101.57 16.95
N ASP C 9 14.59 29.19 51.76
CA ASP C 9 16.00 29.36 51.32
C ASP C 9 16.19 30.75 50.70
N SER C 10 16.14 31.77 51.56
CA SER C 10 16.25 33.16 51.12
C SER C 10 17.65 33.74 51.36
N SER C 11 18.59 33.34 50.52
CA SER C 11 19.93 33.93 50.52
C SER C 11 19.90 35.29 49.83
N ILE C 12 18.93 35.45 48.94
CA ILE C 12 18.68 36.71 48.25
C ILE C 12 17.69 37.53 49.10
N ARG C 13 17.29 38.71 48.60
CA ARG C 13 16.46 39.68 49.34
C ARG C 13 17.24 40.32 50.50
N TYR C 14 18.23 39.58 51.02
CA TYR C 14 19.21 40.12 51.95
C TYR C 14 20.13 41.10 51.22
N LEU C 15 20.38 40.83 49.94
CA LEU C 15 21.12 41.73 49.07
C LEU C 15 20.32 43.00 48.77
N GLN C 16 19.00 42.88 48.79
CA GLN C 16 18.10 44.03 48.64
C GLN C 16 18.11 44.93 49.88
N GLU C 17 18.33 44.31 51.04
CA GLU C 17 18.43 45.04 52.31
C GLU C 17 19.67 45.94 52.36
N ILE C 18 20.77 45.44 51.79
CA ILE C 18 22.00 46.23 51.67
C ILE C 18 21.86 47.23 50.52
N TYR C 19 21.09 46.86 49.50
CA TYR C 19 20.79 47.76 48.37
C TYR C 19 19.96 48.95 48.84
N ASN C 20 18.99 48.70 49.71
CA ASN C 20 18.19 49.75 50.34
C ASN C 20 19.02 50.57 51.32
N SER C 21 20.02 49.93 51.92
CA SER C 21 20.96 50.61 52.81
C SER C 21 21.94 51.46 52.01
N ASN C 22 22.28 51.00 50.80
CA ASN C 22 23.15 51.75 49.89
C ASN C 22 22.45 52.97 49.30
N ASN C 23 21.26 52.76 48.74
CA ASN C 23 20.46 53.84 48.17
C ASN C 23 20.16 54.97 49.15
N GLN C 24 19.84 54.59 50.39
CA GLN C 24 19.61 55.55 51.46
C GLN C 24 20.88 56.33 51.79
N LYS C 25 22.02 55.63 51.75
CA LYS C 25 23.32 56.24 52.04
C LYS C 25 23.81 57.10 50.87
N ILE C 26 23.36 56.80 49.66
CA ILE C 26 23.68 57.60 48.47
C ILE C 26 22.84 58.88 48.44
N VAL C 27 21.57 58.78 48.85
CA VAL C 27 20.66 59.92 48.91
C VAL C 27 21.16 61.00 49.88
N ASN C 28 21.54 60.59 51.09
CA ASN C 28 22.05 61.54 52.09
C ASN C 28 23.46 62.04 51.82
N LEU C 29 24.24 61.27 51.05
CA LEU C 29 25.58 61.68 50.64
C LEU C 29 25.51 62.87 49.68
N LYS C 30 24.56 62.83 48.76
CA LYS C 30 24.32 63.91 47.81
C LYS C 30 23.89 65.20 48.52
N GLU C 31 23.20 65.05 49.64
CA GLU C 31 22.80 66.18 50.49
C GLU C 31 24.00 66.79 51.20
N LYS C 32 24.97 65.94 51.57
CA LYS C 32 26.21 66.39 52.19
C LYS C 32 27.16 67.01 51.16
N VAL C 33 27.08 66.52 49.92
CA VAL C 33 27.83 67.08 48.81
C VAL C 33 27.29 68.46 48.44
N ALA C 34 25.96 68.61 48.53
CA ALA C 34 25.29 69.90 48.31
C ALA C 34 25.63 70.91 49.40
N GLN C 35 25.84 70.42 50.62
CA GLN C 35 26.26 71.27 51.74
C GLN C 35 27.72 71.73 51.58
N LEU C 36 28.53 70.87 50.99
CA LEU C 36 29.94 71.18 50.74
C LEU C 36 30.10 72.23 49.63
N GLU C 37 29.19 72.21 48.67
CA GLU C 37 29.20 73.14 47.54
C GLU C 37 29.02 74.60 47.99
N ALA C 38 28.17 74.80 48.99
CA ALA C 38 27.86 76.14 49.52
C ALA C 38 29.06 76.81 50.19
N GLN C 39 29.91 76.01 50.81
CA GLN C 39 31.11 76.51 51.50
C GLN C 39 32.29 76.72 50.52
N CYS C 40 32.15 76.17 49.31
CA CYS C 40 33.18 76.32 48.28
C CYS C 40 32.73 77.28 47.18
N GLN C 41 32.23 78.44 47.59
CA GLN C 41 31.78 79.49 46.66
C GLN C 41 32.63 80.75 46.80
N GLU C 42 33.18 80.95 48.00
CA GLU C 42 33.99 82.13 48.32
C GLU C 42 35.36 82.10 47.64
N PRO C 43 35.93 83.29 47.34
CA PRO C 43 37.31 83.34 46.86
C PRO C 43 38.29 83.34 48.02
N CYS C 44 39.60 83.27 47.71
CA CYS C 44 40.65 83.32 48.72
C CYS C 44 40.69 84.70 49.39
N LYS C 45 40.73 84.69 50.72
CA LYS C 45 40.68 85.92 51.51
C LYS C 45 41.96 86.73 51.39
N ASP C 46 41.86 87.88 50.72
CA ASP C 46 43.00 88.76 50.51
C ASP C 46 43.23 89.64 51.74
N THR C 47 44.46 89.63 52.23
CA THR C 47 44.86 90.45 53.39
C THR C 47 44.98 91.93 53.02
N VAL C 48 45.32 92.19 51.75
CA VAL C 48 45.46 93.55 51.24
C VAL C 48 44.08 94.17 51.02
N GLN C 49 43.80 95.25 51.75
CA GLN C 49 42.52 95.94 51.67
C GLN C 49 42.70 97.45 51.53
N ILE C 50 41.93 98.04 50.61
CA ILE C 50 41.95 99.48 50.39
C ILE C 50 40.90 100.14 51.28
N HIS C 51 41.33 101.13 52.06
CA HIS C 51 40.44 101.88 52.94
C HIS C 51 39.54 102.84 52.14
N ASP C 52 38.33 103.07 52.67
CA ASP C 52 37.31 103.84 51.96
C ASP C 52 37.53 105.36 51.96
N ILE C 53 38.25 105.85 52.95
CA ILE C 53 38.47 107.30 53.12
C ILE C 53 39.41 107.87 52.05
N THR C 54 38.96 108.94 51.39
CA THR C 54 39.73 109.59 50.33
C THR C 54 39.81 111.11 50.52
N GLY C 55 40.81 111.74 49.91
CA GLY C 55 40.99 113.19 50.01
C GLY C 55 42.07 113.75 49.09
N LYS C 56 42.61 114.91 49.48
CA LYS C 56 43.66 115.58 48.72
C LYS C 56 44.99 114.84 48.86
N ASP C 57 45.41 114.61 50.10
CA ASP C 57 46.61 113.82 50.40
C ASP C 57 46.36 112.92 51.61
N CYS C 58 47.43 112.36 52.18
CA CYS C 58 47.31 111.51 53.37
C CYS C 58 47.01 112.31 54.63
N GLN C 59 47.36 113.59 54.62
CA GLN C 59 47.06 114.50 55.73
C GLN C 59 45.59 114.89 55.75
N ASP C 60 45.03 115.14 54.57
CA ASP C 60 43.61 115.46 54.42
C ASP C 60 42.73 114.28 54.82
N ILE C 61 43.24 113.07 54.55
CA ILE C 61 42.57 111.83 54.96
C ILE C 61 42.67 111.63 56.47
N ALA C 62 43.82 111.97 57.04
CA ALA C 62 44.06 111.90 58.49
C ALA C 62 43.15 112.87 59.26
N ASN C 63 42.83 113.99 58.63
CA ASN C 63 41.92 114.98 59.21
C ASN C 63 40.46 114.54 59.16
N LYS C 64 40.13 113.66 58.19
CA LYS C 64 38.77 113.16 58.02
C LYS C 64 38.37 112.13 59.07
N GLY C 65 39.35 111.40 59.60
CA GLY C 65 39.09 110.45 60.69
C GLY C 65 39.83 109.12 60.60
N ALA C 66 40.78 109.01 59.67
CA ALA C 66 41.58 107.80 59.51
C ALA C 66 42.63 107.70 60.62
N LYS C 67 42.85 106.48 61.11
CA LYS C 67 43.74 106.26 62.26
C LYS C 67 44.93 105.36 61.94
N GLN C 68 44.68 104.25 61.24
CA GLN C 68 45.73 103.28 60.94
C GLN C 68 46.45 103.55 59.62
N SER C 69 47.71 103.13 59.54
CA SER C 69 48.53 103.27 58.34
C SER C 69 48.23 102.14 57.36
N GLY C 70 47.98 102.50 56.11
CA GLY C 70 47.68 101.52 55.07
C GLY C 70 47.59 102.12 53.67
N LEU C 71 46.76 101.51 52.82
CA LEU C 71 46.59 101.96 51.45
C LEU C 71 45.34 102.82 51.28
N TYR C 72 45.52 103.97 50.65
CA TYR C 72 44.45 104.95 50.47
C TYR C 72 44.45 105.51 49.05
N PHE C 73 43.26 105.92 48.59
CA PHE C 73 43.12 106.65 47.33
C PHE C 73 43.16 108.15 47.59
N ILE C 74 44.00 108.86 46.84
CA ILE C 74 44.05 110.32 46.91
C ILE C 74 43.80 110.97 45.54
N LYS C 75 43.23 112.17 45.56
CA LYS C 75 42.96 112.93 44.35
C LYS C 75 43.28 114.41 44.54
N PRO C 76 44.48 114.84 44.07
CA PRO C 76 44.87 116.25 44.08
C PRO C 76 43.99 117.11 43.17
N LEU C 77 44.13 118.43 43.29
CA LEU C 77 43.32 119.38 42.54
C LEU C 77 43.48 119.27 41.02
N LYS C 78 44.72 119.26 40.55
CA LYS C 78 45.02 119.28 39.12
C LYS C 78 45.25 117.89 38.51
N ALA C 79 44.88 116.85 39.26
CA ALA C 79 45.02 115.47 38.79
C ALA C 79 43.79 115.03 37.99
N ASN C 80 44.02 114.23 36.96
CA ASN C 80 42.94 113.73 36.09
C ASN C 80 42.08 112.66 36.75
N GLN C 81 42.73 111.72 37.43
CA GLN C 81 42.04 110.62 38.11
C GLN C 81 42.79 110.19 39.37
N GLN C 82 42.05 109.62 40.32
CA GLN C 82 42.60 109.18 41.61
C GLN C 82 43.60 108.02 41.45
N PHE C 83 44.56 107.96 42.39
CA PHE C 83 45.57 106.91 42.40
C PHE C 83 45.88 106.42 43.82
N LEU C 84 46.41 105.20 43.93
CA LEU C 84 46.69 104.58 45.22
C LEU C 84 48.03 105.00 45.80
N VAL C 85 48.04 105.27 47.10
CA VAL C 85 49.25 105.64 47.85
C VAL C 85 49.32 104.92 49.20
N TYR C 86 50.50 104.92 49.81
CA TYR C 86 50.66 104.43 51.16
C TYR C 86 50.75 105.60 52.15
N CYS C 87 49.81 105.65 53.08
CA CYS C 87 49.75 106.72 54.07
C CYS C 87 50.25 106.25 55.43
N GLU C 88 51.03 107.10 56.09
CA GLU C 88 51.54 106.82 57.42
C GLU C 88 50.92 107.75 58.46
N ILE C 89 50.08 107.19 59.32
CA ILE C 89 49.45 107.93 60.40
C ILE C 89 50.02 107.46 61.74
N ASP C 90 50.64 108.39 62.47
CA ASP C 90 51.35 108.07 63.72
C ASP C 90 50.49 108.20 64.99
N GLY C 91 49.23 108.63 64.82
CA GLY C 91 48.31 108.78 65.94
C GLY C 91 48.22 110.20 66.48
N SER C 92 49.17 111.04 66.08
CA SER C 92 49.19 112.45 66.48
C SER C 92 48.39 113.33 65.53
N GLY C 93 47.82 112.70 64.50
CA GLY C 93 47.04 113.41 63.48
C GLY C 93 47.84 113.69 62.21
N ASN C 94 49.10 113.26 62.20
CA ASN C 94 50.00 113.47 61.08
C ASN C 94 49.82 112.40 60.01
N GLY C 95 49.61 112.83 58.77
CA GLY C 95 49.42 111.91 57.64
C GLY C 95 50.47 112.09 56.58
N TRP C 96 51.50 111.23 56.61
CA TRP C 96 52.60 111.28 55.65
C TRP C 96 52.26 110.57 54.34
N THR C 97 52.65 111.19 53.23
CA THR C 97 52.47 110.61 51.90
C THR C 97 53.80 110.08 51.38
N VAL C 98 53.98 108.76 51.47
CA VAL C 98 55.22 108.10 51.06
C VAL C 98 55.22 107.87 49.55
N PHE C 99 56.30 108.29 48.89
CA PHE C 99 56.45 108.10 47.44
C PHE C 99 57.65 107.24 47.06
N GLN C 100 58.51 106.95 48.03
CA GLN C 100 59.70 106.11 47.81
C GLN C 100 59.99 105.25 49.03
N LYS C 101 60.28 103.98 48.80
CA LYS C 101 60.54 103.02 49.87
C LYS C 101 61.54 101.94 49.42
N ARG C 102 62.50 101.64 50.30
CA ARG C 102 63.50 100.59 50.06
C ARG C 102 63.65 99.71 51.30
N LEU C 103 63.65 98.40 51.10
CA LEU C 103 63.77 97.44 52.21
C LEU C 103 64.77 96.32 51.94
N ASP C 104 64.54 95.57 50.87
CA ASP C 104 65.27 94.32 50.62
C ASP C 104 65.97 94.25 49.26
N GLY C 105 65.56 95.10 48.33
CA GLY C 105 66.12 95.11 46.98
C GLY C 105 65.45 94.12 46.05
N SER C 106 64.15 93.89 46.27
CA SER C 106 63.36 92.97 45.46
C SER C 106 62.94 93.60 44.14
N VAL C 107 62.68 94.90 44.16
CA VAL C 107 62.26 95.64 42.96
C VAL C 107 63.47 96.31 42.30
N ASP C 108 63.62 96.09 41.00
CA ASP C 108 64.69 96.69 40.22
C ASP C 108 64.40 98.18 39.99
N PHE C 109 65.39 99.01 40.29
CA PHE C 109 65.23 100.47 40.17
C PHE C 109 65.96 101.07 38.96
N LYS C 110 66.42 100.20 38.07
CA LYS C 110 67.00 100.63 36.80
C LYS C 110 65.89 100.69 35.75
N LYS C 111 65.08 101.74 35.82
CA LYS C 111 63.91 101.90 34.96
C LYS C 111 64.01 103.16 34.09
N ASN C 112 63.23 103.18 33.01
CA ASN C 112 63.25 104.30 32.05
C ASN C 112 62.46 105.53 32.51
N TRP C 113 62.30 106.50 31.61
CA TRP C 113 61.62 107.76 31.90
C TRP C 113 60.13 107.59 32.16
N ILE C 114 59.47 106.77 31.35
CA ILE C 114 58.03 106.53 31.47
C ILE C 114 57.69 105.76 32.75
N GLN C 115 58.56 104.82 33.11
CA GLN C 115 58.38 104.01 34.32
C GLN C 115 58.60 104.82 35.60
N TYR C 116 59.51 105.79 35.53
CA TYR C 116 59.75 106.69 36.65
C TYR C 116 58.73 107.84 36.71
N LYS C 117 58.05 108.09 35.59
CA LYS C 117 57.01 109.11 35.50
C LYS C 117 55.70 108.61 36.10
N GLU C 118 55.30 107.41 35.72
CA GLU C 118 54.02 106.83 36.13
C GLU C 118 54.13 106.07 37.45
N GLY C 119 55.25 105.35 37.64
CA GLY C 119 55.50 104.63 38.88
C GLY C 119 55.75 103.14 38.69
N PHE C 120 56.57 102.58 39.59
CA PHE C 120 56.85 101.15 39.61
C PHE C 120 57.02 100.63 41.04
N GLY C 121 56.98 99.31 41.19
CA GLY C 121 57.05 98.68 42.51
C GLY C 121 55.69 98.23 42.98
N HIS C 122 55.56 98.02 44.28
CA HIS C 122 54.29 97.56 44.87
C HIS C 122 53.94 98.31 46.15
N LEU C 123 52.64 98.45 46.38
CA LEU C 123 52.13 99.15 47.56
C LEU C 123 51.46 98.16 48.53
N SER C 124 51.96 98.13 49.75
CA SER C 124 51.46 97.22 50.78
C SER C 124 50.84 97.98 51.96
N PRO C 125 49.75 97.44 52.54
CA PRO C 125 49.11 98.06 53.71
C PRO C 125 50.00 98.10 54.94
N THR C 126 50.89 97.11 55.07
CA THR C 126 51.84 97.04 56.19
C THR C 126 53.05 97.94 55.96
N GLY C 127 53.31 98.27 54.70
CA GLY C 127 54.47 99.11 54.33
C GLY C 127 55.77 98.34 54.34
N THR C 128 55.76 97.18 53.68
CA THR C 128 56.93 96.30 53.63
C THR C 128 57.43 96.04 52.20
N THR C 129 56.89 96.79 51.24
CA THR C 129 57.25 96.62 49.83
C THR C 129 57.95 97.86 49.27
N GLU C 130 58.87 97.63 48.35
CA GLU C 130 59.61 98.70 47.69
C GLU C 130 58.82 99.29 46.52
N PHE C 131 58.80 100.62 46.43
CA PHE C 131 58.08 101.30 45.36
C PHE C 131 58.58 102.72 45.07
N TRP C 132 58.36 103.15 43.83
CA TRP C 132 58.50 104.54 43.44
C TRP C 132 57.15 104.98 42.88
N LEU C 133 56.56 106.01 43.50
CA LEU C 133 55.20 106.44 43.17
C LEU C 133 55.05 106.97 41.74
N GLY C 134 56.07 107.69 41.27
CA GLY C 134 56.06 108.25 39.92
C GLY C 134 56.11 109.76 39.94
N ASN C 135 57.05 110.31 39.16
CA ASN C 135 57.30 111.75 39.11
C ASN C 135 56.06 112.61 38.84
N GLU C 136 55.17 112.13 37.98
CA GLU C 136 53.93 112.82 37.65
C GLU C 136 53.01 112.93 38.86
N LYS C 137 52.95 111.87 39.66
CA LYS C 137 52.12 111.82 40.86
C LYS C 137 52.67 112.72 41.97
N ILE C 138 53.98 112.66 42.19
CA ILE C 138 54.67 113.47 43.20
C ILE C 138 54.50 114.97 42.93
N HIS C 139 54.61 115.35 41.66
CA HIS C 139 54.43 116.74 41.23
C HIS C 139 53.02 117.26 41.53
N LEU C 140 52.01 116.43 41.25
CA LEU C 140 50.60 116.81 41.46
C LEU C 140 50.25 116.97 42.95
N ILE C 141 50.87 116.17 43.80
CA ILE C 141 50.65 116.26 45.25
C ILE C 141 51.36 117.48 45.84
N SER C 142 52.63 117.65 45.47
CA SER C 142 53.48 118.71 46.03
C SER C 142 53.04 120.13 45.63
N THR C 143 52.60 120.29 44.39
CA THR C 143 52.25 121.62 43.85
C THR C 143 50.78 122.02 44.06
N GLN C 144 50.18 121.50 45.13
CA GLN C 144 48.82 121.91 45.52
C GLN C 144 48.87 123.31 46.14
N SER C 145 47.78 124.06 45.95
CA SER C 145 47.71 125.49 46.28
C SER C 145 48.14 125.86 47.70
N ALA C 146 48.69 127.07 47.82
CA ALA C 146 49.09 127.68 49.11
C ALA C 146 50.16 126.92 49.89
N ILE C 147 49.72 125.97 50.72
CA ILE C 147 50.60 125.29 51.68
C ILE C 147 51.63 124.38 51.00
N PRO C 148 52.93 124.63 51.25
CA PRO C 148 54.01 123.80 50.72
C PRO C 148 54.16 122.50 51.51
N TYR C 149 54.98 121.58 50.97
CA TYR C 149 55.18 120.27 51.58
C TYR C 149 56.58 120.10 52.16
N ALA C 150 56.66 119.33 53.25
CA ALA C 150 57.92 119.05 53.92
C ALA C 150 58.38 117.62 53.64
N LEU C 151 59.55 117.49 53.01
CA LEU C 151 60.13 116.20 52.70
C LEU C 151 60.88 115.64 53.91
N ARG C 152 60.64 114.38 54.22
CA ARG C 152 61.39 113.67 55.25
C ARG C 152 62.06 112.43 54.68
N VAL C 153 63.38 112.40 54.76
CA VAL C 153 64.18 111.28 54.28
C VAL C 153 64.64 110.43 55.47
N GLU C 154 64.05 109.24 55.60
CA GLU C 154 64.42 108.31 56.66
C GLU C 154 65.38 107.25 56.15
N LEU C 155 66.51 107.10 56.84
CA LEU C 155 67.55 106.17 56.45
C LEU C 155 67.86 105.18 57.56
N GLU C 156 68.11 103.93 57.19
CA GLU C 156 68.49 102.89 58.14
C GLU C 156 69.61 102.02 57.58
N ASP C 157 70.68 101.90 58.34
CA ASP C 157 71.83 101.07 57.96
C ASP C 157 71.61 99.60 58.35
N TRP C 158 72.66 98.80 58.21
CA TRP C 158 72.59 97.36 58.49
C TRP C 158 72.87 97.04 59.96
N ASN C 159 73.26 98.06 60.73
CA ASN C 159 73.53 97.90 62.16
C ASN C 159 72.31 98.16 63.03
N GLY C 160 71.35 98.92 62.50
CA GLY C 160 70.10 99.21 63.20
C GLY C 160 69.87 100.68 63.51
N ARG C 161 70.85 101.51 63.16
CA ARG C 161 70.77 102.96 63.39
C ARG C 161 69.83 103.63 62.40
N THR C 162 69.14 104.68 62.86
CA THR C 162 68.22 105.44 62.03
C THR C 162 68.53 106.93 62.04
N SER C 163 68.44 107.56 60.87
CA SER C 163 68.69 108.99 60.72
C SER C 163 67.67 109.66 59.81
N THR C 164 67.27 110.87 60.17
CA THR C 164 66.25 111.61 59.40
C THR C 164 66.82 112.88 58.75
N ALA C 165 66.27 113.23 57.59
CA ALA C 165 66.66 114.44 56.87
C ALA C 165 65.43 115.20 56.38
N ASP C 166 65.25 116.42 56.90
CA ASP C 166 64.08 117.23 56.59
C ASP C 166 64.37 118.37 55.63
N TYR C 167 63.45 118.60 54.70
CA TYR C 167 63.56 119.67 53.71
C TYR C 167 62.25 120.46 53.60
N ALA C 168 62.36 121.77 53.72
CA ALA C 168 61.20 122.67 53.70
C ALA C 168 60.88 123.15 52.28
N MET C 169 59.60 123.37 52.02
CA MET C 169 59.09 123.82 50.72
C MET C 169 59.51 122.91 49.56
N PHE C 170 59.34 121.60 49.77
CA PHE C 170 59.68 120.58 48.78
C PHE C 170 58.71 120.63 47.60
N LYS C 171 59.26 120.80 46.40
CA LYS C 171 58.48 120.88 45.17
C LYS C 171 59.13 120.13 44.02
N VAL C 172 58.31 119.37 43.29
CA VAL C 172 58.74 118.71 42.06
C VAL C 172 58.04 119.40 40.89
N GLY C 173 58.82 119.85 39.92
CA GLY C 173 58.30 120.57 38.75
C GLY C 173 57.54 119.67 37.78
N PRO C 174 56.95 120.28 36.73
CA PRO C 174 56.19 119.53 35.73
C PRO C 174 57.10 118.73 34.78
N GLU C 175 56.49 117.96 33.88
CA GLU C 175 57.22 117.16 32.90
C GLU C 175 57.97 118.05 31.89
N ALA C 176 57.42 119.23 31.62
CA ALA C 176 58.04 120.20 30.72
C ALA C 176 59.36 120.75 31.29
N ASP C 177 59.45 120.82 32.62
CA ASP C 177 60.66 121.25 33.30
C ASP C 177 61.51 120.03 33.72
N LYS C 178 61.12 118.86 33.21
CA LYS C 178 61.81 117.58 33.47
C LYS C 178 61.84 117.20 34.95
N TYR C 179 60.75 117.49 35.66
CA TYR C 179 60.58 117.20 37.08
C TYR C 179 61.76 117.67 37.94
N ARG C 180 61.83 118.99 38.13
CA ARG C 180 62.94 119.61 38.85
C ARG C 180 62.74 119.57 40.36
N LEU C 181 63.77 119.12 41.08
CA LEU C 181 63.77 119.08 42.53
C LEU C 181 64.11 120.46 43.10
N THR C 182 63.14 121.07 43.78
CA THR C 182 63.32 122.40 44.36
C THR C 182 62.85 122.48 45.82
N TYR C 183 63.66 123.12 46.65
CA TYR C 183 63.33 123.36 48.05
C TYR C 183 63.92 124.69 48.53
N ALA C 184 63.32 125.26 49.57
CA ALA C 184 63.78 126.54 50.11
C ALA C 184 65.05 126.41 50.96
N TYR C 185 64.95 125.63 52.04
CA TYR C 185 66.09 125.44 52.95
C TYR C 185 66.10 124.05 53.59
N PHE C 186 67.27 123.67 54.10
CA PHE C 186 67.44 122.43 54.85
C PHE C 186 66.95 122.63 56.29
N ALA C 187 65.88 121.92 56.65
CA ALA C 187 65.22 122.09 57.95
C ALA C 187 66.02 121.52 59.12
N GLY C 188 66.76 120.44 58.87
CA GLY C 188 67.58 119.82 59.90
C GLY C 188 67.59 118.30 59.84
N GLY C 189 68.18 117.68 60.86
CA GLY C 189 68.29 116.23 60.95
C GLY C 189 69.71 115.74 61.10
N ASP C 190 69.86 114.55 61.67
CA ASP C 190 71.18 113.96 61.92
C ASP C 190 71.76 113.23 60.70
N ALA C 191 70.96 113.06 59.66
CA ALA C 191 71.41 112.44 58.41
C ALA C 191 72.29 113.39 57.61
N GLY C 192 72.04 114.69 57.73
CA GLY C 192 72.83 115.71 57.04
C GLY C 192 72.22 116.17 55.73
N ASP C 193 72.73 117.28 55.22
CA ASP C 193 72.25 117.89 53.98
C ASP C 193 73.09 117.42 52.79
N ALA C 194 72.64 116.34 52.15
CA ALA C 194 73.33 115.78 50.99
C ALA C 194 72.88 116.41 49.67
N PHE C 195 71.69 117.02 49.68
CA PHE C 195 71.17 117.71 48.50
C PHE C 195 71.90 119.04 48.23
N ASP C 196 72.67 119.49 49.23
CA ASP C 196 73.50 120.69 49.09
C ASP C 196 74.84 120.36 48.43
N GLY C 197 75.21 119.08 48.48
CA GLY C 197 76.50 118.62 47.94
C GLY C 197 77.43 118.17 49.05
N PHE C 198 78.52 117.49 48.66
CA PHE C 198 79.49 116.98 49.61
C PHE C 198 80.92 117.12 49.09
N ASP C 199 81.81 117.54 49.98
CA ASP C 199 83.24 117.62 49.68
C ASP C 199 83.89 116.25 49.84
N PHE C 200 83.96 115.50 48.75
CA PHE C 200 84.52 114.15 48.74
C PHE C 200 86.04 114.15 48.86
N GLY C 201 86.68 115.16 48.28
CA GLY C 201 88.13 115.31 48.34
C GLY C 201 88.83 115.08 47.00
N ASP C 202 88.12 114.44 46.07
CA ASP C 202 88.66 114.13 44.73
C ASP C 202 88.96 115.40 43.93
N ASP C 203 88.10 116.40 44.07
CA ASP C 203 88.24 117.67 43.37
C ASP C 203 87.58 118.79 44.19
N PRO C 204 88.13 120.02 44.14
CA PRO C 204 87.50 121.17 44.81
C PRO C 204 86.11 121.51 44.25
N SER C 205 85.73 120.88 43.14
CA SER C 205 84.43 121.12 42.50
C SER C 205 83.38 120.07 42.87
N ASP C 206 83.72 119.20 43.82
CA ASP C 206 82.81 118.13 44.24
C ASP C 206 81.54 118.64 44.92
N LYS C 207 81.70 119.64 45.79
CA LYS C 207 80.57 120.23 46.52
C LYS C 207 79.54 120.87 45.58
N PHE C 208 80.04 121.49 44.53
CA PHE C 208 79.19 122.17 43.54
C PHE C 208 78.49 121.20 42.60
N PHE C 209 79.20 120.13 42.20
CA PHE C 209 78.70 119.19 41.20
C PHE C 209 77.94 117.98 41.75
N THR C 210 77.76 117.94 43.07
CA THR C 210 76.98 116.86 43.70
C THR C 210 75.70 117.37 44.37
N SER C 211 75.43 118.66 44.20
CA SER C 211 74.22 119.29 44.74
C SER C 211 72.99 118.92 43.92
N HIS C 212 71.88 118.64 44.61
CA HIS C 212 70.63 118.26 43.96
C HIS C 212 69.59 119.39 43.97
N LYS C 213 69.94 120.49 44.64
CA LYS C 213 69.06 121.66 44.74
C LYS C 213 68.91 122.34 43.39
N GLY C 214 67.72 122.26 42.81
CA GLY C 214 67.43 122.85 41.50
C GLY C 214 67.94 122.02 40.35
N MET C 215 67.82 120.70 40.47
CA MET C 215 68.30 119.77 39.44
C MET C 215 67.16 118.97 38.82
N GLN C 216 67.25 118.78 37.50
CA GLN C 216 66.23 118.05 36.74
C GLN C 216 66.39 116.55 36.88
N PHE C 217 65.28 115.82 36.80
CA PHE C 217 65.27 114.37 36.89
C PHE C 217 65.87 113.73 35.64
N SER C 218 66.62 112.65 35.83
CA SER C 218 67.32 111.99 34.72
C SER C 218 67.22 110.47 34.78
N THR C 219 66.92 109.88 33.63
CA THR C 219 66.94 108.43 33.44
C THR C 219 67.95 108.08 32.35
N TRP C 220 68.12 106.79 32.08
CA TRP C 220 69.09 106.33 31.06
C TRP C 220 68.69 106.75 29.64
N ASP C 221 67.38 106.83 29.39
CA ASP C 221 66.85 107.21 28.08
C ASP C 221 66.59 108.71 27.97
N ASN C 222 66.51 109.40 29.11
CA ASN C 222 66.32 110.85 29.15
C ASN C 222 67.38 111.54 29.99
N ASP C 223 68.39 112.10 29.33
CA ASP C 223 69.52 112.73 29.99
C ASP C 223 69.27 114.22 30.25
N ASN C 224 69.38 114.62 31.52
CA ASN C 224 69.15 116.00 31.93
C ASN C 224 70.12 116.49 33.02
N ASP C 225 71.28 115.85 33.12
CA ASP C 225 72.29 116.20 34.13
C ASP C 225 73.32 117.21 33.60
N LYS C 226 74.17 117.71 34.49
CA LYS C 226 75.23 118.66 34.13
C LYS C 226 76.54 117.95 33.78
N PHE C 227 76.43 116.71 33.29
CA PHE C 227 77.59 115.90 32.93
C PHE C 227 77.58 115.57 31.43
N GLU C 228 78.78 115.48 30.85
CA GLU C 228 78.97 115.20 29.43
C GLU C 228 78.36 113.87 29.00
N GLY C 229 78.58 112.84 29.81
CA GLY C 229 77.99 111.52 29.59
C GLY C 229 76.64 111.39 30.28
N ASN C 230 76.31 110.17 30.69
CA ASN C 230 75.04 109.90 31.34
C ASN C 230 75.23 109.34 32.76
N CYS C 231 74.89 110.16 33.75
CA CYS C 231 75.00 109.78 35.17
C CYS C 231 74.00 108.70 35.56
N ALA C 232 72.81 108.79 35.00
CA ALA C 232 71.71 107.87 35.31
C ALA C 232 71.90 106.49 34.68
N GLU C 233 72.63 106.44 33.56
CA GLU C 233 72.91 105.19 32.86
C GLU C 233 74.11 104.46 33.50
N GLN C 234 75.13 105.23 33.87
CA GLN C 234 76.33 104.67 34.51
C GLN C 234 76.04 104.09 35.88
N ASP C 235 75.17 104.77 36.63
CA ASP C 235 74.80 104.33 37.98
C ASP C 235 73.58 103.39 37.98
N GLY C 236 72.86 103.36 36.84
CA GLY C 236 71.74 102.46 36.66
C GLY C 236 70.53 102.77 37.53
N SER C 237 70.08 104.01 37.48
CA SER C 237 68.95 104.48 38.30
C SER C 237 68.27 105.71 37.69
N GLY C 238 67.17 106.13 38.30
CA GLY C 238 66.49 107.36 37.94
C GLY C 238 66.57 108.34 39.10
N TRP C 239 67.28 109.44 38.91
CA TRP C 239 67.54 110.41 39.97
C TRP C 239 67.75 111.82 39.42
N TRP C 240 67.59 112.82 40.28
CA TRP C 240 67.88 114.21 39.94
C TRP C 240 69.39 114.42 39.85
N MET C 241 69.99 113.86 38.80
CA MET C 241 71.44 113.81 38.64
C MET C 241 72.07 115.17 38.33
N ASN C 242 73.25 115.39 38.91
CA ASN C 242 74.04 116.60 38.65
C ASN C 242 75.34 116.23 37.93
N LYS C 243 76.38 115.90 38.70
CA LYS C 243 77.66 115.42 38.16
C LYS C 243 78.47 114.67 39.24
N CYS C 244 77.93 113.59 39.80
CA CYS C 244 76.59 113.10 39.50
C CYS C 244 75.64 113.23 40.68
N HIS C 245 76.08 112.78 41.86
CA HIS C 245 75.24 112.79 43.06
C HIS C 245 76.02 112.73 44.38
N ALA C 246 75.37 113.16 45.46
CA ALA C 246 75.87 112.97 46.82
C ALA C 246 74.89 112.07 47.58
N GLY C 247 73.61 112.21 47.27
CA GLY C 247 72.55 111.35 47.79
C GLY C 247 71.92 110.56 46.65
N HIS C 248 71.91 109.24 46.77
CA HIS C 248 71.48 108.36 45.70
C HIS C 248 70.54 107.28 46.22
N LEU C 249 69.30 107.68 46.51
CA LEU C 249 68.34 106.81 47.20
C LEU C 249 67.65 105.80 46.29
N ASN C 250 67.70 106.04 44.97
CA ASN C 250 67.13 105.12 43.99
C ASN C 250 68.17 104.17 43.39
N GLY C 251 69.33 104.09 44.04
CA GLY C 251 70.46 103.31 43.53
C GLY C 251 70.35 101.81 43.64
N VAL C 252 71.45 101.13 43.33
CA VAL C 252 71.52 99.67 43.36
C VAL C 252 71.62 99.16 44.80
N TYR C 253 70.76 98.22 45.15
CA TYR C 253 70.74 97.63 46.49
C TYR C 253 71.88 96.64 46.67
N TYR C 254 72.89 97.04 47.44
CA TYR C 254 74.01 96.16 47.77
C TYR C 254 73.77 95.47 49.10
N GLN C 255 73.85 94.14 49.09
CA GLN C 255 73.60 93.33 50.29
C GLN C 255 74.80 93.38 51.23
N GLY C 256 74.53 93.65 52.51
CA GLY C 256 75.58 93.77 53.51
C GLY C 256 75.86 95.21 53.89
N GLY C 257 75.97 96.07 52.88
CA GLY C 257 76.22 97.50 53.09
C GLY C 257 77.49 97.98 52.41
N THR C 258 78.62 97.43 52.84
CA THR C 258 79.93 97.82 52.31
C THR C 258 80.21 97.17 50.95
N TYR C 259 80.39 98.00 49.94
CA TYR C 259 80.75 97.55 48.60
C TYR C 259 81.92 98.37 48.05
N SER C 260 82.81 97.71 47.32
CA SER C 260 84.00 98.36 46.77
C SER C 260 83.80 98.80 45.32
N LYS C 261 84.84 99.41 44.75
CA LYS C 261 84.83 99.86 43.35
C LYS C 261 84.83 98.68 42.38
N ALA C 262 85.34 97.54 42.84
CA ALA C 262 85.40 96.31 42.05
C ALA C 262 84.01 95.72 41.77
N SER C 263 83.07 95.96 42.69
CA SER C 263 81.69 95.50 42.54
C SER C 263 80.92 96.31 41.50
N THR C 264 81.34 97.56 41.30
CA THR C 264 80.72 98.46 40.33
C THR C 264 81.16 98.12 38.90
N PRO C 265 80.19 98.02 37.97
CA PRO C 265 80.51 97.76 36.56
C PRO C 265 81.24 98.90 35.86
N ASN C 266 81.00 100.14 36.29
CA ASN C 266 81.61 101.32 35.67
C ASN C 266 82.86 101.83 36.40
N GLY C 267 82.83 101.76 37.73
CA GLY C 267 83.91 102.27 38.57
C GLY C 267 83.49 103.48 39.39
N TYR C 268 82.20 103.75 39.42
CA TYR C 268 81.64 104.87 40.16
C TYR C 268 80.50 104.41 41.07
N ASP C 269 80.56 104.79 42.34
CA ASP C 269 79.53 104.44 43.33
C ASP C 269 78.11 104.58 42.80
N ASN C 270 77.32 103.53 42.96
CA ASN C 270 75.96 103.48 42.44
C ASN C 270 74.94 102.92 43.43
N GLY C 271 75.41 102.61 44.63
CA GLY C 271 74.54 102.09 45.69
C GLY C 271 73.70 103.17 46.34
N ILE C 272 72.82 102.74 47.26
CA ILE C 272 71.98 103.68 48.01
C ILE C 272 72.83 104.45 49.01
N ILE C 273 73.32 105.61 48.60
CA ILE C 273 74.25 106.39 49.41
C ILE C 273 73.67 107.72 49.92
N TRP C 274 74.25 108.21 51.00
CA TRP C 274 73.92 109.52 51.57
C TRP C 274 75.19 110.03 52.23
N ALA C 275 76.00 110.74 51.43
CA ALA C 275 77.38 111.12 51.78
C ALA C 275 77.56 111.83 53.12
N THR C 276 76.54 112.58 53.55
CA THR C 276 76.62 113.35 54.78
C THR C 276 76.49 112.49 56.06
N TRP C 277 75.99 111.27 55.90
CA TRP C 277 75.82 110.36 57.04
C TRP C 277 76.81 109.20 57.02
N LYS C 278 76.93 108.55 55.86
CA LYS C 278 77.86 107.44 55.68
C LYS C 278 78.86 107.71 54.56
N THR C 279 79.85 106.82 54.41
CA THR C 279 80.87 106.93 53.38
C THR C 279 80.29 106.71 51.97
N ARG C 280 81.07 107.10 50.96
CA ARG C 280 80.68 106.97 49.55
C ARG C 280 80.39 105.52 49.14
N TRP C 281 81.09 104.58 49.79
CA TRP C 281 80.97 103.17 49.44
C TRP C 281 80.15 102.37 50.48
N TYR C 282 78.99 102.91 50.81
CA TYR C 282 78.07 102.26 51.76
C TYR C 282 76.62 102.37 51.30
N SER C 283 75.97 101.22 51.12
CA SER C 283 74.57 101.18 50.70
C SER C 283 73.65 101.00 51.90
N MET C 284 72.55 101.74 51.91
CA MET C 284 71.58 101.71 53.01
C MET C 284 70.68 100.48 52.94
N LYS C 285 70.28 100.00 54.11
CA LYS C 285 69.36 98.86 54.21
C LYS C 285 67.91 99.31 53.96
N LYS C 286 67.50 100.37 54.65
CA LYS C 286 66.14 100.91 54.50
C LYS C 286 66.15 102.40 54.18
N THR C 287 65.32 102.78 53.21
CA THR C 287 65.20 104.18 52.78
C THR C 287 63.74 104.54 52.58
N THR C 288 63.32 105.68 53.14
CA THR C 288 61.94 106.14 53.06
C THR C 288 61.86 107.63 52.73
N MET C 289 61.11 107.96 51.68
CA MET C 289 60.85 109.35 51.31
C MET C 289 59.36 109.65 51.44
N LYS C 290 59.01 110.54 52.36
CA LYS C 290 57.62 110.88 52.64
C LYS C 290 57.40 112.39 52.77
N ILE C 291 56.24 112.85 52.33
CA ILE C 291 55.90 114.28 52.36
C ILE C 291 54.63 114.60 53.14
N ILE C 292 54.61 115.77 53.77
CA ILE C 292 53.47 116.24 54.55
C ILE C 292 53.37 117.77 54.42
N PRO C 293 52.13 118.32 54.46
CA PRO C 293 51.97 119.78 54.51
C PRO C 293 52.79 120.40 55.64
N PHE C 294 53.45 121.52 55.35
CA PHE C 294 54.43 122.12 56.25
C PHE C 294 53.84 122.77 57.51
N ASN C 295 52.51 122.93 57.53
CA ASN C 295 51.81 123.47 58.70
C ASN C 295 51.64 122.43 59.82
N ARG C 296 52.01 121.18 59.52
CA ARG C 296 51.84 120.08 60.47
C ARG C 296 52.96 120.02 61.52
N LEU C 297 54.13 120.57 61.18
CA LEU C 297 55.25 120.68 62.11
C LEU C 297 55.26 122.06 62.76
N THR C 298 54.09 122.50 63.21
CA THR C 298 53.89 123.83 63.78
C THR C 298 53.04 123.76 65.05
N ILE C 299 53.23 124.73 65.95
CA ILE C 299 52.56 124.80 67.26
C ILE C 299 52.76 123.53 68.07
N VAL D 5 -76.42 -141.13 -39.39
CA VAL D 5 -75.39 -140.64 -40.32
C VAL D 5 -75.70 -139.19 -40.71
N GLN D 6 -76.96 -138.80 -40.57
CA GLN D 6 -77.43 -137.44 -40.83
C GLN D 6 -76.79 -136.43 -39.87
N HIS D 7 -76.43 -136.89 -38.68
CA HIS D 7 -75.73 -136.07 -37.69
C HIS D 7 -74.30 -135.74 -38.11
N ILE D 8 -73.63 -136.71 -38.73
CA ILE D 8 -72.26 -136.54 -39.24
C ILE D 8 -72.23 -135.50 -40.36
N GLN D 9 -73.19 -135.60 -41.28
CA GLN D 9 -73.30 -134.68 -42.42
C GLN D 9 -73.43 -133.22 -41.99
N LEU D 10 -74.16 -132.98 -40.91
CA LEU D 10 -74.31 -131.65 -40.34
C LEU D 10 -73.03 -131.18 -39.67
N LEU D 11 -72.35 -132.11 -38.99
CA LEU D 11 -71.06 -131.84 -38.34
C LEU D 11 -69.96 -131.51 -39.35
N GLN D 12 -69.96 -132.22 -40.48
CA GLN D 12 -69.01 -131.97 -41.57
C GLN D 12 -69.21 -130.59 -42.17
N LYS D 13 -70.47 -130.16 -42.27
CA LYS D 13 -70.84 -128.83 -42.74
C LYS D 13 -70.47 -127.77 -41.69
N ASN D 14 -70.66 -128.10 -40.42
CA ASN D 14 -70.40 -127.19 -39.31
C ASN D 14 -68.91 -126.91 -39.06
N VAL D 15 -68.08 -127.94 -39.12
CA VAL D 15 -66.65 -127.80 -38.89
C VAL D 15 -65.92 -127.07 -40.02
N ARG D 16 -66.43 -127.24 -41.25
CA ARG D 16 -65.89 -126.56 -42.42
C ARG D 16 -66.22 -125.07 -42.39
N ALA D 17 -67.42 -124.75 -41.91
CA ALA D 17 -67.85 -123.37 -41.74
C ALA D 17 -67.09 -122.68 -40.60
N GLN D 18 -66.70 -123.47 -39.60
CA GLN D 18 -65.93 -122.97 -38.46
C GLN D 18 -64.47 -122.75 -38.82
N LEU D 19 -63.94 -123.60 -39.71
CA LEU D 19 -62.57 -123.47 -40.20
C LEU D 19 -62.36 -122.22 -41.03
N VAL D 20 -63.38 -121.85 -41.81
CA VAL D 20 -63.36 -120.60 -42.59
C VAL D 20 -63.55 -119.40 -41.65
N ASP D 21 -64.39 -119.57 -40.63
CA ASP D 21 -64.64 -118.53 -39.64
C ASP D 21 -63.41 -118.25 -38.76
N MET D 22 -62.67 -119.31 -38.43
CA MET D 22 -61.46 -119.19 -37.61
C MET D 22 -60.27 -118.67 -38.40
N LYS D 23 -60.22 -118.99 -39.69
CA LYS D 23 -59.15 -118.51 -40.57
C LYS D 23 -59.28 -117.00 -40.79
N ARG D 24 -60.52 -116.53 -40.89
CA ARG D 24 -60.81 -115.10 -40.99
C ARG D 24 -60.53 -114.39 -39.67
N LEU D 25 -60.78 -115.09 -38.57
CA LEU D 25 -60.57 -114.55 -37.22
C LEU D 25 -59.08 -114.37 -36.90
N GLU D 26 -58.26 -115.33 -37.34
CA GLU D 26 -56.81 -115.27 -37.15
C GLU D 26 -56.17 -114.09 -37.89
N VAL D 27 -56.68 -113.80 -39.09
CA VAL D 27 -56.21 -112.67 -39.89
C VAL D 27 -56.73 -111.35 -39.33
N ASP D 28 -57.99 -111.34 -38.93
CA ASP D 28 -58.65 -110.15 -38.36
C ASP D 28 -57.97 -109.67 -37.07
N ILE D 29 -57.61 -110.63 -36.21
CA ILE D 29 -56.92 -110.33 -34.96
C ILE D 29 -55.47 -109.88 -35.21
N ASP D 30 -54.84 -110.47 -36.23
CA ASP D 30 -53.48 -110.12 -36.61
C ASP D 30 -53.38 -108.66 -37.08
N ILE D 31 -54.36 -108.22 -37.88
CA ILE D 31 -54.40 -106.85 -38.38
C ILE D 31 -54.70 -105.86 -37.26
N LYS D 32 -55.63 -106.24 -36.37
CA LYS D 32 -56.05 -105.36 -35.27
C LYS D 32 -55.03 -105.23 -34.14
N ILE D 33 -54.28 -106.31 -33.87
CA ILE D 33 -53.19 -106.27 -32.88
C ILE D 33 -52.05 -105.38 -33.39
N ARG D 34 -51.75 -105.51 -34.69
CA ARG D 34 -50.72 -104.70 -35.33
C ARG D 34 -51.12 -103.22 -35.38
N SER D 35 -52.42 -102.96 -35.49
CA SER D 35 -52.95 -101.59 -35.54
C SER D 35 -52.90 -100.88 -34.19
N CYS D 36 -52.34 -101.55 -33.18
CA CYS D 36 -52.16 -100.98 -31.86
C CYS D 36 -50.70 -100.54 -31.64
N ARG D 37 -49.86 -100.72 -32.66
CA ARG D 37 -48.46 -100.32 -32.61
C ARG D 37 -48.31 -98.80 -32.61
N GLY D 38 -49.19 -98.12 -33.35
CA GLY D 38 -49.18 -96.66 -33.42
C GLY D 38 -50.15 -96.00 -32.46
N SER D 39 -50.51 -96.72 -31.39
CA SER D 39 -51.43 -96.21 -30.38
C SER D 39 -51.01 -96.59 -28.97
N CYS D 40 -50.56 -97.84 -28.81
CA CYS D 40 -50.22 -98.39 -27.50
C CYS D 40 -48.71 -98.50 -27.29
N SER D 41 -48.30 -98.79 -26.07
CA SER D 41 -46.88 -98.85 -25.68
C SER D 41 -46.05 -99.77 -26.59
N ARG D 42 -46.53 -101.00 -26.79
CA ARG D 42 -45.88 -101.95 -27.69
C ARG D 42 -46.87 -102.90 -28.35
N ALA D 43 -46.52 -103.37 -29.55
CA ALA D 43 -47.32 -104.35 -30.28
C ALA D 43 -46.81 -105.76 -29.98
N LEU D 44 -47.74 -106.68 -29.76
CA LEU D 44 -47.41 -108.07 -29.49
C LEU D 44 -46.83 -108.75 -30.73
N ALA D 45 -45.56 -109.12 -30.65
CA ALA D 45 -44.87 -109.79 -31.76
C ALA D 45 -45.40 -111.22 -31.91
N ARG D 46 -46.02 -111.48 -33.05
CA ARG D 46 -46.68 -112.77 -33.29
C ARG D 46 -46.57 -113.25 -34.74
N GLU D 47 -46.74 -114.55 -34.93
CA GLU D 47 -46.69 -115.18 -36.24
C GLU D 47 -48.07 -115.72 -36.63
N VAL D 48 -48.34 -115.72 -37.93
CA VAL D 48 -49.61 -116.25 -38.45
C VAL D 48 -49.37 -117.52 -39.25
N ASP D 49 -50.04 -118.61 -38.85
CA ASP D 49 -49.88 -119.90 -39.51
C ASP D 49 -51.11 -120.27 -40.33
N LEU D 50 -51.11 -119.86 -41.59
CA LEU D 50 -52.18 -120.17 -42.54
C LEU D 50 -52.10 -121.62 -43.01
N LYS D 51 -50.89 -122.17 -42.98
CA LYS D 51 -50.63 -123.53 -43.45
C LYS D 51 -51.39 -124.59 -42.64
N ASP D 52 -51.47 -124.39 -41.32
CA ASP D 52 -52.16 -125.33 -40.43
C ASP D 52 -53.67 -125.35 -40.67
N TYR D 53 -54.23 -124.20 -41.01
CA TYR D 53 -55.65 -124.08 -41.35
C TYR D 53 -55.94 -124.71 -42.71
N GLU D 54 -55.04 -124.48 -43.67
CA GLU D 54 -55.18 -124.98 -45.04
C GLU D 54 -55.02 -126.51 -45.12
N ASP D 55 -54.14 -127.06 -44.29
CA ASP D 55 -53.93 -128.50 -44.22
C ASP D 55 -55.12 -129.21 -43.58
N GLN D 56 -55.79 -128.54 -42.65
CA GLN D 56 -56.98 -129.08 -41.98
C GLN D 56 -58.23 -128.98 -42.85
N GLN D 57 -58.24 -128.01 -43.77
CA GLN D 57 -59.34 -127.83 -44.71
C GLN D 57 -59.32 -128.89 -45.82
N LYS D 58 -58.13 -129.19 -46.32
CA LYS D 58 -57.96 -130.16 -47.41
C LYS D 58 -58.08 -131.61 -46.95
N GLN D 59 -57.74 -131.88 -45.70
CA GLN D 59 -57.89 -133.22 -45.13
C GLN D 59 -59.35 -133.55 -44.80
N LEU D 60 -60.15 -132.50 -44.62
CA LEU D 60 -61.58 -132.63 -44.35
C LEU D 60 -62.35 -132.92 -45.64
N GLU D 61 -61.78 -132.52 -46.78
CA GLU D 61 -62.39 -132.76 -48.09
C GLU D 61 -62.35 -134.24 -48.47
N GLN D 62 -61.36 -134.97 -47.95
CA GLN D 62 -61.26 -136.42 -48.12
C GLN D 62 -62.34 -137.13 -47.29
N VAL D 63 -62.71 -136.51 -46.16
CA VAL D 63 -63.75 -137.03 -45.29
C VAL D 63 -65.14 -136.84 -45.92
N ILE D 64 -65.37 -135.66 -46.50
CA ILE D 64 -66.64 -135.34 -47.17
C ILE D 64 -66.75 -136.08 -48.50
N ALA D 65 -65.77 -135.89 -49.38
CA ALA D 65 -65.76 -136.53 -50.69
C ALA D 65 -64.85 -137.75 -50.70
N THR E 8 -71.67 -157.08 -39.53
CA THR E 8 -72.21 -156.06 -40.46
C THR E 8 -71.14 -155.02 -40.79
N VAL E 9 -70.37 -155.29 -41.84
CA VAL E 9 -69.24 -154.45 -42.30
C VAL E 9 -68.26 -154.07 -41.17
N ASN E 10 -67.38 -153.10 -41.44
CA ASN E 10 -66.53 -152.55 -40.39
C ASN E 10 -66.60 -151.02 -40.32
N SER E 11 -66.65 -150.51 -39.09
CA SER E 11 -66.90 -149.09 -38.84
C SER E 11 -65.88 -148.15 -39.50
N ASN E 12 -66.33 -147.48 -40.56
CA ASN E 12 -65.53 -146.48 -41.27
C ASN E 12 -65.82 -145.07 -40.74
N ILE E 13 -66.78 -144.98 -39.82
CA ILE E 13 -67.10 -143.72 -39.14
C ILE E 13 -66.00 -143.34 -38.12
N PRO E 14 -65.40 -144.34 -37.44
CA PRO E 14 -64.11 -144.11 -36.79
C PRO E 14 -63.00 -143.89 -37.82
N THR E 15 -61.77 -143.63 -37.36
CA THR E 15 -60.68 -143.11 -38.20
C THR E 15 -61.19 -142.01 -39.15
N ASN E 16 -62.20 -141.30 -38.66
CA ASN E 16 -62.94 -140.28 -39.40
C ASN E 16 -63.54 -139.32 -38.38
N LEU E 17 -64.13 -139.88 -37.33
CA LEU E 17 -64.60 -139.10 -36.18
C LEU E 17 -63.42 -138.55 -35.37
N ARG E 18 -62.32 -139.31 -35.35
CA ARG E 18 -61.08 -138.88 -34.72
C ARG E 18 -60.41 -137.77 -35.51
N VAL E 19 -60.69 -137.72 -36.82
CA VAL E 19 -60.25 -136.62 -37.68
C VAL E 19 -61.08 -135.37 -37.35
N LEU E 20 -62.38 -135.57 -37.13
CA LEU E 20 -63.26 -134.50 -36.66
C LEU E 20 -62.90 -134.03 -35.26
N ARG E 21 -62.44 -134.97 -34.42
CA ARG E 21 -61.96 -134.65 -33.08
C ARG E 21 -60.63 -133.89 -33.15
N SER E 22 -59.75 -134.30 -34.06
CA SER E 22 -58.44 -133.68 -34.23
C SER E 22 -58.53 -132.21 -34.66
N ILE E 23 -59.53 -131.89 -35.47
CA ILE E 23 -59.73 -130.52 -35.95
C ILE E 23 -60.40 -129.65 -34.89
N LEU E 24 -61.48 -130.16 -34.29
CA LEU E 24 -62.24 -129.42 -33.27
C LEU E 24 -61.43 -129.10 -32.01
N GLU E 25 -60.56 -130.01 -31.60
CA GLU E 25 -59.69 -129.81 -30.45
C GLU E 25 -58.50 -128.91 -30.79
N ASN E 26 -58.10 -128.91 -32.06
CA ASN E 26 -57.06 -128.02 -32.56
C ASN E 26 -57.54 -126.58 -32.63
N LEU E 27 -58.81 -126.41 -33.00
CA LEU E 27 -59.43 -125.08 -33.07
C LEU E 27 -59.66 -124.49 -31.68
N ARG E 28 -59.96 -125.35 -30.71
CA ARG E 28 -60.17 -124.92 -29.31
C ARG E 28 -58.89 -124.34 -28.72
N SER E 29 -57.75 -124.97 -29.04
CA SER E 29 -56.44 -124.50 -28.59
C SER E 29 -56.06 -123.19 -29.29
N LYS E 30 -56.55 -123.01 -30.51
CA LYS E 30 -56.30 -121.80 -31.28
C LYS E 30 -57.19 -120.64 -30.84
N ILE E 31 -58.37 -120.95 -30.31
CA ILE E 31 -59.25 -119.96 -29.69
C ILE E 31 -58.59 -119.43 -28.41
N GLN E 32 -58.02 -120.35 -27.64
CA GLN E 32 -57.27 -120.01 -26.43
C GLN E 32 -56.00 -119.21 -26.75
N LYS E 33 -55.35 -119.56 -27.86
CA LYS E 33 -54.16 -118.86 -28.34
C LYS E 33 -54.49 -117.41 -28.70
N LEU E 34 -55.61 -117.20 -29.39
CA LEU E 34 -56.08 -115.87 -29.77
C LEU E 34 -56.60 -115.09 -28.56
N GLU E 35 -57.21 -115.80 -27.61
CA GLU E 35 -57.66 -115.20 -26.35
C GLU E 35 -56.49 -114.67 -25.53
N SER E 36 -55.38 -115.40 -25.54
CA SER E 36 -54.15 -114.98 -24.87
C SER E 36 -53.46 -113.84 -25.61
N ASP E 37 -53.63 -113.79 -26.92
CA ASP E 37 -53.07 -112.73 -27.76
C ASP E 37 -53.80 -111.40 -27.58
N VAL E 38 -55.11 -111.46 -27.44
CA VAL E 38 -55.94 -110.27 -27.25
C VAL E 38 -55.78 -109.71 -25.83
N SER E 39 -55.80 -110.62 -24.84
CA SER E 39 -55.67 -110.24 -23.42
C SER E 39 -54.32 -109.60 -23.10
N ALA E 40 -53.29 -109.99 -23.83
CA ALA E 40 -51.96 -109.40 -23.68
C ALA E 40 -51.92 -107.97 -24.23
N GLN E 41 -52.51 -107.78 -25.41
CA GLN E 41 -52.55 -106.47 -26.07
C GLN E 41 -53.41 -105.46 -25.29
N MET E 42 -54.47 -105.96 -24.64
CA MET E 42 -55.34 -105.13 -23.80
C MET E 42 -54.57 -104.50 -22.64
N GLU E 43 -53.56 -105.22 -22.14
CA GLU E 43 -52.73 -104.73 -21.04
C GLU E 43 -51.65 -103.77 -21.53
N TYR E 44 -51.19 -103.95 -22.76
CA TYR E 44 -50.20 -103.06 -23.36
C TYR E 44 -50.83 -101.72 -23.77
N CYS E 45 -52.15 -101.71 -23.88
CA CYS E 45 -52.89 -100.51 -24.30
C CYS E 45 -53.40 -99.66 -23.14
N ARG E 46 -52.95 -99.98 -21.93
CA ARG E 46 -53.21 -99.15 -20.76
C ARG E 46 -52.35 -97.89 -20.83
N THR E 47 -51.13 -98.06 -21.36
CA THR E 47 -50.19 -96.95 -21.57
C THR E 47 -49.93 -96.77 -23.06
N PRO E 48 -49.95 -95.52 -23.55
CA PRO E 48 -49.79 -95.26 -24.98
C PRO E 48 -48.34 -95.03 -25.42
N CYS E 49 -48.11 -95.06 -26.74
CA CYS E 49 -46.81 -94.74 -27.32
C CYS E 49 -46.51 -93.26 -27.22
N THR E 50 -45.24 -92.92 -27.07
CA THR E 50 -44.82 -91.52 -26.91
C THR E 50 -43.79 -91.09 -27.96
N VAL E 51 -43.94 -89.87 -28.45
CA VAL E 51 -43.00 -89.26 -29.40
C VAL E 51 -42.60 -87.86 -28.94
N SER E 52 -41.43 -87.41 -29.42
CA SER E 52 -40.94 -86.07 -29.12
C SER E 52 -40.41 -85.42 -30.41
N CYS E 53 -41.33 -84.89 -31.21
CA CYS E 53 -40.98 -84.31 -32.50
C CYS E 53 -40.82 -82.79 -32.42
N ASN E 54 -39.62 -82.36 -32.04
CA ASN E 54 -39.30 -80.94 -31.91
C ASN E 54 -39.44 -80.20 -33.24
N ILE E 55 -40.27 -79.16 -33.23
CA ILE E 55 -40.64 -78.42 -34.44
C ILE E 55 -39.46 -77.68 -35.04
N PRO E 56 -39.15 -77.94 -36.33
CA PRO E 56 -38.12 -77.19 -37.05
C PRO E 56 -38.47 -75.72 -37.20
N VAL E 57 -37.44 -74.87 -37.25
CA VAL E 57 -37.63 -73.42 -37.31
C VAL E 57 -38.23 -72.97 -38.65
N VAL E 58 -37.72 -73.54 -39.73
CA VAL E 58 -38.18 -73.19 -41.09
C VAL E 58 -39.62 -73.66 -41.34
N SER E 59 -40.47 -72.70 -41.72
CA SER E 59 -41.89 -72.95 -41.95
C SER E 59 -42.41 -72.15 -43.14
N GLY E 60 -43.51 -72.61 -43.73
CA GLY E 60 -44.14 -71.93 -44.86
C GLY E 60 -45.58 -72.38 -45.08
N LYS E 61 -46.06 -72.18 -46.30
CA LYS E 61 -47.41 -72.60 -46.69
C LYS E 61 -47.49 -74.12 -46.79
N GLU E 62 -46.50 -74.72 -47.45
CA GLU E 62 -46.37 -76.17 -47.57
C GLU E 62 -44.90 -76.59 -47.71
N CYS E 63 -44.67 -77.85 -48.07
CA CYS E 63 -43.32 -78.42 -48.15
C CYS E 63 -42.51 -77.88 -49.34
N GLU E 64 -43.21 -77.40 -50.37
CA GLU E 64 -42.58 -76.81 -51.55
C GLU E 64 -41.96 -75.44 -51.23
N GLU E 65 -42.60 -74.71 -50.31
CA GLU E 65 -42.09 -73.42 -49.87
C GLU E 65 -40.89 -73.59 -48.93
N ILE E 66 -40.95 -74.61 -48.07
CA ILE E 66 -39.90 -74.90 -47.09
C ILE E 66 -38.57 -75.31 -47.76
N ILE E 67 -38.66 -76.15 -48.79
CA ILE E 67 -37.47 -76.57 -49.55
C ILE E 67 -36.83 -75.40 -50.30
N ARG E 68 -37.67 -74.44 -50.71
CA ARG E 68 -37.20 -73.21 -51.34
C ARG E 68 -36.69 -72.21 -50.29
N LYS E 69 -37.13 -72.39 -49.04
CA LYS E 69 -36.68 -71.56 -47.92
C LYS E 69 -35.40 -72.09 -47.27
N GLY E 70 -35.14 -73.38 -47.42
CA GLY E 70 -33.90 -73.99 -46.92
C GLY E 70 -34.02 -75.36 -46.27
N GLY E 71 -35.25 -75.84 -46.14
CA GLY E 71 -35.50 -77.16 -45.54
C GLY E 71 -35.25 -78.28 -46.53
N GLU E 72 -34.05 -78.87 -46.45
CA GLU E 72 -33.60 -79.87 -47.42
C GLU E 72 -33.53 -81.30 -46.86
N THR E 73 -34.08 -81.50 -45.67
CA THR E 73 -34.09 -82.82 -45.03
C THR E 73 -35.52 -83.35 -44.86
N SER E 74 -35.69 -84.65 -45.13
CA SER E 74 -37.00 -85.30 -45.02
C SER E 74 -37.38 -85.57 -43.57
N GLU E 75 -38.23 -84.71 -43.02
CA GLU E 75 -38.72 -84.83 -41.64
C GLU E 75 -40.09 -84.15 -41.48
N MET E 76 -40.57 -84.09 -40.25
CA MET E 76 -41.83 -83.40 -39.93
C MET E 76 -41.62 -81.88 -39.96
N TYR E 77 -42.56 -81.18 -40.59
CA TYR E 77 -42.54 -79.72 -40.65
C TYR E 77 -43.91 -79.13 -40.31
N LEU E 78 -43.89 -77.98 -39.63
CA LEU E 78 -45.12 -77.27 -39.30
C LEU E 78 -45.45 -76.29 -40.42
N ILE E 79 -46.62 -76.48 -41.04
CA ILE E 79 -47.04 -75.64 -42.17
C ILE E 79 -48.29 -74.82 -41.87
N GLN E 80 -48.36 -73.63 -42.44
CA GLN E 80 -49.53 -72.78 -42.36
C GLN E 80 -49.86 -72.20 -43.74
N PRO E 81 -50.76 -72.86 -44.49
CA PRO E 81 -51.12 -72.45 -45.85
C PRO E 81 -51.86 -71.11 -45.89
N ASP E 82 -52.81 -70.92 -44.98
CA ASP E 82 -53.57 -69.67 -44.88
C ASP E 82 -53.45 -69.06 -43.49
N SER E 83 -53.59 -67.74 -43.42
CA SER E 83 -53.55 -67.00 -42.16
C SER E 83 -54.76 -67.28 -41.27
N SER E 84 -55.84 -67.74 -41.89
CA SER E 84 -57.07 -68.09 -41.17
C SER E 84 -56.95 -69.40 -40.40
N VAL E 85 -56.43 -70.43 -41.06
CA VAL E 85 -56.27 -71.75 -40.45
C VAL E 85 -55.01 -71.82 -39.56
N LYS E 86 -55.13 -72.57 -38.46
CA LYS E 86 -54.01 -72.76 -37.53
C LYS E 86 -52.96 -73.71 -38.09
N PRO E 87 -51.66 -73.46 -37.78
CA PRO E 87 -50.56 -74.31 -38.25
C PRO E 87 -50.67 -75.74 -37.75
N TYR E 88 -50.45 -76.70 -38.64
CA TYR E 88 -50.54 -78.12 -38.30
C TYR E 88 -49.31 -78.91 -38.76
N ARG E 89 -49.07 -80.04 -38.11
CA ARG E 89 -47.91 -80.89 -38.40
C ARG E 89 -48.12 -81.75 -39.64
N VAL E 90 -47.10 -81.79 -40.49
CA VAL E 90 -47.12 -82.61 -41.70
C VAL E 90 -45.71 -83.12 -42.03
N TYR E 91 -45.63 -84.31 -42.62
CA TYR E 91 -44.35 -84.86 -43.07
C TYR E 91 -44.04 -84.37 -44.48
N CYS E 92 -42.79 -83.97 -44.69
CA CYS E 92 -42.35 -83.47 -45.99
C CYS E 92 -41.24 -84.36 -46.58
N ASP E 93 -41.41 -84.71 -47.85
CA ASP E 93 -40.40 -85.46 -48.59
C ASP E 93 -39.54 -84.49 -49.38
N MET E 94 -38.28 -84.36 -48.97
CA MET E 94 -37.36 -83.39 -49.57
C MET E 94 -36.30 -84.05 -50.46
N ASN E 95 -36.41 -85.36 -50.64
CA ASN E 95 -35.42 -86.14 -51.40
C ASN E 95 -35.97 -86.75 -52.70
N THR E 96 -37.22 -87.20 -52.66
CA THR E 96 -37.84 -87.87 -53.81
C THR E 96 -38.19 -86.87 -54.92
N GLU E 97 -37.58 -87.06 -56.09
CA GLU E 97 -37.81 -86.24 -57.28
C GLU E 97 -37.83 -84.74 -57.01
N ASN E 98 -36.64 -84.19 -56.76
CA ASN E 98 -36.43 -82.76 -56.46
C ASN E 98 -37.00 -82.28 -55.12
N GLY E 99 -37.86 -83.10 -54.50
CA GLY E 99 -38.42 -82.80 -53.18
C GLY E 99 -39.53 -81.78 -53.18
N GLY E 100 -39.94 -81.37 -51.99
CA GLY E 100 -41.02 -80.39 -51.81
C GLY E 100 -42.40 -81.02 -51.73
N TRP E 101 -42.43 -82.34 -51.54
CA TRP E 101 -43.68 -83.10 -51.50
C TRP E 101 -44.34 -83.05 -50.12
N THR E 102 -45.65 -82.83 -50.13
CA THR E 102 -46.45 -82.82 -48.91
C THR E 102 -47.21 -84.14 -48.77
N VAL E 103 -46.81 -84.93 -47.77
CA VAL E 103 -47.39 -86.26 -47.56
C VAL E 103 -48.79 -86.14 -46.94
N ILE E 104 -49.78 -86.69 -47.64
CA ILE E 104 -51.16 -86.69 -47.15
C ILE E 104 -51.60 -88.08 -46.69
N GLN E 105 -50.87 -89.10 -47.14
CA GLN E 105 -51.14 -90.49 -46.80
C GLN E 105 -49.85 -91.30 -46.79
N ASN E 106 -49.70 -92.19 -45.81
CA ASN E 106 -48.53 -93.04 -45.71
C ASN E 106 -48.84 -94.44 -45.16
N ARG E 107 -48.38 -95.46 -45.88
CA ARG E 107 -48.48 -96.85 -45.44
C ARG E 107 -47.09 -97.48 -45.51
N GLN E 108 -46.71 -98.19 -44.44
CA GLN E 108 -45.41 -98.84 -44.36
C GLN E 108 -45.46 -100.12 -43.52
N ASP E 109 -46.06 -100.02 -42.33
CA ASP E 109 -46.33 -101.17 -41.48
C ASP E 109 -47.84 -101.34 -41.32
N GLY E 110 -48.27 -101.90 -40.20
CA GLY E 110 -49.69 -102.01 -39.90
C GLY E 110 -50.07 -101.27 -38.63
N SER E 111 -49.25 -100.28 -38.28
CA SER E 111 -49.33 -99.58 -36.98
C SER E 111 -50.63 -98.81 -36.72
N VAL E 112 -51.25 -98.29 -37.78
CA VAL E 112 -52.44 -97.45 -37.64
C VAL E 112 -53.66 -98.03 -38.35
N ASP E 113 -54.79 -98.06 -37.64
CA ASP E 113 -56.06 -98.51 -38.19
C ASP E 113 -56.65 -97.46 -39.13
N PHE E 114 -57.19 -97.92 -40.25
CA PHE E 114 -57.75 -97.03 -41.27
C PHE E 114 -59.27 -97.19 -41.47
N GLY E 115 -59.84 -98.24 -40.90
CA GLY E 115 -61.28 -98.46 -40.93
C GLY E 115 -62.00 -97.57 -39.93
N ARG E 116 -62.17 -96.30 -40.29
CA ARG E 116 -62.72 -95.30 -39.38
C ARG E 116 -63.94 -94.58 -39.95
N LYS E 117 -64.60 -93.79 -39.11
CA LYS E 117 -65.82 -93.06 -39.48
C LYS E 117 -65.56 -91.87 -40.41
N TRP E 118 -66.60 -91.09 -40.65
CA TRP E 118 -66.53 -89.89 -41.50
C TRP E 118 -65.76 -88.76 -40.84
N ASP E 119 -65.88 -88.66 -39.51
CA ASP E 119 -65.24 -87.59 -38.73
C ASP E 119 -63.70 -87.71 -38.64
N PRO E 120 -63.17 -88.91 -38.34
CA PRO E 120 -61.71 -89.08 -38.30
C PRO E 120 -61.03 -88.75 -39.63
N TYR E 121 -61.67 -89.09 -40.75
CA TYR E 121 -61.16 -88.76 -42.08
C TYR E 121 -61.26 -87.27 -42.40
N LYS E 122 -62.20 -86.59 -41.73
CA LYS E 122 -62.38 -85.15 -41.89
C LYS E 122 -61.29 -84.37 -41.15
N GLN E 123 -61.06 -84.72 -39.89
CA GLN E 123 -60.08 -84.02 -39.05
C GLN E 123 -58.65 -84.46 -39.38
N GLY E 124 -58.44 -85.77 -39.44
CA GLY E 124 -57.11 -86.33 -39.67
C GLY E 124 -56.71 -87.26 -38.53
N PHE E 125 -56.26 -88.46 -38.89
CA PHE E 125 -55.88 -89.47 -37.89
C PHE E 125 -54.51 -90.09 -38.17
N GLY E 126 -53.93 -90.69 -37.15
CA GLY E 126 -52.65 -91.40 -37.28
C GLY E 126 -51.45 -90.63 -36.79
N ASN E 127 -50.26 -91.19 -37.01
CA ASN E 127 -49.01 -90.56 -36.60
C ASN E 127 -48.31 -89.90 -37.79
N VAL E 128 -48.02 -88.60 -37.63
CA VAL E 128 -47.35 -87.82 -38.68
C VAL E 128 -45.91 -88.28 -38.87
N ALA E 129 -45.13 -88.28 -37.79
CA ALA E 129 -43.74 -88.72 -37.81
C ALA E 129 -43.29 -89.29 -36.47
N THR E 130 -42.32 -90.20 -36.51
CA THR E 130 -41.76 -90.83 -35.31
C THR E 130 -40.26 -90.58 -35.19
N ASN E 131 -39.75 -90.65 -33.96
CA ASN E 131 -38.33 -90.42 -33.68
C ASN E 131 -37.40 -91.47 -34.30
N THR E 132 -36.17 -91.06 -34.59
CA THR E 132 -35.17 -91.94 -35.20
C THR E 132 -34.20 -92.48 -34.14
N ASP E 133 -34.72 -92.71 -32.94
CA ASP E 133 -33.99 -93.30 -31.80
C ASP E 133 -32.85 -92.44 -31.25
N GLY E 134 -31.86 -92.12 -32.09
CA GLY E 134 -30.68 -91.37 -31.66
C GLY E 134 -30.73 -89.88 -31.93
N LYS E 135 -31.89 -89.39 -32.40
CA LYS E 135 -32.05 -87.98 -32.73
C LYS E 135 -33.25 -87.33 -32.02
N ASN E 136 -33.12 -86.04 -31.75
CA ASN E 136 -34.16 -85.27 -31.06
C ASN E 136 -35.38 -84.96 -31.93
N TYR E 137 -35.18 -84.97 -33.25
CA TYR E 137 -36.25 -84.68 -34.20
C TYR E 137 -36.80 -85.94 -34.85
N CYS E 138 -38.06 -85.86 -35.28
CA CYS E 138 -38.72 -86.99 -35.96
C CYS E 138 -38.47 -86.94 -37.46
N GLY E 139 -37.55 -87.78 -37.93
CA GLY E 139 -37.16 -87.84 -39.33
C GLY E 139 -37.85 -88.93 -40.12
N LEU E 140 -38.34 -89.95 -39.43
CA LEU E 140 -39.05 -91.07 -40.07
C LEU E 140 -40.57 -90.84 -40.02
N PRO E 141 -41.25 -91.04 -41.17
CA PRO E 141 -42.70 -90.84 -41.22
C PRO E 141 -43.49 -92.01 -40.64
N GLY E 142 -44.63 -91.71 -40.03
CA GLY E 142 -45.55 -92.73 -39.54
C GLY E 142 -46.72 -92.89 -40.48
N GLU E 143 -47.69 -93.71 -40.08
CA GLU E 143 -48.91 -93.92 -40.87
C GLU E 143 -49.98 -92.93 -40.46
N TYR E 144 -50.44 -92.12 -41.42
CA TYR E 144 -51.46 -91.10 -41.15
C TYR E 144 -52.20 -90.62 -42.39
N TRP E 145 -53.47 -90.27 -42.19
CA TRP E 145 -54.27 -89.56 -43.19
C TRP E 145 -54.36 -88.11 -42.70
N LEU E 146 -53.92 -87.18 -43.54
CA LEU E 146 -53.83 -85.76 -43.16
C LEU E 146 -55.17 -85.17 -42.75
N GLY E 147 -56.24 -85.54 -43.48
CA GLY E 147 -57.57 -85.03 -43.21
C GLY E 147 -58.17 -84.40 -44.45
N ASN E 148 -59.38 -84.82 -44.79
CA ASN E 148 -60.09 -84.37 -46.00
C ASN E 148 -60.27 -82.84 -46.08
N ASP E 149 -60.36 -82.19 -44.93
CA ASP E 149 -60.43 -80.73 -44.86
C ASP E 149 -59.08 -80.08 -45.21
N LYS E 150 -58.01 -80.68 -44.71
CA LYS E 150 -56.64 -80.17 -44.94
C LYS E 150 -56.16 -80.43 -46.36
N ILE E 151 -56.55 -81.57 -46.92
CA ILE E 151 -56.18 -81.95 -48.29
C ILE E 151 -56.93 -81.10 -49.32
N SER E 152 -58.21 -80.83 -49.06
CA SER E 152 -59.06 -80.03 -49.94
C SER E 152 -58.55 -78.59 -50.08
N GLN E 153 -58.10 -78.01 -48.97
CA GLN E 153 -57.61 -76.64 -48.93
C GLN E 153 -56.29 -76.49 -49.70
N LEU E 154 -55.39 -77.46 -49.55
CA LEU E 154 -54.09 -77.44 -50.21
C LEU E 154 -54.20 -77.60 -51.73
N THR E 155 -55.20 -78.35 -52.18
CA THR E 155 -55.44 -78.57 -53.60
C THR E 155 -56.17 -77.40 -54.26
N ARG E 156 -56.95 -76.67 -53.46
CA ARG E 156 -57.71 -75.51 -53.94
C ARG E 156 -56.86 -74.24 -54.02
N MET E 157 -55.76 -74.20 -53.28
CA MET E 157 -54.91 -73.00 -53.18
C MET E 157 -54.00 -72.80 -54.40
N GLY E 158 -54.01 -73.75 -55.33
CA GLY E 158 -53.23 -73.65 -56.56
C GLY E 158 -53.19 -74.95 -57.35
N PRO E 159 -52.55 -74.92 -58.54
CA PRO E 159 -52.37 -76.13 -59.34
C PRO E 159 -51.49 -77.14 -58.62
N THR E 160 -52.08 -78.29 -58.27
CA THR E 160 -51.39 -79.29 -57.44
C THR E 160 -51.29 -80.63 -58.15
N GLU E 161 -50.09 -81.21 -58.12
CA GLU E 161 -49.85 -82.54 -58.69
C GLU E 161 -49.82 -83.62 -57.60
N LEU E 162 -50.15 -84.85 -57.99
CA LEU E 162 -50.20 -85.98 -57.06
C LEU E 162 -49.20 -87.07 -57.42
N LEU E 163 -48.47 -87.54 -56.40
CA LEU E 163 -47.53 -88.64 -56.56
C LEU E 163 -47.92 -89.81 -55.66
N ILE E 164 -48.32 -90.92 -56.30
CA ILE E 164 -48.68 -92.13 -55.57
C ILE E 164 -47.59 -93.20 -55.76
N GLU E 165 -46.84 -93.45 -54.68
CA GLU E 165 -45.74 -94.42 -54.71
C GLU E 165 -46.09 -95.67 -53.91
N MET E 166 -45.63 -96.82 -54.39
CA MET E 166 -45.91 -98.11 -53.74
C MET E 166 -44.77 -99.11 -53.91
N GLU E 167 -44.68 -100.04 -52.97
CA GLU E 167 -43.65 -101.08 -52.98
C GLU E 167 -44.26 -102.42 -52.55
N ASP E 168 -43.92 -103.48 -53.29
CA ASP E 168 -44.37 -104.83 -52.95
C ASP E 168 -43.48 -105.45 -51.86
N TRP E 169 -43.74 -106.71 -51.54
CA TRP E 169 -43.02 -107.40 -50.46
C TRP E 169 -41.72 -108.07 -50.91
N LYS E 170 -41.30 -107.80 -52.14
CA LYS E 170 -40.03 -108.28 -52.67
C LYS E 170 -38.99 -107.17 -52.77
N GLY E 171 -39.43 -105.96 -53.11
CA GLY E 171 -38.56 -104.80 -53.21
C GLY E 171 -38.76 -103.94 -54.44
N ASP E 172 -39.64 -104.37 -55.33
CA ASP E 172 -39.94 -103.64 -56.57
C ASP E 172 -40.78 -102.39 -56.30
N LYS E 173 -40.44 -101.31 -56.99
CA LYS E 173 -41.09 -100.01 -56.77
C LYS E 173 -41.67 -99.42 -58.05
N VAL E 174 -42.92 -98.97 -57.97
CA VAL E 174 -43.58 -98.28 -59.08
C VAL E 174 -44.29 -97.01 -58.58
N LYS E 175 -44.61 -96.12 -59.51
CA LYS E 175 -45.22 -94.82 -59.17
C LYS E 175 -46.34 -94.41 -60.14
N ALA E 176 -47.24 -93.56 -59.66
CA ALA E 176 -48.34 -93.05 -60.47
C ALA E 176 -48.48 -91.52 -60.31
N HIS E 177 -48.02 -90.79 -61.31
CA HIS E 177 -48.11 -89.33 -61.32
C HIS E 177 -49.46 -88.84 -61.84
N TYR E 178 -49.92 -87.72 -61.28
CA TYR E 178 -51.13 -87.05 -61.75
C TYR E 178 -50.90 -85.54 -61.76
N GLY E 179 -50.79 -84.98 -62.95
CA GLY E 179 -50.50 -83.55 -63.13
C GLY E 179 -51.47 -82.61 -62.45
N GLY E 180 -52.76 -82.91 -62.60
CA GLY E 180 -53.82 -82.14 -61.95
C GLY E 180 -54.55 -82.96 -60.91
N PHE E 181 -54.59 -82.45 -59.68
CA PHE E 181 -55.24 -83.14 -58.57
C PHE E 181 -55.96 -82.14 -57.66
N THR E 182 -57.29 -82.24 -57.64
CA THR E 182 -58.12 -81.34 -56.83
C THR E 182 -59.19 -82.09 -56.05
N VAL E 183 -59.33 -81.72 -54.78
CA VAL E 183 -60.36 -82.28 -53.90
C VAL E 183 -61.25 -81.14 -53.37
N GLN E 184 -62.56 -81.31 -53.51
CA GLN E 184 -63.52 -80.31 -53.07
C GLN E 184 -63.79 -80.41 -51.56
N ASN E 185 -64.57 -79.47 -51.03
CA ASN E 185 -64.86 -79.41 -49.59
C ASN E 185 -65.92 -80.43 -49.13
N GLU E 186 -66.33 -80.32 -47.87
CA GLU E 186 -67.31 -81.24 -47.26
C GLU E 186 -68.70 -81.12 -47.87
N ALA E 187 -69.05 -79.91 -48.31
CA ALA E 187 -70.35 -79.64 -48.94
C ALA E 187 -70.53 -80.41 -50.24
N ASN E 188 -69.42 -80.66 -50.94
CA ASN E 188 -69.42 -81.44 -52.17
C ASN E 188 -68.95 -82.88 -51.97
N LYS E 189 -69.01 -83.34 -50.72
CA LYS E 189 -68.65 -84.71 -50.31
C LYS E 189 -67.20 -85.08 -50.64
N TYR E 190 -66.32 -84.08 -50.60
CA TYR E 190 -64.90 -84.23 -50.96
C TYR E 190 -64.71 -84.96 -52.29
N GLN E 191 -65.19 -84.35 -53.37
CA GLN E 191 -65.11 -84.96 -54.70
C GLN E 191 -63.71 -84.84 -55.29
N ILE E 192 -63.20 -85.97 -55.79
CA ILE E 192 -61.85 -86.03 -56.35
C ILE E 192 -61.85 -85.77 -57.86
N SER E 193 -60.78 -85.16 -58.35
CA SER E 193 -60.58 -84.92 -59.78
C SER E 193 -59.11 -85.08 -60.16
N VAL E 194 -58.84 -85.99 -61.09
CA VAL E 194 -57.48 -86.30 -61.52
C VAL E 194 -57.30 -86.25 -63.04
N ASN E 195 -56.20 -85.66 -63.48
CA ASN E 195 -55.86 -85.56 -64.90
C ASN E 195 -54.35 -85.61 -65.16
N LYS E 196 -53.99 -85.84 -66.42
CA LYS E 196 -52.59 -85.93 -66.88
C LYS E 196 -51.79 -86.99 -66.11
N TYR E 197 -51.95 -88.25 -66.52
CA TYR E 197 -51.28 -89.37 -65.87
C TYR E 197 -50.02 -89.82 -66.59
N ARG E 198 -49.00 -90.16 -65.79
CA ARG E 198 -47.81 -90.84 -66.27
C ARG E 198 -47.23 -91.73 -65.16
N GLY E 199 -46.47 -92.76 -65.55
CA GLY E 199 -45.85 -93.66 -64.59
C GLY E 199 -45.74 -95.10 -65.02
N THR E 200 -45.60 -96.00 -64.05
CA THR E 200 -45.40 -97.43 -64.30
C THR E 200 -46.41 -98.31 -63.55
N ALA E 201 -47.04 -97.73 -62.53
CA ALA E 201 -47.99 -98.46 -61.68
C ALA E 201 -49.29 -98.85 -62.39
N GLY E 202 -49.72 -98.01 -63.33
CA GLY E 202 -50.96 -98.23 -64.06
C GLY E 202 -52.05 -97.28 -63.61
N ASN E 203 -52.78 -96.72 -64.58
CA ASN E 203 -53.83 -95.74 -64.30
C ASN E 203 -55.07 -96.39 -63.69
N ALA E 204 -55.18 -96.31 -62.37
CA ALA E 204 -56.29 -96.91 -61.63
C ALA E 204 -57.40 -95.90 -61.33
N LEU E 205 -57.02 -94.64 -61.14
CA LEU E 205 -57.98 -93.59 -60.79
C LEU E 205 -58.79 -93.11 -61.99
N MET E 206 -58.12 -92.91 -63.13
CA MET E 206 -58.77 -92.36 -64.32
C MET E 206 -59.37 -93.43 -65.23
N ASP E 207 -58.62 -94.50 -65.46
CA ASP E 207 -59.04 -95.55 -66.40
C ASP E 207 -59.77 -96.70 -65.71
N GLY E 208 -59.32 -97.08 -64.53
CA GLY E 208 -59.90 -98.20 -63.79
C GLY E 208 -58.99 -99.39 -63.75
N ALA E 209 -59.55 -100.57 -63.48
CA ALA E 209 -58.78 -101.81 -63.39
C ALA E 209 -58.38 -102.31 -64.78
N SER E 210 -57.13 -102.76 -64.90
CA SER E 210 -56.55 -103.15 -66.18
C SER E 210 -57.09 -104.48 -66.73
N GLN E 211 -57.30 -105.44 -65.83
CA GLN E 211 -57.75 -106.78 -66.22
C GLN E 211 -59.24 -106.86 -66.59
N LEU E 212 -60.00 -105.82 -66.23
CA LEU E 212 -61.44 -105.77 -66.52
C LEU E 212 -61.73 -105.25 -67.92
N MET E 213 -62.86 -105.66 -68.48
CA MET E 213 -63.24 -105.30 -69.85
C MET E 213 -64.59 -104.58 -69.91
N GLY E 214 -64.59 -103.43 -70.58
CA GLY E 214 -65.82 -102.69 -70.87
C GLY E 214 -66.51 -102.05 -69.68
N GLU E 215 -67.71 -102.54 -69.36
CA GLU E 215 -68.56 -101.96 -68.32
C GLU E 215 -68.03 -102.23 -66.91
N ASN E 216 -67.30 -103.32 -66.74
CA ASN E 216 -66.67 -103.66 -65.46
C ASN E 216 -65.57 -102.67 -65.08
N ARG E 217 -64.85 -102.17 -66.08
CA ARG E 217 -63.78 -101.19 -65.88
C ARG E 217 -64.35 -99.80 -65.56
N THR E 218 -65.53 -99.50 -66.09
CA THR E 218 -66.19 -98.21 -65.92
C THR E 218 -66.59 -97.94 -64.46
N MET E 219 -67.04 -98.99 -63.78
CA MET E 219 -67.48 -98.88 -62.38
C MET E 219 -66.31 -98.91 -61.37
N THR E 220 -65.08 -98.98 -61.88
CA THR E 220 -63.89 -98.95 -61.04
C THR E 220 -63.12 -97.63 -61.18
N ILE E 221 -63.65 -96.73 -62.00
CA ILE E 221 -63.05 -95.41 -62.21
C ILE E 221 -63.29 -94.51 -61.00
N HIS E 222 -62.21 -93.94 -60.49
CA HIS E 222 -62.27 -93.06 -59.31
C HIS E 222 -62.43 -91.58 -59.68
N ASN E 223 -61.99 -91.22 -60.88
CA ASN E 223 -62.04 -89.83 -61.35
C ASN E 223 -63.46 -89.28 -61.43
N GLY E 224 -63.81 -88.46 -60.43
CA GLY E 224 -65.12 -87.84 -60.35
C GLY E 224 -66.07 -88.53 -59.37
N MET E 225 -65.49 -89.15 -58.34
CA MET E 225 -66.27 -89.85 -57.32
C MET E 225 -66.17 -89.18 -55.96
N PHE E 226 -67.25 -89.28 -55.18
CA PHE E 226 -67.31 -88.67 -53.85
C PHE E 226 -66.63 -89.56 -52.80
N PHE E 227 -66.19 -88.94 -51.71
CA PHE E 227 -65.57 -89.66 -50.60
C PHE E 227 -66.63 -90.37 -49.78
N SER E 228 -66.36 -91.61 -49.39
CA SER E 228 -67.33 -92.43 -48.66
C SER E 228 -66.70 -93.29 -47.56
N THR E 229 -67.26 -93.20 -46.37
CA THR E 229 -66.89 -94.05 -45.23
C THR E 229 -68.05 -95.01 -44.92
N TYR E 230 -67.85 -95.93 -43.98
CA TYR E 230 -68.87 -96.93 -43.66
C TYR E 230 -70.09 -96.38 -42.93
N ASP E 231 -69.95 -95.18 -42.37
CA ASP E 231 -71.06 -94.48 -41.73
C ASP E 231 -71.66 -93.40 -42.64
N ARG E 232 -71.08 -93.26 -43.84
CA ARG E 232 -71.54 -92.26 -44.81
C ARG E 232 -71.45 -92.78 -46.24
N ASP E 233 -72.57 -93.32 -46.73
CA ASP E 233 -72.63 -93.92 -48.07
C ASP E 233 -72.71 -92.85 -49.16
N ASN E 234 -71.65 -92.77 -49.96
CA ASN E 234 -71.57 -91.81 -51.07
C ASN E 234 -71.01 -92.41 -52.35
N ASP E 235 -70.84 -93.73 -52.37
CA ASP E 235 -70.28 -94.45 -53.51
C ASP E 235 -71.24 -94.54 -54.71
N GLY E 236 -70.74 -95.05 -55.83
CA GLY E 236 -71.54 -95.24 -57.03
C GLY E 236 -72.25 -96.58 -57.07
N TRP E 237 -72.70 -97.05 -55.91
CA TRP E 237 -73.42 -98.32 -55.79
C TRP E 237 -74.85 -98.04 -55.32
N LEU E 238 -75.79 -98.14 -56.26
CA LEU E 238 -77.19 -97.79 -56.02
C LEU E 238 -78.01 -99.01 -55.57
N THR E 239 -77.65 -99.56 -54.41
CA THR E 239 -78.36 -100.70 -53.84
C THR E 239 -79.11 -100.32 -52.56
N SER E 240 -80.01 -101.20 -52.12
CA SER E 240 -80.86 -100.93 -50.96
C SER E 240 -80.31 -101.52 -49.66
N ASP E 241 -79.60 -102.64 -49.77
CA ASP E 241 -79.05 -103.36 -48.62
C ASP E 241 -78.02 -102.51 -47.86
N PRO E 242 -78.30 -102.20 -46.57
CA PRO E 242 -77.42 -101.39 -45.72
C PRO E 242 -76.04 -102.02 -45.51
N ARG E 243 -75.99 -103.35 -45.49
CA ARG E 243 -74.73 -104.09 -45.38
C ARG E 243 -73.91 -103.97 -46.67
N LYS E 244 -74.60 -103.83 -47.79
CA LYS E 244 -73.97 -103.73 -49.10
C LYS E 244 -73.56 -102.29 -49.45
N GLN E 245 -72.32 -101.96 -49.10
CA GLN E 245 -71.68 -100.70 -49.52
C GLN E 245 -70.16 -100.85 -49.51
N CYS E 246 -69.50 -100.21 -50.47
CA CYS E 246 -68.05 -100.34 -50.67
C CYS E 246 -67.24 -100.21 -49.39
N SER E 247 -67.41 -99.10 -48.69
CA SER E 247 -66.86 -98.92 -47.36
C SER E 247 -67.80 -99.58 -46.35
N LYS E 248 -67.29 -100.63 -45.70
CA LYS E 248 -68.06 -101.62 -44.93
C LYS E 248 -67.78 -103.00 -45.50
N GLU E 249 -67.21 -103.01 -46.71
CA GLU E 249 -66.88 -104.25 -47.41
C GLU E 249 -65.41 -104.22 -47.85
N ASP E 250 -64.89 -103.02 -48.08
CA ASP E 250 -63.50 -102.82 -48.47
C ASP E 250 -62.80 -101.77 -47.59
N GLY E 251 -62.08 -102.25 -46.57
CA GLY E 251 -61.23 -101.40 -45.73
C GLY E 251 -61.90 -100.19 -45.11
N GLY E 252 -61.26 -99.03 -45.28
CA GLY E 252 -61.72 -97.77 -44.71
C GLY E 252 -62.32 -96.81 -45.73
N GLY E 253 -62.13 -95.51 -45.49
CA GLY E 253 -62.71 -94.47 -46.33
C GLY E 253 -61.89 -94.15 -47.57
N TRP E 254 -62.58 -94.08 -48.72
CA TRP E 254 -61.95 -93.78 -50.00
C TRP E 254 -62.99 -93.28 -51.00
N TRP E 255 -62.52 -92.66 -52.09
CA TRP E 255 -63.38 -92.21 -53.19
C TRP E 255 -63.89 -93.41 -54.00
N TYR E 256 -64.84 -94.14 -53.44
CA TYR E 256 -65.34 -95.38 -54.04
C TYR E 256 -66.36 -95.15 -55.14
N ASN E 257 -66.32 -96.04 -56.15
CA ASN E 257 -67.36 -96.11 -57.18
C ASN E 257 -68.16 -97.39 -56.98
N ARG E 258 -67.71 -98.45 -57.60
CA ARG E 258 -68.31 -99.73 -57.41
C ARG E 258 -67.38 -100.86 -57.80
N CYS E 259 -66.32 -101.08 -57.05
CA CYS E 259 -66.06 -100.25 -55.86
C CYS E 259 -64.74 -99.50 -55.97
N HIS E 260 -63.68 -100.21 -56.36
CA HIS E 260 -62.36 -99.61 -56.51
C HIS E 260 -61.49 -100.33 -57.54
N ALA E 261 -60.55 -99.58 -58.11
CA ALA E 261 -59.43 -100.14 -58.86
C ALA E 261 -58.18 -99.97 -58.02
N ALA E 262 -58.24 -99.00 -57.10
CA ALA E 262 -57.17 -98.73 -56.15
C ALA E 262 -57.75 -98.56 -54.74
N ASN E 263 -57.12 -99.20 -53.77
CA ASN E 263 -57.57 -99.12 -52.38
C ASN E 263 -56.41 -98.89 -51.40
N PRO E 264 -55.86 -97.65 -51.38
CA PRO E 264 -54.72 -97.35 -50.50
C PRO E 264 -55.06 -97.31 -49.02
N ASN E 265 -56.30 -96.99 -48.68
CA ASN E 265 -56.75 -96.94 -47.28
C ASN E 265 -57.32 -98.27 -46.76
N GLY E 266 -56.95 -99.36 -47.42
CA GLY E 266 -57.45 -100.69 -47.07
C GLY E 266 -56.75 -101.34 -45.89
N ARG E 267 -57.14 -102.58 -45.62
CA ARG E 267 -56.56 -103.39 -44.54
C ARG E 267 -55.14 -103.81 -44.86
N TYR E 268 -54.24 -103.72 -43.88
CA TYR E 268 -52.85 -104.08 -44.08
C TYR E 268 -52.61 -105.57 -43.83
N TYR E 269 -52.51 -106.34 -44.93
CA TYR E 269 -52.23 -107.77 -44.86
C TYR E 269 -50.73 -108.02 -44.88
N TRP E 270 -50.26 -108.86 -43.96
CA TRP E 270 -48.83 -109.17 -43.85
C TRP E 270 -48.42 -110.24 -44.85
N GLY E 271 -47.27 -110.05 -45.49
CA GLY E 271 -46.77 -110.95 -46.50
C GLY E 271 -47.13 -110.51 -47.91
N GLY E 272 -48.31 -109.93 -48.06
CA GLY E 272 -48.79 -109.43 -49.34
C GLY E 272 -49.95 -110.22 -49.91
N GLN E 273 -49.74 -111.53 -50.04
CA GLN E 273 -50.74 -112.42 -50.64
C GLN E 273 -51.89 -112.72 -49.69
N TYR E 274 -53.12 -112.55 -50.18
CA TYR E 274 -54.33 -112.85 -49.42
C TYR E 274 -55.45 -113.31 -50.35
N THR E 275 -56.35 -114.15 -49.85
CA THR E 275 -57.46 -114.66 -50.63
C THR E 275 -58.81 -114.19 -50.10
N TRP E 276 -59.90 -114.68 -50.70
CA TRP E 276 -61.25 -114.29 -50.30
C TRP E 276 -61.66 -114.85 -48.94
N ASP E 277 -61.17 -116.05 -48.62
CA ASP E 277 -61.45 -116.69 -47.34
C ASP E 277 -60.56 -116.12 -46.22
N MET E 278 -59.75 -115.12 -46.55
CA MET E 278 -58.99 -114.35 -45.58
C MET E 278 -59.63 -112.98 -45.42
N ALA E 279 -60.42 -112.55 -46.38
CA ALA E 279 -61.04 -111.23 -46.30
C ALA E 279 -62.27 -111.19 -45.43
N LYS E 280 -62.30 -110.26 -44.51
CA LYS E 280 -63.36 -110.22 -43.54
C LYS E 280 -64.73 -110.24 -44.09
N HIS E 281 -64.85 -109.93 -45.35
CA HIS E 281 -66.15 -109.84 -45.96
C HIS E 281 -66.13 -110.55 -47.26
N GLY E 282 -64.97 -110.94 -47.70
CA GLY E 282 -64.90 -111.76 -48.87
C GLY E 282 -64.51 -110.94 -50.03
N THR E 283 -64.43 -109.65 -49.82
CA THR E 283 -64.05 -108.78 -50.90
C THR E 283 -62.58 -108.57 -50.85
N ASP E 284 -62.11 -107.84 -51.82
CA ASP E 284 -60.68 -107.63 -52.03
C ASP E 284 -60.19 -106.40 -51.26
N ASP E 285 -60.47 -106.37 -49.96
CA ASP E 285 -60.06 -105.26 -49.11
C ASP E 285 -58.55 -105.32 -48.87
N GLY E 286 -57.93 -104.16 -48.67
CA GLY E 286 -56.50 -104.09 -48.46
C GLY E 286 -55.81 -103.08 -49.35
N VAL E 287 -54.51 -102.90 -49.14
CA VAL E 287 -53.71 -101.96 -49.93
C VAL E 287 -53.55 -102.50 -51.36
N VAL E 288 -54.50 -102.13 -52.22
CA VAL E 288 -54.62 -102.72 -53.55
C VAL E 288 -54.41 -101.71 -54.68
N TRP E 289 -53.64 -102.12 -55.68
CA TRP E 289 -53.51 -101.40 -56.93
C TRP E 289 -53.56 -102.42 -58.07
N MET E 290 -54.77 -102.65 -58.60
CA MET E 290 -55.05 -103.72 -59.55
C MET E 290 -54.25 -103.64 -60.85
N ASN E 291 -53.94 -102.42 -61.28
CA ASN E 291 -53.22 -102.18 -62.51
C ASN E 291 -51.74 -102.60 -62.46
N TRP E 292 -51.35 -103.23 -61.36
CA TRP E 292 -49.96 -103.67 -61.18
C TRP E 292 -49.86 -105.10 -60.63
N LYS E 293 -50.58 -105.38 -59.54
CA LYS E 293 -50.49 -106.68 -58.87
C LYS E 293 -51.80 -107.47 -58.89
N GLY E 294 -52.91 -106.77 -59.08
CA GLY E 294 -54.23 -107.39 -59.11
C GLY E 294 -55.07 -107.05 -57.89
N SER E 295 -56.16 -107.80 -57.71
CA SER E 295 -57.09 -107.56 -56.60
C SER E 295 -56.60 -108.19 -55.29
N TRP E 296 -55.91 -109.32 -55.41
CA TRP E 296 -55.55 -110.14 -54.25
C TRP E 296 -54.07 -110.04 -53.86
N TYR E 297 -53.58 -108.81 -53.73
CA TYR E 297 -52.23 -108.54 -53.25
C TYR E 297 -52.17 -107.20 -52.50
N SER E 298 -51.75 -107.27 -51.24
CA SER E 298 -51.59 -106.07 -50.41
C SER E 298 -50.16 -105.55 -50.49
N MET E 299 -50.03 -104.23 -50.60
CA MET E 299 -48.71 -103.60 -50.72
C MET E 299 -48.07 -103.38 -49.36
N ARG E 300 -46.75 -103.50 -49.32
CA ARG E 300 -45.97 -103.24 -48.11
C ARG E 300 -45.89 -101.72 -47.86
N LYS E 301 -45.73 -100.96 -48.94
CA LYS E 301 -45.68 -99.50 -48.85
C LYS E 301 -46.69 -98.85 -49.80
N MET E 302 -47.26 -97.73 -49.34
CA MET E 302 -48.19 -96.92 -50.15
C MET E 302 -48.24 -95.49 -49.61
N SER E 303 -47.81 -94.54 -50.44
CA SER E 303 -47.76 -93.14 -50.03
C SER E 303 -48.38 -92.21 -51.07
N MET E 304 -49.04 -91.16 -50.58
CA MET E 304 -49.62 -90.12 -51.44
C MET E 304 -49.01 -88.76 -51.10
N LYS E 305 -48.45 -88.10 -52.10
CA LYS E 305 -47.74 -86.84 -51.92
C LYS E 305 -48.24 -85.76 -52.87
N ILE E 306 -48.38 -84.54 -52.37
CA ILE E 306 -48.86 -83.40 -53.17
C ILE E 306 -47.85 -82.25 -53.24
N ARG E 307 -47.87 -81.52 -54.36
CA ARG E 307 -46.91 -80.45 -54.62
C ARG E 307 -47.46 -79.48 -55.68
N PRO E 308 -47.19 -78.16 -55.51
CA PRO E 308 -47.50 -77.17 -56.55
C PRO E 308 -46.87 -77.52 -57.90
N PHE E 309 -47.63 -77.33 -58.97
CA PHE E 309 -47.23 -77.76 -60.31
C PHE E 309 -46.93 -76.60 -61.26
N PHE E 310 -47.69 -75.51 -61.13
CA PHE E 310 -47.62 -74.35 -62.03
C PHE E 310 -48.20 -74.65 -63.41
N THR F 7 -71.64 -146.12 -28.22
CA THR F 7 -70.23 -145.70 -28.26
C THR F 7 -70.06 -144.54 -29.25
N HIS F 8 -70.75 -144.62 -30.38
CA HIS F 8 -70.94 -143.48 -31.28
C HIS F 8 -71.96 -142.52 -30.68
N ASP F 9 -72.59 -142.92 -29.58
CA ASP F 9 -73.48 -142.04 -28.83
C ASP F 9 -72.73 -141.46 -27.61
N SER F 10 -71.41 -141.44 -27.72
CA SER F 10 -70.53 -140.92 -26.66
C SER F 10 -69.52 -139.92 -27.22
N SER F 11 -69.39 -139.90 -28.55
CA SER F 11 -68.43 -139.01 -29.22
C SER F 11 -69.06 -138.13 -30.31
N ILE F 12 -70.19 -138.57 -30.87
CA ILE F 12 -70.89 -137.80 -31.91
C ILE F 12 -71.46 -136.49 -31.36
N ARG F 13 -72.29 -136.59 -30.33
CA ARG F 13 -72.92 -135.43 -29.72
C ARG F 13 -71.93 -134.68 -28.83
N TYR F 14 -70.86 -135.37 -28.42
CA TYR F 14 -69.75 -134.76 -27.69
C TYR F 14 -68.95 -133.80 -28.58
N LEU F 15 -68.84 -134.13 -29.86
CA LEU F 15 -68.12 -133.30 -30.82
C LEU F 15 -68.88 -132.02 -31.18
N GLN F 16 -70.21 -132.10 -31.21
CA GLN F 16 -71.02 -130.90 -31.42
C GLN F 16 -71.27 -130.15 -30.11
N GLU F 17 -70.98 -130.80 -28.99
CA GLU F 17 -70.96 -130.15 -27.68
C GLU F 17 -69.76 -129.22 -27.59
N ILE F 18 -68.61 -129.69 -28.07
CA ILE F 18 -67.39 -128.87 -28.11
C ILE F 18 -67.41 -127.87 -29.27
N TYR F 19 -68.22 -128.16 -30.29
CA TYR F 19 -68.43 -127.24 -31.41
C TYR F 19 -69.26 -126.04 -30.98
N ASN F 20 -70.33 -126.29 -30.23
CA ASN F 20 -71.17 -125.24 -29.66
C ASN F 20 -70.44 -124.45 -28.58
N SER F 21 -69.49 -125.13 -27.91
CA SER F 21 -68.61 -124.49 -26.95
C SER F 21 -67.58 -123.61 -27.65
N ASN F 22 -67.15 -124.04 -28.83
CA ASN F 22 -66.23 -123.26 -29.66
C ASN F 22 -66.89 -122.01 -30.23
N ASN F 23 -68.09 -122.17 -30.79
CA ASN F 23 -68.87 -121.06 -31.35
C ASN F 23 -69.16 -119.96 -30.34
N GLN F 24 -69.50 -120.35 -29.11
CA GLN F 24 -69.75 -119.42 -28.02
C GLN F 24 -68.49 -118.66 -27.64
N LYS F 25 -67.35 -119.35 -27.66
CA LYS F 25 -66.05 -118.75 -27.37
C LYS F 25 -65.60 -117.78 -28.46
N ILE F 26 -65.97 -118.07 -29.70
CA ILE F 26 -65.64 -117.21 -30.85
C ILE F 26 -66.43 -115.90 -30.78
N VAL F 27 -67.72 -116.00 -30.46
CA VAL F 27 -68.59 -114.83 -30.29
C VAL F 27 -68.10 -113.93 -29.14
N ASN F 28 -67.68 -114.56 -28.05
CA ASN F 28 -67.11 -113.86 -26.91
C ASN F 28 -65.75 -113.20 -27.22
N LEU F 29 -64.97 -113.85 -28.08
CA LEU F 29 -63.68 -113.34 -28.51
C LEU F 29 -63.84 -112.15 -29.47
N LYS F 30 -64.81 -112.26 -30.38
CA LYS F 30 -65.11 -111.20 -31.35
C LYS F 30 -65.56 -109.90 -30.66
N GLU F 31 -66.23 -110.04 -29.52
CA GLU F 31 -66.66 -108.89 -28.72
C GLU F 31 -65.48 -108.25 -27.99
N LYS F 32 -64.49 -109.06 -27.64
CA LYS F 32 -63.25 -108.56 -27.02
C LYS F 32 -62.34 -107.88 -28.04
N VAL F 33 -62.46 -108.30 -29.30
CA VAL F 33 -61.73 -107.67 -30.40
C VAL F 33 -62.26 -106.26 -30.67
N ALA F 34 -63.58 -106.10 -30.55
CA ALA F 34 -64.24 -104.80 -30.72
C ALA F 34 -63.85 -103.82 -29.60
N GLN F 35 -63.67 -104.34 -28.39
CA GLN F 35 -63.23 -103.55 -27.25
C GLN F 35 -61.75 -103.17 -27.36
N LEU F 36 -60.98 -104.04 -28.01
CA LEU F 36 -59.58 -103.79 -28.30
C LEU F 36 -59.42 -102.76 -29.40
N GLU F 37 -60.35 -102.77 -30.35
CA GLU F 37 -60.36 -101.82 -31.47
C GLU F 37 -60.58 -100.38 -31.01
N ALA F 38 -61.42 -100.21 -29.99
CA ALA F 38 -61.74 -98.89 -29.43
C ALA F 38 -60.54 -98.25 -28.70
N GLN F 39 -59.66 -99.09 -28.16
CA GLN F 39 -58.48 -98.63 -27.43
C GLN F 39 -57.27 -98.41 -28.35
N CYS F 40 -57.44 -98.70 -29.64
CA CYS F 40 -56.37 -98.54 -30.62
C CYS F 40 -56.77 -97.60 -31.77
N GLN F 41 -57.35 -96.46 -31.39
CA GLN F 41 -57.76 -95.44 -32.36
C GLN F 41 -56.93 -94.16 -32.21
N GLU F 42 -56.36 -93.99 -31.03
CA GLU F 42 -55.55 -92.81 -30.69
C GLU F 42 -54.19 -92.83 -31.40
N PRO F 43 -53.60 -91.64 -31.62
CA PRO F 43 -52.21 -91.58 -32.09
C PRO F 43 -51.23 -91.55 -30.91
N CYS F 44 -49.93 -91.53 -31.21
CA CYS F 44 -48.90 -91.45 -30.18
C CYS F 44 -48.89 -90.07 -29.53
N LYS F 45 -48.82 -90.06 -28.20
CA LYS F 45 -48.83 -88.81 -27.43
C LYS F 45 -47.53 -88.03 -27.60
N ASP F 46 -47.64 -86.85 -28.20
CA ASP F 46 -46.49 -85.99 -28.46
C ASP F 46 -46.24 -85.08 -27.24
N THR F 47 -45.02 -85.13 -26.72
CA THR F 47 -44.64 -84.36 -25.54
C THR F 47 -44.52 -82.86 -25.83
N VAL F 48 -43.97 -82.54 -27.01
CA VAL F 48 -43.82 -81.15 -27.45
C VAL F 48 -45.18 -80.57 -27.86
N GLN F 49 -45.58 -79.49 -27.19
CA GLN F 49 -46.86 -78.85 -27.43
C GLN F 49 -46.73 -77.33 -27.44
N ILE F 50 -47.52 -76.68 -28.29
CA ILE F 50 -47.51 -75.23 -28.42
C ILE F 50 -48.64 -74.61 -27.61
N HIS F 51 -48.31 -73.57 -26.83
CA HIS F 51 -49.28 -72.85 -26.02
C HIS F 51 -50.16 -71.93 -26.89
N ASP F 52 -51.32 -71.57 -26.35
CA ASP F 52 -52.35 -70.84 -27.11
C ASP F 52 -52.15 -69.32 -27.13
N ILE F 53 -51.49 -68.79 -26.10
CA ILE F 53 -51.32 -67.34 -25.95
C ILE F 53 -50.36 -66.76 -26.99
N THR F 54 -50.83 -65.77 -27.73
CA THR F 54 -50.04 -65.11 -28.77
C THR F 54 -49.90 -63.60 -28.52
N GLY F 55 -48.89 -62.98 -29.15
CA GLY F 55 -48.65 -61.55 -29.01
C GLY F 55 -47.61 -61.00 -29.97
N LYS F 56 -47.05 -59.85 -29.62
CA LYS F 56 -46.04 -59.18 -30.42
C LYS F 56 -44.69 -59.90 -30.29
N ASP F 57 -44.26 -60.10 -29.05
CA ASP F 57 -43.05 -60.87 -28.73
C ASP F 57 -43.30 -61.77 -27.52
N CYS F 58 -42.23 -62.30 -26.94
CA CYS F 58 -42.33 -63.15 -25.75
C CYS F 58 -42.67 -62.35 -24.49
N GLN F 59 -42.32 -61.06 -24.50
CA GLN F 59 -42.63 -60.17 -23.39
C GLN F 59 -44.12 -59.79 -23.37
N ASP F 60 -44.68 -59.57 -24.57
CA ASP F 60 -46.11 -59.25 -24.71
C ASP F 60 -46.99 -60.42 -24.29
N ILE F 61 -46.51 -61.64 -24.54
CA ILE F 61 -47.19 -62.86 -24.12
C ILE F 61 -47.10 -63.04 -22.61
N ALA F 62 -45.93 -62.69 -22.04
CA ALA F 62 -45.70 -62.74 -20.60
C ALA F 62 -46.58 -61.75 -19.85
N ASN F 63 -46.91 -60.64 -20.51
CA ASN F 63 -47.81 -59.64 -19.94
C ASN F 63 -49.28 -60.06 -19.98
N LYS F 64 -49.60 -61.01 -20.87
CA LYS F 64 -50.97 -61.50 -21.03
C LYS F 64 -51.35 -62.59 -20.03
N GLY F 65 -50.35 -63.15 -19.35
CA GLY F 65 -50.59 -64.13 -18.28
C GLY F 65 -49.90 -65.46 -18.45
N ALA F 66 -48.79 -65.47 -19.19
CA ALA F 66 -48.01 -66.69 -19.39
C ALA F 66 -46.97 -66.86 -18.28
N LYS F 67 -46.83 -68.09 -17.78
CA LYS F 67 -45.94 -68.37 -16.67
C LYS F 67 -44.76 -69.28 -17.03
N GLN F 68 -45.04 -70.39 -17.70
CA GLN F 68 -44.01 -71.38 -18.02
C GLN F 68 -43.34 -71.12 -19.38
N SER F 69 -42.07 -71.51 -19.47
CA SER F 69 -41.29 -71.40 -20.71
C SER F 69 -41.63 -72.53 -21.67
N GLY F 70 -41.72 -72.20 -22.95
CA GLY F 70 -42.03 -73.19 -23.99
C GLY F 70 -42.08 -72.60 -25.39
N LEU F 71 -42.97 -73.14 -26.21
CA LEU F 71 -43.12 -72.69 -27.59
C LEU F 71 -44.38 -71.85 -27.79
N TYR F 72 -44.21 -70.68 -28.37
CA TYR F 72 -45.31 -69.73 -28.59
C TYR F 72 -45.30 -69.19 -30.01
N PHE F 73 -46.47 -68.77 -30.49
CA PHE F 73 -46.58 -68.08 -31.77
C PHE F 73 -46.58 -66.57 -31.55
N ILE F 74 -45.67 -65.87 -32.21
CA ILE F 74 -45.63 -64.42 -32.18
C ILE F 74 -45.84 -63.81 -33.57
N LYS F 75 -46.46 -62.63 -33.61
CA LYS F 75 -46.67 -61.92 -34.86
C LYS F 75 -46.35 -60.44 -34.70
N PRO F 76 -45.12 -60.04 -35.08
CA PRO F 76 -44.71 -58.63 -35.08
C PRO F 76 -45.58 -57.78 -36.02
N LEU F 77 -45.58 -56.47 -35.78
CA LEU F 77 -46.42 -55.52 -36.52
C LEU F 77 -46.33 -55.69 -38.05
N LYS F 78 -45.12 -55.70 -38.57
CA LYS F 78 -44.88 -55.71 -40.02
C LYS F 78 -44.77 -57.11 -40.64
N ALA F 79 -44.91 -58.13 -39.80
CA ALA F 79 -44.77 -59.52 -40.25
C ALA F 79 -45.99 -59.97 -41.07
N ASN F 80 -45.72 -60.70 -42.16
CA ASN F 80 -46.77 -61.23 -43.03
C ASN F 80 -47.49 -62.42 -42.40
N GLN F 81 -46.71 -63.36 -41.87
CA GLN F 81 -47.24 -64.56 -41.24
C GLN F 81 -46.58 -64.79 -39.88
N GLN F 82 -47.36 -65.30 -38.92
CA GLN F 82 -46.85 -65.62 -37.58
C GLN F 82 -45.86 -66.78 -37.62
N PHE F 83 -44.88 -66.75 -36.72
CA PHE F 83 -43.85 -67.78 -36.66
C PHE F 83 -43.58 -68.25 -35.22
N LEU F 84 -43.20 -69.52 -35.09
CA LEU F 84 -42.94 -70.13 -33.79
C LEU F 84 -41.60 -69.71 -33.21
N VAL F 85 -41.61 -69.38 -31.92
CA VAL F 85 -40.39 -69.00 -31.18
C VAL F 85 -40.32 -69.69 -29.83
N TYR F 86 -39.12 -69.69 -29.23
CA TYR F 86 -38.94 -70.15 -27.86
C TYR F 86 -38.90 -68.96 -26.91
N CYS F 87 -39.79 -68.97 -25.92
CA CYS F 87 -39.89 -67.88 -24.96
C CYS F 87 -39.41 -68.30 -23.58
N GLU F 88 -38.45 -67.55 -23.04
CA GLU F 88 -37.95 -67.77 -21.68
C GLU F 88 -38.66 -66.84 -20.71
N ILE F 89 -39.46 -67.41 -19.83
CA ILE F 89 -40.22 -66.62 -18.85
C ILE F 89 -39.73 -66.90 -17.43
N ASP F 90 -39.12 -65.87 -16.82
CA ASP F 90 -38.65 -65.94 -15.45
C ASP F 90 -39.80 -65.65 -14.49
N GLY F 91 -39.62 -66.00 -13.22
CA GLY F 91 -40.65 -65.80 -12.19
C GLY F 91 -40.89 -64.36 -11.78
N SER F 92 -40.35 -63.42 -12.55
CA SER F 92 -40.52 -61.98 -12.31
C SER F 92 -41.45 -61.33 -13.33
N GLY F 93 -41.79 -62.09 -14.38
CA GLY F 93 -42.67 -61.61 -15.44
C GLY F 93 -41.92 -61.21 -16.71
N ASN F 94 -40.62 -61.52 -16.75
CA ASN F 94 -39.77 -61.21 -17.89
C ASN F 94 -39.97 -62.21 -19.02
N GLY F 95 -40.08 -61.70 -20.25
CA GLY F 95 -40.29 -62.54 -21.43
C GLY F 95 -39.19 -62.39 -22.46
N TRP F 96 -38.20 -63.28 -22.39
CA TRP F 96 -37.06 -63.26 -23.32
C TRP F 96 -37.37 -63.99 -24.63
N THR F 97 -36.93 -63.39 -25.74
CA THR F 97 -37.11 -63.98 -27.06
C THR F 97 -35.79 -64.51 -27.59
N VAL F 98 -35.59 -65.83 -27.45
CA VAL F 98 -34.35 -66.49 -27.86
C VAL F 98 -34.34 -66.73 -29.37
N PHE F 99 -33.23 -66.40 -30.01
CA PHE F 99 -33.07 -66.60 -31.46
C PHE F 99 -31.84 -67.42 -31.85
N GLN F 100 -31.05 -67.81 -30.86
CA GLN F 100 -29.84 -68.63 -31.08
C GLN F 100 -29.51 -69.48 -29.84
N LYS F 101 -29.15 -70.74 -30.07
CA LYS F 101 -28.88 -71.65 -28.99
C LYS F 101 -27.91 -72.73 -29.41
N ARG F 102 -27.11 -73.21 -28.50
CA ARG F 102 -26.13 -74.14 -28.90
C ARG F 102 -25.83 -74.79 -27.65
N LEU F 103 -25.84 -76.09 -27.71
CA LEU F 103 -25.57 -76.83 -26.53
C LEU F 103 -25.07 -78.17 -26.91
N ASP F 104 -25.17 -78.61 -28.15
CA ASP F 104 -24.46 -79.85 -28.26
C ASP F 104 -23.87 -80.20 -29.59
N GLY F 105 -24.05 -79.33 -30.55
CA GLY F 105 -23.41 -79.49 -31.86
C GLY F 105 -24.08 -80.52 -32.77
N SER F 106 -25.41 -80.62 -32.67
CA SER F 106 -26.18 -81.53 -33.51
C SER F 106 -26.51 -80.91 -34.87
N VAL F 107 -26.91 -79.64 -34.85
CA VAL F 107 -27.26 -78.92 -36.07
C VAL F 107 -26.05 -78.21 -36.65
N ASP F 108 -25.76 -78.47 -37.92
CA ASP F 108 -24.66 -77.84 -38.63
C ASP F 108 -24.97 -76.39 -38.95
N PHE F 109 -23.98 -75.51 -38.73
CA PHE F 109 -24.16 -74.07 -38.95
C PHE F 109 -23.32 -73.54 -40.13
N LYS F 110 -23.11 -74.39 -41.13
CA LYS F 110 -22.47 -74.00 -42.38
C LYS F 110 -23.55 -73.82 -43.45
N LYS F 111 -24.51 -72.95 -43.15
CA LYS F 111 -25.69 -72.75 -44.00
C LYS F 111 -25.58 -71.49 -44.86
N ASN F 112 -26.39 -71.43 -45.92
CA ASN F 112 -26.35 -70.33 -46.89
C ASN F 112 -27.15 -69.10 -46.46
N TRP F 113 -27.28 -68.14 -47.37
CA TRP F 113 -27.99 -66.88 -47.13
C TRP F 113 -29.48 -67.08 -46.88
N ILE F 114 -30.11 -67.92 -47.70
CA ILE F 114 -31.55 -68.19 -47.60
C ILE F 114 -31.87 -68.96 -46.32
N GLN F 115 -30.99 -69.89 -45.95
CA GLN F 115 -31.17 -70.70 -44.74
C GLN F 115 -31.01 -69.87 -43.47
N TYR F 116 -30.10 -68.89 -43.49
CA TYR F 116 -29.92 -67.97 -42.37
C TYR F 116 -30.99 -66.87 -42.33
N LYS F 117 -31.60 -66.61 -43.48
CA LYS F 117 -32.68 -65.62 -43.59
C LYS F 117 -33.98 -66.15 -42.99
N GLU F 118 -34.36 -67.36 -43.40
CA GLU F 118 -35.62 -67.98 -42.97
C GLU F 118 -35.49 -68.68 -41.63
N GLY F 119 -34.36 -69.35 -41.42
CA GLY F 119 -34.09 -70.05 -40.16
C GLY F 119 -33.86 -71.53 -40.32
N PHE F 120 -33.08 -72.10 -39.40
CA PHE F 120 -32.81 -73.54 -39.38
C PHE F 120 -32.59 -74.06 -37.97
N GLY F 121 -32.66 -75.39 -37.81
CA GLY F 121 -32.55 -76.01 -36.50
C GLY F 121 -33.89 -76.51 -36.00
N HIS F 122 -34.02 -76.65 -34.68
CA HIS F 122 -35.25 -77.13 -34.07
C HIS F 122 -35.60 -76.38 -32.79
N LEU F 123 -36.90 -76.31 -32.50
CA LEU F 123 -37.41 -75.62 -31.32
C LEU F 123 -38.08 -76.60 -30.35
N SER F 124 -37.66 -76.56 -29.09
CA SER F 124 -38.19 -77.44 -28.06
C SER F 124 -38.75 -76.64 -26.88
N PRO F 125 -39.82 -77.16 -26.22
CA PRO F 125 -40.39 -76.50 -25.05
C PRO F 125 -39.44 -76.47 -23.85
N THR F 126 -38.58 -77.47 -23.75
CA THR F 126 -37.58 -77.54 -22.68
C THR F 126 -36.39 -76.62 -22.95
N GLY F 127 -36.17 -76.31 -24.23
CA GLY F 127 -35.04 -75.46 -24.64
C GLY F 127 -33.75 -76.23 -24.70
N THR F 128 -33.77 -77.38 -25.36
CA THR F 128 -32.60 -78.27 -25.45
C THR F 128 -32.23 -78.62 -26.90
N THR F 129 -32.73 -77.82 -27.85
CA THR F 129 -32.47 -78.05 -29.27
C THR F 129 -31.79 -76.85 -29.93
N GLU F 130 -30.83 -77.14 -30.80
CA GLU F 130 -30.06 -76.10 -31.50
C GLU F 130 -30.89 -75.43 -32.58
N PHE F 131 -30.81 -74.10 -32.67
CA PHE F 131 -31.54 -73.34 -33.68
C PHE F 131 -31.01 -71.92 -33.92
N TRP F 132 -31.18 -71.47 -35.16
CA TRP F 132 -31.05 -70.07 -35.52
C TRP F 132 -32.40 -69.64 -36.10
N LEU F 133 -33.02 -68.66 -35.46
CA LEU F 133 -34.40 -68.26 -35.77
C LEU F 133 -34.57 -67.75 -37.20
N GLY F 134 -33.61 -66.97 -37.69
CA GLY F 134 -33.66 -66.43 -39.04
C GLY F 134 -33.58 -64.91 -39.06
N ASN F 135 -32.65 -64.40 -39.85
CA ASN F 135 -32.38 -62.96 -39.96
C ASN F 135 -33.62 -62.09 -40.20
N GLU F 136 -34.52 -62.57 -41.06
CA GLU F 136 -35.76 -61.85 -41.38
C GLU F 136 -36.69 -61.77 -40.17
N LYS F 137 -36.74 -62.84 -39.38
CA LYS F 137 -37.58 -62.90 -38.20
C LYS F 137 -37.07 -62.00 -37.08
N ILE F 138 -35.75 -62.01 -36.85
CA ILE F 138 -35.11 -61.18 -35.82
C ILE F 138 -35.27 -59.69 -36.14
N HIS F 139 -35.17 -59.35 -37.43
CA HIS F 139 -35.36 -57.97 -37.90
C HIS F 139 -36.77 -57.46 -37.62
N LEU F 140 -37.77 -58.30 -37.85
CA LEU F 140 -39.18 -57.95 -37.65
C LEU F 140 -39.54 -57.72 -36.18
N ILE F 141 -38.90 -58.47 -35.28
CA ILE F 141 -39.12 -58.33 -33.84
C ILE F 141 -38.41 -57.07 -33.31
N SER F 142 -37.14 -56.93 -33.65
CA SER F 142 -36.30 -55.83 -33.13
C SER F 142 -36.77 -54.44 -33.57
N THR F 143 -37.23 -54.33 -34.82
CA THR F 143 -37.64 -53.04 -35.39
C THR F 143 -39.16 -52.82 -35.27
N GLN F 144 -39.70 -53.10 -34.09
CA GLN F 144 -41.13 -52.92 -33.83
C GLN F 144 -41.51 -51.52 -33.35
N SER F 145 -40.68 -50.54 -33.74
CA SER F 145 -40.90 -49.11 -33.43
C SER F 145 -40.84 -48.78 -31.93
N ALA F 146 -40.91 -47.48 -31.63
CA ALA F 146 -40.94 -46.95 -30.27
C ALA F 146 -39.85 -47.51 -29.34
N ILE F 147 -40.16 -48.58 -28.63
CA ILE F 147 -39.26 -49.16 -27.63
C ILE F 147 -38.24 -50.10 -28.29
N PRO F 148 -36.94 -49.80 -28.11
CA PRO F 148 -35.85 -50.65 -28.61
C PRO F 148 -35.66 -51.91 -27.77
N TYR F 149 -34.86 -52.85 -28.28
CA TYR F 149 -34.64 -54.15 -27.64
C TYR F 149 -33.25 -54.27 -27.02
N ALA F 150 -33.14 -55.11 -26.00
CA ALA F 150 -31.88 -55.37 -25.32
C ALA F 150 -31.41 -56.80 -25.57
N LEU F 151 -30.19 -56.94 -26.08
CA LEU F 151 -29.59 -58.24 -26.36
C LEU F 151 -28.84 -58.76 -25.13
N ARG F 152 -29.02 -60.04 -24.84
CA ARG F 152 -28.25 -60.71 -23.79
C ARG F 152 -27.56 -61.97 -24.33
N VAL F 153 -26.23 -61.91 -24.39
CA VAL F 153 -25.42 -63.05 -24.81
C VAL F 153 -25.06 -63.86 -23.56
N GLU F 154 -25.61 -65.07 -23.47
CA GLU F 154 -25.38 -65.95 -22.33
C GLU F 154 -24.43 -67.08 -22.73
N LEU F 155 -23.32 -67.20 -22.01
CA LEU F 155 -22.28 -68.17 -22.35
C LEU F 155 -22.03 -69.17 -21.22
N GLU F 156 -21.47 -70.33 -21.59
CA GLU F 156 -21.07 -71.36 -20.63
C GLU F 156 -19.92 -72.19 -21.19
N ASP F 157 -18.86 -72.32 -20.39
CA ASP F 157 -17.71 -73.14 -20.76
C ASP F 157 -17.92 -74.62 -20.41
N TRP F 158 -16.88 -75.44 -20.61
CA TRP F 158 -16.95 -76.87 -20.34
C TRP F 158 -16.55 -77.21 -18.90
N ASN F 159 -16.50 -76.20 -18.05
CA ASN F 159 -16.19 -76.37 -16.63
C ASN F 159 -17.40 -76.14 -15.73
N GLY F 160 -18.33 -75.30 -16.19
CA GLY F 160 -19.54 -74.99 -15.45
C GLY F 160 -19.78 -73.51 -15.23
N ARG F 161 -18.74 -72.70 -15.48
CA ARG F 161 -18.82 -71.26 -15.29
C ARG F 161 -19.62 -70.57 -16.41
N THR F 162 -20.49 -69.65 -16.01
CA THR F 162 -21.36 -68.93 -16.94
C THR F 162 -21.05 -67.43 -16.95
N SER F 163 -21.21 -66.82 -18.13
CA SER F 163 -20.98 -65.38 -18.30
C SER F 163 -22.05 -64.74 -19.18
N THR F 164 -22.44 -63.52 -18.82
CA THR F 164 -23.46 -62.77 -19.56
C THR F 164 -22.91 -61.50 -20.19
N ALA F 165 -23.49 -61.10 -21.32
CA ALA F 165 -23.11 -59.88 -22.01
C ALA F 165 -24.34 -59.13 -22.52
N ASP F 166 -24.59 -57.95 -21.96
CA ASP F 166 -25.77 -57.16 -22.29
C ASP F 166 -25.46 -56.05 -23.28
N TYR F 167 -26.32 -55.92 -24.29
CA TYR F 167 -26.18 -54.87 -25.31
C TYR F 167 -27.48 -54.09 -25.47
N ALA F 168 -27.38 -52.78 -25.33
CA ALA F 168 -28.54 -51.89 -25.39
C ALA F 168 -28.83 -51.42 -26.82
N MET F 169 -30.12 -51.17 -27.09
CA MET F 169 -30.60 -50.69 -28.38
C MET F 169 -30.24 -51.62 -29.54
N PHE F 170 -30.35 -52.93 -29.29
CA PHE F 170 -30.06 -53.97 -30.28
C PHE F 170 -31.03 -53.90 -31.46
N LYS F 171 -30.49 -53.90 -32.66
CA LYS F 171 -31.29 -53.76 -33.88
C LYS F 171 -30.66 -54.49 -35.06
N VAL F 172 -31.47 -55.31 -35.73
CA VAL F 172 -31.06 -55.96 -36.97
C VAL F 172 -31.74 -55.27 -38.14
N GLY F 173 -30.95 -54.78 -39.09
CA GLY F 173 -31.46 -54.07 -40.26
C GLY F 173 -32.20 -54.96 -41.25
N PRO F 174 -32.81 -54.35 -42.28
CA PRO F 174 -33.54 -55.10 -43.31
C PRO F 174 -32.62 -55.88 -44.24
N GLU F 175 -33.21 -56.70 -45.13
CA GLU F 175 -32.45 -57.48 -46.11
C GLU F 175 -31.73 -56.59 -47.12
N ALA F 176 -32.30 -55.41 -47.38
CA ALA F 176 -31.71 -54.42 -48.28
C ALA F 176 -30.40 -53.87 -47.73
N ASP F 177 -30.29 -53.80 -46.40
CA ASP F 177 -29.06 -53.37 -45.73
C ASP F 177 -28.23 -54.58 -45.31
N LYS F 178 -28.58 -55.76 -45.84
CA LYS F 178 -27.91 -57.03 -45.58
C LYS F 178 -27.85 -57.41 -44.10
N TYR F 179 -28.95 -57.13 -43.40
CA TYR F 179 -29.11 -57.41 -41.96
C TYR F 179 -27.94 -56.87 -41.11
N ARG F 180 -27.95 -55.57 -40.90
CA ARG F 180 -26.87 -54.89 -40.17
C ARG F 180 -27.07 -54.96 -38.66
N LEU F 181 -26.04 -55.43 -37.96
CA LEU F 181 -26.04 -55.48 -36.50
C LEU F 181 -25.70 -54.11 -35.92
N THR F 182 -26.66 -53.51 -35.23
CA THR F 182 -26.49 -52.18 -34.65
C THR F 182 -26.94 -52.09 -33.20
N TYR F 183 -26.13 -51.42 -32.38
CA TYR F 183 -26.45 -51.16 -30.98
C TYR F 183 -25.78 -49.84 -30.54
N ALA F 184 -26.39 -49.17 -29.56
CA ALA F 184 -25.87 -47.89 -29.07
C ALA F 184 -24.65 -48.06 -28.16
N TYR F 185 -24.82 -48.81 -27.07
CA TYR F 185 -23.75 -49.01 -26.09
C TYR F 185 -23.77 -50.40 -25.45
N PHE F 186 -22.60 -50.80 -24.93
CA PHE F 186 -22.44 -52.04 -24.17
C PHE F 186 -22.95 -51.84 -22.75
N ALA F 187 -23.95 -52.62 -22.36
CA ALA F 187 -24.64 -52.44 -21.09
C ALA F 187 -24.11 -53.31 -19.95
N GLY F 188 -22.80 -53.57 -19.96
CA GLY F 188 -22.15 -54.34 -18.90
C GLY F 188 -22.22 -55.84 -19.08
N GLY F 189 -21.49 -56.55 -18.22
CA GLY F 189 -21.43 -58.01 -18.27
C GLY F 189 -20.03 -58.54 -18.05
N ASP F 190 -19.93 -59.69 -17.40
CA ASP F 190 -18.63 -60.32 -17.08
C ASP F 190 -17.98 -61.00 -18.28
N ALA F 191 -18.76 -61.24 -19.33
CA ALA F 191 -18.25 -61.82 -20.57
C ALA F 191 -17.38 -60.83 -21.35
N GLY F 192 -17.72 -59.55 -21.25
CA GLY F 192 -16.95 -58.49 -21.90
C GLY F 192 -17.53 -58.06 -23.23
N ASP F 193 -17.10 -56.89 -23.69
CA ASP F 193 -17.56 -56.32 -24.95
C ASP F 193 -16.73 -56.83 -26.13
N ALA F 194 -17.20 -57.92 -26.75
CA ALA F 194 -16.51 -58.53 -27.88
C ALA F 194 -16.96 -57.95 -29.22
N PHE F 195 -18.14 -57.34 -29.24
CA PHE F 195 -18.65 -56.67 -30.45
C PHE F 195 -17.92 -55.36 -30.74
N ASP F 196 -17.13 -54.90 -29.77
CA ASP F 196 -16.28 -53.72 -29.94
C ASP F 196 -14.94 -54.09 -30.54
N GLY F 197 -14.59 -55.38 -30.44
CA GLY F 197 -13.31 -55.88 -30.93
C GLY F 197 -12.39 -56.29 -29.81
N PHE F 198 -11.27 -56.92 -30.18
CA PHE F 198 -10.28 -57.39 -29.19
C PHE F 198 -8.86 -57.20 -29.70
N ASP F 199 -7.97 -56.80 -28.80
CA ASP F 199 -6.55 -56.67 -29.10
C ASP F 199 -5.88 -58.04 -29.04
N PHE F 200 -5.82 -58.70 -30.20
CA PHE F 200 -5.26 -60.06 -30.30
C PHE F 200 -3.74 -60.08 -30.19
N GLY F 201 -3.08 -59.08 -30.77
CA GLY F 201 -1.62 -58.96 -30.70
C GLY F 201 -0.89 -59.14 -32.01
N ASP F 202 -1.60 -59.60 -33.03
CA ASP F 202 -1.04 -59.80 -34.37
C ASP F 202 -0.73 -58.48 -35.06
N ASP F 203 -1.61 -57.49 -34.84
CA ASP F 203 -1.47 -56.16 -35.43
C ASP F 203 -2.16 -55.13 -34.52
N PRO F 204 -1.65 -53.88 -34.49
CA PRO F 204 -2.32 -52.81 -33.75
C PRO F 204 -3.75 -52.51 -34.22
N SER F 205 -4.09 -52.95 -35.43
CA SER F 205 -5.42 -52.71 -36.01
C SER F 205 -6.37 -53.90 -35.83
N ASP F 206 -6.00 -54.84 -34.97
CA ASP F 206 -6.84 -56.01 -34.67
C ASP F 206 -8.16 -55.61 -34.01
N LYS F 207 -8.10 -54.63 -33.12
CA LYS F 207 -9.28 -54.11 -32.42
C LYS F 207 -10.30 -53.52 -33.40
N PHE F 208 -9.80 -52.83 -34.42
CA PHE F 208 -10.63 -52.20 -35.45
C PHE F 208 -11.22 -53.24 -36.42
N PHE F 209 -10.45 -54.29 -36.69
CA PHE F 209 -10.86 -55.31 -37.65
C PHE F 209 -11.44 -56.58 -37.01
N THR F 210 -12.06 -56.42 -35.84
CA THR F 210 -12.77 -57.51 -35.17
C THR F 210 -14.09 -57.04 -34.57
N SER F 211 -14.36 -55.74 -34.68
CA SER F 211 -15.59 -55.13 -34.19
C SER F 211 -16.80 -55.54 -35.02
N HIS F 212 -17.92 -55.80 -34.35
CA HIS F 212 -19.15 -56.24 -35.01
C HIS F 212 -20.23 -55.14 -35.04
N LYS F 213 -19.91 -53.99 -34.44
CA LYS F 213 -20.83 -52.86 -34.38
C LYS F 213 -21.00 -52.20 -35.75
N GLY F 214 -22.25 -52.11 -36.21
CA GLY F 214 -22.58 -51.49 -37.48
C GLY F 214 -22.18 -52.31 -38.70
N MET F 215 -22.10 -53.63 -38.53
CA MET F 215 -21.62 -54.52 -39.59
C MET F 215 -22.73 -55.39 -40.17
N GLN F 216 -22.62 -55.68 -41.47
CA GLN F 216 -23.62 -56.46 -42.20
C GLN F 216 -23.45 -57.96 -42.02
N PHE F 217 -24.55 -58.70 -42.14
CA PHE F 217 -24.54 -60.16 -42.06
C PHE F 217 -23.99 -60.77 -43.34
N SER F 218 -23.24 -61.86 -43.21
CA SER F 218 -22.59 -62.50 -44.36
C SER F 218 -22.55 -64.02 -44.26
N THR F 219 -22.80 -64.68 -45.40
CA THR F 219 -22.69 -66.13 -45.52
C THR F 219 -21.65 -66.48 -46.60
N TRP F 220 -21.50 -67.77 -46.90
CA TRP F 220 -20.53 -68.24 -47.89
C TRP F 220 -20.88 -67.82 -49.31
N ASP F 221 -22.18 -67.75 -49.61
CA ASP F 221 -22.66 -67.37 -50.94
C ASP F 221 -22.98 -65.88 -51.04
N ASN F 222 -22.96 -65.19 -49.90
CA ASN F 222 -23.24 -63.76 -49.85
C ASN F 222 -22.19 -63.01 -49.04
N ASP F 223 -21.18 -62.50 -49.74
CA ASP F 223 -20.04 -61.83 -49.12
C ASP F 223 -20.36 -60.37 -48.80
N ASN F 224 -20.17 -60.00 -47.53
CA ASN F 224 -20.42 -58.63 -47.06
C ASN F 224 -19.38 -58.14 -46.05
N ASP F 225 -18.28 -58.89 -45.89
CA ASP F 225 -17.23 -58.57 -44.92
C ASP F 225 -16.26 -57.49 -45.43
N LYS F 226 -15.32 -57.12 -44.56
CA LYS F 226 -14.28 -56.15 -44.91
C LYS F 226 -12.94 -56.83 -45.22
N PHE F 227 -13.02 -58.04 -45.78
CA PHE F 227 -11.86 -58.83 -46.14
C PHE F 227 -11.85 -59.13 -47.64
N GLU F 228 -10.66 -59.24 -48.21
CA GLU F 228 -10.47 -59.49 -49.65
C GLU F 228 -11.15 -60.78 -50.11
N GLY F 229 -10.98 -61.84 -49.32
CA GLY F 229 -11.63 -63.13 -49.59
C GLY F 229 -12.97 -63.24 -48.89
N ASN F 230 -13.25 -64.43 -48.35
CA ASN F 230 -14.51 -64.69 -47.67
C ASN F 230 -14.27 -65.21 -46.25
N CYS F 231 -14.63 -64.40 -45.27
CA CYS F 231 -14.47 -64.78 -43.87
C CYS F 231 -15.58 -65.70 -43.41
N ALA F 232 -16.66 -65.77 -44.19
CA ALA F 232 -17.80 -66.62 -43.87
C ALA F 232 -17.65 -68.00 -44.49
N GLU F 233 -16.64 -68.15 -45.35
CA GLU F 233 -16.39 -69.42 -46.02
C GLU F 233 -15.31 -70.23 -45.29
N GLN F 234 -14.09 -69.73 -45.31
CA GLN F 234 -12.97 -70.39 -44.64
C GLN F 234 -13.30 -70.71 -43.19
N ASP F 235 -14.21 -69.94 -42.61
CA ASP F 235 -14.61 -70.14 -41.23
C ASP F 235 -15.85 -71.02 -41.14
N GLY F 236 -16.59 -71.12 -42.25
CA GLY F 236 -17.79 -71.93 -42.30
C GLY F 236 -18.81 -71.52 -41.25
N SER F 237 -19.70 -70.60 -41.63
CA SER F 237 -20.74 -70.12 -40.72
C SER F 237 -21.24 -68.74 -41.14
N GLY F 238 -22.47 -68.43 -40.75
CA GLY F 238 -23.07 -67.14 -41.08
C GLY F 238 -23.09 -66.20 -39.90
N TRP F 239 -22.22 -65.18 -39.94
CA TRP F 239 -22.14 -64.19 -38.87
C TRP F 239 -21.66 -62.85 -39.39
N TRP F 240 -22.02 -61.78 -38.69
CA TRP F 240 -21.63 -60.44 -39.09
C TRP F 240 -20.11 -60.30 -39.13
N MET F 241 -19.48 -61.07 -40.02
CA MET F 241 -18.03 -61.04 -40.17
C MET F 241 -17.53 -59.61 -40.33
N ASN F 242 -16.22 -59.43 -40.14
CA ASN F 242 -15.60 -58.11 -40.28
C ASN F 242 -14.22 -58.18 -40.90
N LYS F 243 -13.40 -59.12 -40.42
CA LYS F 243 -12.05 -59.29 -40.94
C LYS F 243 -11.09 -59.72 -39.83
N CYS F 244 -11.50 -60.71 -39.06
CA CYS F 244 -12.79 -61.36 -39.25
C CYS F 244 -13.70 -61.14 -38.05
N HIS F 245 -13.52 -61.94 -37.01
CA HIS F 245 -14.30 -61.83 -35.81
C HIS F 245 -13.50 -61.83 -34.57
N ALA F 246 -14.20 -61.48 -33.52
CA ALA F 246 -13.72 -61.61 -32.14
C ALA F 246 -14.73 -62.44 -31.34
N GLY F 247 -16.01 -62.25 -31.68
CA GLY F 247 -17.11 -63.05 -31.14
C GLY F 247 -17.77 -63.82 -32.26
N HIS F 248 -17.72 -65.15 -32.18
CA HIS F 248 -18.15 -66.02 -33.28
C HIS F 248 -19.09 -67.11 -32.75
N LEU F 249 -20.31 -66.71 -32.42
CA LEU F 249 -21.27 -67.59 -31.75
C LEU F 249 -21.95 -68.61 -32.65
N ASN F 250 -21.91 -68.38 -33.96
CA ASN F 250 -22.45 -69.32 -34.95
C ASN F 250 -21.37 -70.22 -35.55
N GLY F 251 -20.25 -70.34 -34.85
CA GLY F 251 -19.09 -71.10 -35.34
C GLY F 251 -19.21 -72.61 -35.25
N VAL F 252 -18.08 -73.28 -35.46
CA VAL F 252 -18.01 -74.75 -35.42
C VAL F 252 -17.95 -75.23 -33.97
N TYR F 253 -18.79 -76.21 -33.64
CA TYR F 253 -18.83 -76.77 -32.29
C TYR F 253 -17.69 -77.75 -32.05
N TYR F 254 -16.80 -77.38 -31.14
CA TYR F 254 -15.68 -78.25 -30.75
C TYR F 254 -15.93 -78.89 -29.39
N GLN F 255 -15.42 -80.11 -29.22
CA GLN F 255 -15.65 -80.89 -28.00
C GLN F 255 -14.55 -80.66 -26.96
N GLY F 256 -14.97 -80.35 -25.74
CA GLY F 256 -14.03 -80.11 -24.64
C GLY F 256 -13.69 -78.64 -24.43
N GLY F 257 -13.74 -77.87 -25.51
CA GLY F 257 -13.45 -76.44 -25.47
C GLY F 257 -12.21 -76.08 -26.25
N THR F 258 -11.07 -76.55 -25.78
CA THR F 258 -9.77 -76.25 -26.41
C THR F 258 -9.59 -76.97 -27.74
N TYR F 259 -9.23 -76.20 -28.76
CA TYR F 259 -8.91 -76.74 -30.08
C TYR F 259 -7.69 -76.03 -30.67
N SER F 260 -6.79 -76.81 -31.26
CA SER F 260 -5.53 -76.29 -31.78
C SER F 260 -5.67 -75.68 -33.18
N LYS F 261 -4.58 -75.06 -33.65
CA LYS F 261 -4.51 -74.48 -34.99
C LYS F 261 -4.50 -75.57 -36.07
N ALA F 262 -3.97 -76.74 -35.71
CA ALA F 262 -3.91 -77.88 -36.62
C ALA F 262 -5.25 -78.62 -36.72
N SER F 263 -6.10 -78.44 -35.71
CA SER F 263 -7.41 -79.09 -35.65
C SER F 263 -8.43 -78.46 -36.60
N THR F 264 -8.17 -77.22 -37.01
CA THR F 264 -9.07 -76.47 -37.89
C THR F 264 -8.54 -76.36 -39.32
N PRO F 265 -9.42 -76.49 -40.32
CA PRO F 265 -9.05 -76.28 -41.73
C PRO F 265 -8.72 -74.80 -42.01
N ASN F 266 -7.96 -74.57 -43.08
CA ASN F 266 -7.51 -73.22 -43.47
C ASN F 266 -6.48 -72.58 -42.54
N GLY F 267 -6.53 -72.96 -41.25
CA GLY F 267 -5.59 -72.46 -40.26
C GLY F 267 -6.07 -71.23 -39.52
N TYR F 268 -7.38 -71.15 -39.29
CA TYR F 268 -7.99 -70.01 -38.58
C TYR F 268 -9.03 -70.48 -37.56
N ASP F 269 -9.17 -69.70 -36.48
CA ASP F 269 -10.10 -70.01 -35.40
C ASP F 269 -11.55 -70.13 -35.87
N ASN F 270 -12.17 -71.26 -35.54
CA ASN F 270 -13.52 -71.59 -36.00
C ASN F 270 -14.57 -71.68 -34.90
N GLY F 271 -14.13 -72.08 -33.70
CA GLY F 271 -15.03 -72.36 -32.58
C GLY F 271 -15.88 -71.21 -32.09
N ILE F 272 -16.89 -71.54 -31.28
CA ILE F 272 -17.75 -70.56 -30.65
C ILE F 272 -16.92 -69.77 -29.63
N ILE F 273 -16.42 -68.62 -30.07
CA ILE F 273 -15.49 -67.83 -29.25
C ILE F 273 -16.07 -66.50 -28.76
N TRP F 274 -15.50 -66.02 -27.66
CA TRP F 274 -15.81 -64.70 -27.12
C TRP F 274 -14.51 -64.17 -26.52
N ALA F 275 -13.72 -63.50 -27.36
CA ALA F 275 -12.33 -63.12 -27.06
C ALA F 275 -12.12 -62.36 -25.75
N THR F 276 -13.15 -61.64 -25.31
CA THR F 276 -13.08 -60.85 -24.07
C THR F 276 -13.21 -61.71 -22.81
N TRP F 277 -13.63 -62.96 -22.98
CA TRP F 277 -13.81 -63.88 -21.86
C TRP F 277 -12.82 -65.05 -21.90
N LYS F 278 -12.65 -65.64 -23.09
CA LYS F 278 -11.74 -66.76 -23.29
C LYS F 278 -10.78 -66.49 -24.46
N THR F 279 -9.82 -67.40 -24.66
CA THR F 279 -8.89 -67.32 -25.78
C THR F 279 -9.57 -67.66 -27.10
N ARG F 280 -8.93 -67.29 -28.21
CA ARG F 280 -9.47 -67.55 -29.56
C ARG F 280 -9.51 -69.03 -29.92
N TRP F 281 -8.82 -69.85 -29.12
CA TRP F 281 -8.76 -71.29 -29.35
C TRP F 281 -9.61 -72.07 -28.34
N TYR F 282 -10.69 -71.45 -27.88
CA TYR F 282 -11.60 -72.08 -26.92
C TYR F 282 -13.07 -71.91 -27.35
N SER F 283 -13.72 -73.03 -27.62
CA SER F 283 -15.13 -73.04 -28.01
C SER F 283 -16.04 -73.23 -26.81
N MET F 284 -17.19 -72.56 -26.83
CA MET F 284 -18.15 -72.60 -25.72
C MET F 284 -19.01 -73.85 -25.77
N LYS F 285 -19.39 -74.35 -24.59
CA LYS F 285 -20.29 -75.48 -24.47
C LYS F 285 -21.74 -75.06 -24.71
N LYS F 286 -22.14 -73.96 -24.07
CA LYS F 286 -23.49 -73.41 -24.23
C LYS F 286 -23.46 -71.91 -24.54
N THR F 287 -24.31 -71.51 -25.49
CA THR F 287 -24.40 -70.12 -25.94
C THR F 287 -25.85 -69.78 -26.25
N THR F 288 -26.32 -68.65 -25.71
CA THR F 288 -27.71 -68.22 -25.87
C THR F 288 -27.79 -66.75 -26.27
N MET F 289 -28.53 -66.48 -27.34
CA MET F 289 -28.80 -65.12 -27.78
C MET F 289 -30.30 -64.82 -27.67
N LYS F 290 -30.65 -63.94 -26.74
CA LYS F 290 -32.05 -63.62 -26.46
C LYS F 290 -32.29 -62.12 -26.35
N ILE F 291 -33.49 -61.68 -26.75
CA ILE F 291 -33.85 -60.27 -26.75
C ILE F 291 -35.11 -59.95 -25.93
N ILE F 292 -35.09 -58.78 -25.30
CA ILE F 292 -36.23 -58.29 -24.51
C ILE F 292 -36.35 -56.77 -24.70
N PRO F 293 -37.59 -56.24 -24.69
CA PRO F 293 -37.78 -54.78 -24.69
C PRO F 293 -37.03 -54.11 -23.55
N PHE F 294 -36.34 -53.02 -23.85
CA PHE F 294 -35.42 -52.36 -22.90
C PHE F 294 -36.11 -51.75 -21.68
N ASN F 295 -37.37 -51.34 -21.85
CA ASN F 295 -38.16 -50.78 -20.75
C ASN F 295 -38.45 -51.79 -19.63
N ARG F 296 -38.36 -53.07 -19.98
CA ARG F 296 -38.65 -54.16 -19.04
C ARG F 296 -37.42 -54.56 -18.22
N LEU F 297 -36.24 -54.43 -18.81
CA LEU F 297 -34.98 -54.88 -18.21
C LEU F 297 -34.89 -54.58 -16.71
N THR F 298 -35.01 -53.29 -16.35
CA THR F 298 -35.05 -52.86 -14.95
C THR F 298 -35.74 -51.50 -14.82
N ILE F 299 -36.26 -51.22 -13.64
CA ILE F 299 -36.91 -49.93 -13.33
C ILE F 299 -35.93 -48.77 -13.35
N GLY G 1 78.81 109.33 42.60
CA GLY G 1 79.59 110.43 43.23
C GLY G 1 80.00 111.48 42.22
N PRO G 2 81.15 112.14 42.47
CA PRO G 2 81.66 113.15 41.52
C PRO G 2 82.32 112.52 40.31
N ARG G 3 82.44 113.29 39.23
CA ARG G 3 83.07 112.81 37.99
C ARG G 3 84.28 113.66 37.61
N PRO G 4 85.43 113.00 37.32
CA PRO G 4 86.61 113.71 36.84
C PRO G 4 86.58 113.96 35.33
N GLY H 1 25.91 70.23 23.76
CA GLY H 1 26.04 70.07 22.28
C GLY H 1 24.77 70.41 21.52
N PRO H 2 24.64 69.91 20.28
CA PRO H 2 23.45 70.12 19.47
C PRO H 2 22.21 69.45 20.05
N ARG H 3 21.09 70.15 20.03
CA ARG H 3 19.82 69.61 20.52
C ARG H 3 18.81 69.49 19.37
N PRO H 4 18.76 68.30 18.73
CA PRO H 4 17.86 68.08 17.61
C PRO H 4 16.41 67.89 18.05
N GLY I 1 -10.68 -64.54 -36.07
CA GLY I 1 -9.50 -63.72 -35.68
C GLY I 1 -9.13 -62.66 -36.70
N PRO I 2 -7.92 -62.07 -36.58
CA PRO I 2 -7.45 -61.06 -37.52
C PRO I 2 -7.01 -61.68 -38.85
N ARG I 3 -6.96 -60.85 -39.90
CA ARG I 3 -6.54 -61.31 -41.23
C ARG I 3 -5.45 -60.42 -41.82
N PRO I 4 -4.29 -61.02 -42.15
CA PRO I 4 -3.20 -60.30 -42.81
C PRO I 4 -3.51 -60.06 -44.29
N GLY J 1 -63.40 -104.59 -55.22
CA GLY J 1 -63.27 -104.68 -56.71
C GLY J 1 -64.56 -104.38 -57.45
N PRO J 2 -64.75 -105.01 -58.62
CA PRO J 2 -65.99 -104.83 -59.38
C PRO J 2 -67.15 -105.59 -58.75
N ARG J 3 -68.32 -104.95 -58.72
CA ARG J 3 -69.53 -105.58 -58.19
C ARG J 3 -70.71 -105.42 -59.17
N PRO J 4 -70.82 -106.36 -60.13
CA PRO J 4 -71.86 -106.32 -61.16
C PRO J 4 -73.21 -106.77 -60.62
C1 NAG K . 21.16 66.59 13.30
C2 NAG K . 20.92 66.07 11.89
C3 NAG K . 19.83 64.99 11.84
C4 NAG K . 19.94 63.96 12.98
C5 NAG K . 20.32 64.63 14.31
C6 NAG K . 20.58 63.62 15.43
C7 NAG K . 21.04 67.32 9.77
C8 NAG K . 20.52 68.51 9.00
N2 NAG K . 20.54 67.17 11.01
O3 NAG K . 19.91 64.34 10.59
O4 NAG K . 18.72 63.27 13.17
O5 NAG K . 21.43 65.48 14.16
O6 NAG K . 21.68 62.81 15.11
O7 NAG K . 21.86 66.57 9.26
C1 NAG K . 18.48 62.15 12.29
C2 NAG K . 19.27 60.90 12.71
C3 NAG K . 18.51 59.56 12.67
C4 NAG K . 17.23 59.51 11.82
C5 NAG K . 16.73 60.87 11.33
C6 NAG K . 15.22 60.87 11.13
C7 NAG K . 20.99 60.73 10.79
C8 NAG K . 20.00 60.78 9.65
N2 NAG K . 20.60 60.79 12.08
O3 NAG K . 18.17 59.20 13.99
O4 NAG K . 17.47 58.68 10.70
O5 NAG K . 17.09 61.88 12.24
O6 NAG K . 14.56 60.99 12.37
O7 NAG K . 22.17 60.64 10.50
C1 FUC K . 22.58 62.78 16.25
C2 FUC K . 23.14 61.36 16.45
C3 FUC K . 24.20 61.01 15.39
C4 FUC K . 25.21 62.14 15.19
C5 FUC K . 24.49 63.49 15.03
C6 FUC K . 25.47 64.64 14.86
O2 FUC K . 22.09 60.42 16.40
O3 FUC K . 24.86 59.82 15.77
O4 FUC K . 26.10 62.19 16.29
O5 FUC K . 23.64 63.72 16.14
C1 NAG L . -70.33 -108.91 -65.59
C2 NAG L . -69.52 -109.06 -66.86
C3 NAG L . -69.15 -110.53 -67.09
C4 NAG L . -68.61 -111.21 -65.83
C5 NAG L . -69.34 -110.79 -64.53
C6 NAG L . -68.59 -111.18 -63.25
C7 NAG L . -69.73 -107.56 -68.78
C8 NAG L . -70.60 -107.12 -69.92
N2 NAG L . -70.23 -108.52 -68.00
O3 NAG L . -68.17 -110.60 -68.11
O4 NAG L . -68.59 -112.63 -65.95
O5 NAG L . -69.56 -109.39 -64.50
O6 NAG L . -67.68 -112.24 -63.48
O7 NAG L . -68.62 -107.04 -68.61
C1 NAG L . -69.72 -113.20 -66.65
C2 NAG L . -69.35 -114.59 -67.18
C3 NAG L . -70.46 -115.65 -67.02
C4 NAG L . -71.90 -115.11 -67.06
C5 NAG L . -72.03 -113.66 -66.62
C6 NAG L . -73.31 -113.42 -65.83
C7 NAG L . -69.42 -114.10 -69.65
C8 NAG L . -68.62 -114.19 -70.91
N2 NAG L . -68.82 -114.56 -68.55
O3 NAG L . -70.27 -116.34 -65.80
O4 NAG L . -72.40 -115.26 -68.37
O5 NAG L . -70.90 -113.27 -65.87
O6 NAG L . -73.16 -113.86 -64.50
O7 NAG L . -70.57 -113.63 -69.70
C1 FUC L . -66.48 -112.04 -62.70
C2 FUC L . -65.75 -113.37 -62.51
C3 FUC L . -64.97 -113.79 -63.75
C4 FUC L . -64.15 -112.64 -64.32
C5 FUC L . -65.02 -111.38 -64.47
C6 FUC L . -64.23 -110.19 -65.00
O2 FUC L . -66.67 -114.39 -62.17
O3 FUC L . -64.13 -114.88 -63.44
O4 FUC L . -63.03 -112.38 -63.49
O5 FUC L . -65.60 -111.06 -63.22
CA CA M . 14.79 79.65 25.86
CA CA N . 74.28 115.66 29.44
CA CA O . -75.58 -96.66 -51.96
CA CA P . -14.80 -59.32 -50.05
#